data_9DE8
# 
_entry.id   9DE8 
# 
_audit_conform.dict_name       mmcif_pdbx.dic 
_audit_conform.dict_version    5.402 
_audit_conform.dict_location   http://mmcif.pdb.org/dictionaries/ascii/mmcif_pdbx.dic 
# 
loop_
_database_2.database_id 
_database_2.database_code 
_database_2.pdbx_database_accession 
_database_2.pdbx_DOI 
PDB   9DE8         pdb_00009de8 10.2210/pdb9de8/pdb 
WWPDB D_1000287924 ?            ?                   
# 
loop_
_pdbx_audit_revision_history.ordinal 
_pdbx_audit_revision_history.data_content_type 
_pdbx_audit_revision_history.major_revision 
_pdbx_audit_revision_history.minor_revision 
_pdbx_audit_revision_history.revision_date 
_pdbx_audit_revision_history.part_number 
1 'Structure model' 1 0 2025-03-12 ? 
2 'Structure model' 1 1 2025-03-19 ? 
# 
_pdbx_audit_revision_details.ordinal             1 
_pdbx_audit_revision_details.revision_ordinal    1 
_pdbx_audit_revision_details.data_content_type   'Structure model' 
_pdbx_audit_revision_details.provider            repository 
_pdbx_audit_revision_details.type                'Initial release' 
_pdbx_audit_revision_details.description         ? 
_pdbx_audit_revision_details.details             ? 
# 
_pdbx_audit_revision_group.ordinal             1 
_pdbx_audit_revision_group.revision_ordinal    2 
_pdbx_audit_revision_group.data_content_type   'Structure model' 
_pdbx_audit_revision_group.group               'Database references' 
# 
_pdbx_audit_revision_category.ordinal             1 
_pdbx_audit_revision_category.revision_ordinal    2 
_pdbx_audit_revision_category.data_content_type   'Structure model' 
_pdbx_audit_revision_category.category            citation 
# 
loop_
_pdbx_audit_revision_item.ordinal 
_pdbx_audit_revision_item.revision_ordinal 
_pdbx_audit_revision_item.data_content_type 
_pdbx_audit_revision_item.item 
1 2 'Structure model' '_citation.page_last'               
2 2 'Structure model' '_citation.pdbx_database_id_PubMed' 
3 2 'Structure model' '_citation.title'                   
# 
_pdbx_database_status.status_code                     REL 
_pdbx_database_status.status_code_sf                  REL 
_pdbx_database_status.status_code_mr                  ? 
_pdbx_database_status.entry_id                        9DE8 
_pdbx_database_status.recvd_initial_deposition_date   2024-08-28 
_pdbx_database_status.SG_entry                        N 
_pdbx_database_status.deposit_site                    RCSB 
_pdbx_database_status.process_site                    RCSB 
_pdbx_database_status.status_code_cs                  ? 
_pdbx_database_status.status_code_nmr_data            ? 
_pdbx_database_status.methods_development_category    ? 
_pdbx_database_status.pdb_format_compatible           Y 
# 
_pdbx_contact_author.id                 2 
_pdbx_contact_author.email              jinwei.zhang@nih.gov 
_pdbx_contact_author.name_first         Jinwei 
_pdbx_contact_author.name_last          Zhang 
_pdbx_contact_author.name_mi            ? 
_pdbx_contact_author.role               'principal investigator/group leader' 
_pdbx_contact_author.identifier_ORCID   0000-0002-2114-173X 
# 
loop_
_audit_author.name 
_audit_author.pdbx_ordinal 
_audit_author.identifier_ORCID 
'Bou-Nader, C.' 1 0000-0003-0955-0204 
'Zhang, J.'     2 0000-0002-2114-173X 
# 
_citation.abstract                  ? 
_citation.abstract_id_CAS           ? 
_citation.book_id_ISBN              ? 
_citation.book_publisher            ? 
_citation.book_publisher_city       ? 
_citation.book_title                ? 
_citation.coordinate_linkage        ? 
_citation.country                   UK 
_citation.database_id_Medline       ? 
_citation.details                   ? 
_citation.id                        primary 
_citation.journal_abbrev            'Nat Commun' 
_citation.journal_id_ASTM           ? 
_citation.journal_id_CSD            ? 
_citation.journal_id_ISSN           2041-1723 
_citation.journal_full              ? 
_citation.journal_issue             ? 
_citation.journal_volume            16 
_citation.language                  ? 
_citation.page_first                2252 
_citation.page_last                 2252 
_citation.title                     
'Structures of complete HIV-1 TAR RNA portray a dynamic platform poised for protein binding and structural remodeling.' 
_citation.year                      2025 
_citation.database_id_CSD           ? 
_citation.pdbx_database_id_DOI      10.1038/s41467-025-57519-w 
_citation.pdbx_database_id_PubMed   40050622 
_citation.pdbx_database_id_patent   ? 
_citation.unpublished_flag          ? 
# 
loop_
_citation_author.citation_id 
_citation_author.name 
_citation_author.ordinal 
_citation_author.identifier_ORCID 
primary 'Bou-Nader, C.' 1 ? 
primary 'Link, K.A.'    2 ? 
primary 'Suddala, K.C.' 3 ? 
primary 'Knutson, J.R.' 4 ? 
primary 'Zhang, J.'     5 ? 
# 
loop_
_entity.id 
_entity.type 
_entity.src_method 
_entity.pdbx_description 
_entity.formula_weight 
_entity.pdbx_number_of_molecules 
_entity.pdbx_ec 
_entity.pdbx_mutation 
_entity.pdbx_fragment 
_entity.details 
1 polymer     syn 'RNA (56-MER)' 18299.889 1 ? 'G16A, A17G, U31G, G32A' ? ? 
2 non-polymer syn 'CALCIUM ION'  40.078    1 ? ?                        ? ? 
3 water       nat water          18.015    7 ? ?                        ? ? 
# 
_entity_poly.entity_id                      1 
_entity_poly.type                           polyribonucleotide 
_entity_poly.nstd_linkage                   no 
_entity_poly.nstd_monomer                   no 
_entity_poly.pdbx_seq_one_letter_code       GGUCUCUCUGGUUAAGCCAGAUCUGAGCCGAAAAGCUCUCUGGCUAACUAGGGAACC 
_entity_poly.pdbx_seq_one_letter_code_can   GGUCUCUCUGGUUAAGCCAGAUCUGAGCCGAAAAGCUCUCUGGCUAACUAGGGAACC 
_entity_poly.pdbx_strand_id                 A 
_entity_poly.pdbx_target_identifier         ? 
# 
loop_
_pdbx_entity_nonpoly.entity_id 
_pdbx_entity_nonpoly.name 
_pdbx_entity_nonpoly.comp_id 
2 'CALCIUM ION' CA  
3 water         HOH 
# 
loop_
_entity_poly_seq.entity_id 
_entity_poly_seq.num 
_entity_poly_seq.mon_id 
_entity_poly_seq.hetero 
1 1  G n 
1 2  G n 
1 3  U n 
1 4  C n 
1 5  U n 
1 6  C n 
1 7  U n 
1 8  C n 
1 9  U n 
1 10 G n 
1 11 G n 
1 12 U n 
1 13 U n 
1 14 A n 
1 15 A n 
1 16 G n 
1 17 C n 
1 18 C n 
1 19 A n 
1 20 G n 
1 21 A n 
1 22 U n 
1 23 C n 
1 24 U n 
1 25 G n 
1 26 A n 
1 27 G n 
1 28 C n 
1 29 C n 
1 30 G n 
1 31 A n 
1 32 A n 
1 33 A n 
1 34 A n 
1 35 G n 
1 36 C n 
1 37 U n 
1 38 C n 
1 39 U n 
1 40 C n 
1 41 U n 
1 42 G n 
1 43 G n 
1 44 C n 
1 45 U n 
1 46 A n 
1 47 A n 
1 48 C n 
1 49 U n 
1 50 A n 
1 51 G n 
1 52 G n 
1 53 G n 
1 54 A n 
1 55 A n 
1 56 C n 
1 57 C n 
# 
_pdbx_entity_src_syn.entity_id              1 
_pdbx_entity_src_syn.pdbx_src_id            1 
_pdbx_entity_src_syn.pdbx_alt_source_flag   sample 
_pdbx_entity_src_syn.pdbx_beg_seq_num       1 
_pdbx_entity_src_syn.pdbx_end_seq_num       57 
_pdbx_entity_src_syn.organism_scientific    'Human immunodeficiency virus 1' 
_pdbx_entity_src_syn.organism_common_name   ? 
_pdbx_entity_src_syn.ncbi_taxonomy_id       11676 
_pdbx_entity_src_syn.details                ? 
# 
loop_
_chem_comp.id 
_chem_comp.type 
_chem_comp.mon_nstd_flag 
_chem_comp.name 
_chem_comp.pdbx_synonyms 
_chem_comp.formula 
_chem_comp.formula_weight 
A   'RNA linking' y "ADENOSINE-5'-MONOPHOSPHATE" ? 'C10 H14 N5 O7 P' 347.221 
C   'RNA linking' y "CYTIDINE-5'-MONOPHOSPHATE"  ? 'C9 H14 N3 O8 P'  323.197 
CA  non-polymer   . 'CALCIUM ION'                ? 'Ca 2'            40.078  
G   'RNA linking' y "GUANOSINE-5'-MONOPHOSPHATE" ? 'C10 H14 N5 O8 P' 363.221 
HOH non-polymer   . WATER                        ? 'H2 O'            18.015  
U   'RNA linking' y "URIDINE-5'-MONOPHOSPHATE"   ? 'C9 H13 N2 O9 P'  324.181 
# 
loop_
_pdbx_poly_seq_scheme.asym_id 
_pdbx_poly_seq_scheme.entity_id 
_pdbx_poly_seq_scheme.seq_id 
_pdbx_poly_seq_scheme.mon_id 
_pdbx_poly_seq_scheme.ndb_seq_num 
_pdbx_poly_seq_scheme.pdb_seq_num 
_pdbx_poly_seq_scheme.auth_seq_num 
_pdbx_poly_seq_scheme.pdb_mon_id 
_pdbx_poly_seq_scheme.auth_mon_id 
_pdbx_poly_seq_scheme.pdb_strand_id 
_pdbx_poly_seq_scheme.pdb_ins_code 
_pdbx_poly_seq_scheme.hetero 
A 1 1  G 1  2  2  G G A . n 
A 1 2  G 2  3  3  G G A . n 
A 1 3  U 3  4  4  U U A . n 
A 1 4  C 4  5  5  C C A . n 
A 1 5  U 5  6  6  U U A . n 
A 1 6  C 6  7  7  C C A . n 
A 1 7  U 7  8  8  U U A . n 
A 1 8  C 8  9  9  C C A . n 
A 1 9  U 9  10 10 U U A . n 
A 1 10 G 10 11 11 G G A . n 
A 1 11 G 11 12 12 G G A . n 
A 1 12 U 12 13 13 U U A . n 
A 1 13 U 13 14 14 U U A . n 
A 1 14 A 14 15 15 A A A . n 
A 1 15 A 15 16 16 A A A . n 
A 1 16 G 16 17 17 G G A . n 
A 1 17 C 17 18 18 C C A . n 
A 1 18 C 18 19 19 C C A . n 
A 1 19 A 19 20 20 A A A . n 
A 1 20 G 20 21 21 G G A . n 
A 1 21 A 21 22 22 A A A . n 
A 1 22 U 22 23 23 U U A . n 
A 1 23 C 23 24 24 C C A . n 
A 1 24 U 24 25 25 U U A . n 
A 1 25 G 25 26 26 G G A . n 
A 1 26 A 26 27 27 A A A . n 
A 1 27 G 27 28 28 G G A . n 
A 1 28 C 28 29 29 C C A . n 
A 1 29 C 29 30 30 C C A . n 
A 1 30 G 30 31 31 G G A . n 
A 1 31 A 31 32 32 A A A . n 
A 1 32 A 32 33 33 A A A . n 
A 1 33 A 33 34 34 A A A . n 
A 1 34 A 34 35 35 A A A . n 
A 1 35 G 35 36 36 G G A . n 
A 1 36 C 36 37 37 C C A . n 
A 1 37 U 37 38 38 U U A . n 
A 1 38 C 38 39 39 C C A . n 
A 1 39 U 39 40 40 U U A . n 
A 1 40 C 40 41 41 C C A . n 
A 1 41 U 41 42 42 U U A . n 
A 1 42 G 42 43 43 G G A . n 
A 1 43 G 43 44 44 G G A . n 
A 1 44 C 44 45 45 C C A . n 
A 1 45 U 45 46 46 U U A . n 
A 1 46 A 46 47 47 A A A . n 
A 1 47 A 47 48 48 A A A . n 
A 1 48 C 48 49 49 C C A . n 
A 1 49 U 49 50 50 U U A . n 
A 1 50 A 50 51 51 A A A . n 
A 1 51 G 51 52 52 G G A . n 
A 1 52 G 52 53 53 G G A . n 
A 1 53 G 53 54 54 G G A . n 
A 1 54 A 54 55 55 A A A . n 
A 1 55 A 55 56 56 A A A . n 
A 1 56 C 56 57 57 C C A . n 
A 1 57 C 57 58 ?  ? ? A . n 
# 
loop_
_pdbx_nonpoly_scheme.asym_id 
_pdbx_nonpoly_scheme.entity_id 
_pdbx_nonpoly_scheme.mon_id 
_pdbx_nonpoly_scheme.ndb_seq_num 
_pdbx_nonpoly_scheme.pdb_seq_num 
_pdbx_nonpoly_scheme.auth_seq_num 
_pdbx_nonpoly_scheme.pdb_mon_id 
_pdbx_nonpoly_scheme.auth_mon_id 
_pdbx_nonpoly_scheme.pdb_strand_id 
_pdbx_nonpoly_scheme.pdb_ins_code 
B 2 CA  1 101 2 CA  CA  A . 
C 3 HOH 1 201 1 HOH HOH A . 
C 3 HOH 2 202 2 HOH HOH A . 
C 3 HOH 3 203 4 HOH HOH A . 
C 3 HOH 4 204 7 HOH HOH A . 
C 3 HOH 5 205 5 HOH HOH A . 
C 3 HOH 6 206 3 HOH HOH A . 
C 3 HOH 7 207 6 HOH HOH A . 
# 
loop_
_pdbx_unobs_or_zero_occ_atoms.id 
_pdbx_unobs_or_zero_occ_atoms.PDB_model_num 
_pdbx_unobs_or_zero_occ_atoms.polymer_flag 
_pdbx_unobs_or_zero_occ_atoms.occupancy_flag 
_pdbx_unobs_or_zero_occ_atoms.auth_asym_id 
_pdbx_unobs_or_zero_occ_atoms.auth_comp_id 
_pdbx_unobs_or_zero_occ_atoms.auth_seq_id 
_pdbx_unobs_or_zero_occ_atoms.PDB_ins_code 
_pdbx_unobs_or_zero_occ_atoms.auth_atom_id 
_pdbx_unobs_or_zero_occ_atoms.label_alt_id 
_pdbx_unobs_or_zero_occ_atoms.label_asym_id 
_pdbx_unobs_or_zero_occ_atoms.label_comp_id 
_pdbx_unobs_or_zero_occ_atoms.label_seq_id 
_pdbx_unobs_or_zero_occ_atoms.label_atom_id 
1  1 Y 1 A G 2 ? N9 ? A G 1 N9 
2  1 Y 1 A G 2 ? C8 ? A G 1 C8 
3  1 Y 1 A G 2 ? N7 ? A G 1 N7 
4  1 Y 1 A G 2 ? C5 ? A G 1 C5 
5  1 Y 1 A G 2 ? C6 ? A G 1 C6 
6  1 Y 1 A G 2 ? O6 ? A G 1 O6 
7  1 Y 1 A G 2 ? N1 ? A G 1 N1 
8  1 Y 1 A G 2 ? C2 ? A G 1 C2 
9  1 Y 1 A G 2 ? N2 ? A G 1 N2 
10 1 Y 1 A G 2 ? N3 ? A G 1 N3 
11 1 Y 1 A G 2 ? C4 ? A G 1 C4 
12 1 Y 1 A C 5 ? N1 ? A C 4 N1 
13 1 Y 1 A C 5 ? C2 ? A C 4 C2 
14 1 Y 1 A C 5 ? O2 ? A C 4 O2 
15 1 Y 1 A C 5 ? N3 ? A C 4 N3 
16 1 Y 1 A C 5 ? C4 ? A C 4 C4 
17 1 Y 1 A C 5 ? N4 ? A C 4 N4 
18 1 Y 1 A C 5 ? C5 ? A C 4 C5 
19 1 Y 1 A C 5 ? C6 ? A C 4 C6 
# 
loop_
_software.citation_id 
_software.classification 
_software.compiler_name 
_software.compiler_version 
_software.contact_author 
_software.contact_author_email 
_software.date 
_software.description 
_software.dependencies 
_software.hardware 
_software.language 
_software.location 
_software.mods 
_software.name 
_software.os 
_software.os_version 
_software.type 
_software.version 
_software.pdbx_ordinal 
? refinement        ? ? ? ? ? ? ? ? ? ? ? PHENIX      ? ? ? 1.21.1_5286 1 
? 'data scaling'    ? ? ? ? ? ? ? ? ? ? ? xia2        ? ? ? .           2 
? 'data extraction' ? ? ? ? ? ? ? ? ? ? ? PDB_EXTRACT ? ? ? 3.27        3 
? 'data reduction'  ? ? ? ? ? ? ? ? ? ? ? XDS         ? ? ? .           4 
? phasing           ? ? ? ? ? ? ? ? ? ? ? PHASER      ? ? ? .           5 
# 
_cell.angle_alpha                  90.000 
_cell.angle_alpha_esd              ? 
_cell.angle_beta                   90.000 
_cell.angle_beta_esd               ? 
_cell.angle_gamma                  90.000 
_cell.angle_gamma_esd              ? 
_cell.entry_id                     9DE8 
_cell.details                      ? 
_cell.formula_units_Z              ? 
_cell.length_a                     31.588 
_cell.length_a_esd                 ? 
_cell.length_b                     47.266 
_cell.length_b_esd                 ? 
_cell.length_c                     132.729 
_cell.length_c_esd                 ? 
_cell.volume                       198167.610 
_cell.volume_esd                   ? 
_cell.Z_PDB                        4 
_cell.reciprocal_angle_alpha       ? 
_cell.reciprocal_angle_beta        ? 
_cell.reciprocal_angle_gamma       ? 
_cell.reciprocal_angle_alpha_esd   ? 
_cell.reciprocal_angle_beta_esd    ? 
_cell.reciprocal_angle_gamma_esd   ? 
_cell.reciprocal_length_a          ? 
_cell.reciprocal_length_b          ? 
_cell.reciprocal_length_c          ? 
_cell.reciprocal_length_a_esd      ? 
_cell.reciprocal_length_b_esd      ? 
_cell.reciprocal_length_c_esd      ? 
_cell.pdbx_unique_axis             ? 
_cell.pdbx_esd_method              ? 
# 
_symmetry.entry_id                         9DE8 
_symmetry.cell_setting                     ? 
_symmetry.Int_Tables_number                18 
_symmetry.space_group_name_Hall            'P 2 2ab (y,z,x)' 
_symmetry.space_group_name_H-M             'P 21 2 21' 
_symmetry.pdbx_full_space_group_name_H-M   ? 
# 
_exptl.absorpt_coefficient_mu     ? 
_exptl.absorpt_correction_T_max   ? 
_exptl.absorpt_correction_T_min   ? 
_exptl.absorpt_correction_type    ? 
_exptl.absorpt_process_details    ? 
_exptl.entry_id                   9DE8 
_exptl.crystals_number            1 
_exptl.details                    ? 
_exptl.method                     'X-RAY DIFFRACTION' 
_exptl.method_details             ? 
# 
_exptl_crystal.colour                       ? 
_exptl_crystal.density_diffrn               ? 
_exptl_crystal.density_Matthews             2.71 
_exptl_crystal.density_method               ? 
_exptl_crystal.density_percent_sol          54.57 
_exptl_crystal.description                  ? 
_exptl_crystal.F_000                        ? 
_exptl_crystal.id                           1 
_exptl_crystal.preparation                  ? 
_exptl_crystal.size_max                     ? 
_exptl_crystal.size_mid                     ? 
_exptl_crystal.size_min                     ? 
_exptl_crystal.size_rad                     ? 
_exptl_crystal.colour_lustre                ? 
_exptl_crystal.colour_modifier              ? 
_exptl_crystal.colour_primary               ? 
_exptl_crystal.density_meas                 ? 
_exptl_crystal.density_meas_esd             ? 
_exptl_crystal.density_meas_gt              ? 
_exptl_crystal.density_meas_lt              ? 
_exptl_crystal.density_meas_temp            ? 
_exptl_crystal.density_meas_temp_esd        ? 
_exptl_crystal.density_meas_temp_gt         ? 
_exptl_crystal.density_meas_temp_lt         ? 
_exptl_crystal.pdbx_crystal_image_url       ? 
_exptl_crystal.pdbx_crystal_image_format    ? 
_exptl_crystal.pdbx_mosaicity               ? 
_exptl_crystal.pdbx_mosaicity_esd           ? 
_exptl_crystal.pdbx_mosaic_method           ? 
_exptl_crystal.pdbx_mosaic_block_size       ? 
_exptl_crystal.pdbx_mosaic_block_size_esd   ? 
# 
_exptl_crystal_grow.apparatus       ? 
_exptl_crystal_grow.atmosphere      ? 
_exptl_crystal_grow.crystal_id      1 
_exptl_crystal_grow.details         ? 
_exptl_crystal_grow.method          'VAPOR DIFFUSION, HANGING DROP' 
_exptl_crystal_grow.method_ref      ? 
_exptl_crystal_grow.pH              6.5 
_exptl_crystal_grow.pressure        ? 
_exptl_crystal_grow.pressure_esd    ? 
_exptl_crystal_grow.seeding         ? 
_exptl_crystal_grow.seeding_ref     ? 
_exptl_crystal_grow.temp_details    ? 
_exptl_crystal_grow.temp_esd        ? 
_exptl_crystal_grow.time            ? 
_exptl_crystal_grow.pdbx_details    
;50 mM sodium cacodylate pH 6.5, 80 mM NaCl, 12 mM spermine and 30% v/v 2-methyl-2,4-pentanediol (MPD). Soaking with 100 mM CaCl2 for 2 hours at 20 degrees Celsius
;
_exptl_crystal_grow.pdbx_pH_range   ? 
_exptl_crystal_grow.temp            293 
# 
_diffrn.ambient_environment              ? 
_diffrn.ambient_temp                     100 
_diffrn.ambient_temp_details             ? 
_diffrn.ambient_temp_esd                 ? 
_diffrn.crystal_id                       1 
_diffrn.crystal_support                  ? 
_diffrn.crystal_treatment                ? 
_diffrn.details                          ? 
_diffrn.id                               1 
_diffrn.ambient_pressure                 ? 
_diffrn.ambient_pressure_esd             ? 
_diffrn.ambient_pressure_gt              ? 
_diffrn.ambient_pressure_lt              ? 
_diffrn.ambient_temp_gt                  ? 
_diffrn.ambient_temp_lt                  ? 
_diffrn.pdbx_serial_crystal_experiment   N 
# 
_diffrn_detector.details                      ? 
_diffrn_detector.detector                     PIXEL 
_diffrn_detector.diffrn_id                    1 
_diffrn_detector.type                         'DECTRIS EIGER X 16M' 
_diffrn_detector.area_resol_mean              ? 
_diffrn_detector.dtime                        ? 
_diffrn_detector.pdbx_frames_total            ? 
_diffrn_detector.pdbx_collection_time_total   ? 
_diffrn_detector.pdbx_collection_date         2022-03-18 
_diffrn_detector.pdbx_frequency               ? 
_diffrn_detector.id                           ? 
_diffrn_detector.number_of_axes               ? 
# 
_diffrn_radiation.collimation                      ? 
_diffrn_radiation.diffrn_id                        1 
_diffrn_radiation.filter_edge                      ? 
_diffrn_radiation.inhomogeneity                    ? 
_diffrn_radiation.monochromator                    ? 
_diffrn_radiation.polarisn_norm                    ? 
_diffrn_radiation.polarisn_ratio                   ? 
_diffrn_radiation.probe                            ? 
_diffrn_radiation.type                             ? 
_diffrn_radiation.xray_symbol                      ? 
_diffrn_radiation.wavelength_id                    1 
_diffrn_radiation.pdbx_monochromatic_or_laue_m_l   M 
_diffrn_radiation.pdbx_wavelength_list             ? 
_diffrn_radiation.pdbx_wavelength                  ? 
_diffrn_radiation.pdbx_diffrn_protocol             'SINGLE WAVELENGTH' 
_diffrn_radiation.pdbx_analyzer                    ? 
_diffrn_radiation.pdbx_scattering_type             x-ray 
# 
_diffrn_radiation_wavelength.id           1 
_diffrn_radiation_wavelength.wavelength   1 
_diffrn_radiation_wavelength.wt           1.0 
# 
_diffrn_source.current                     ? 
_diffrn_source.details                     ? 
_diffrn_source.diffrn_id                   1 
_diffrn_source.power                       ? 
_diffrn_source.size                        ? 
_diffrn_source.source                      SYNCHROTRON 
_diffrn_source.target                      ? 
_diffrn_source.type                        'APS BEAMLINE 22-ID' 
_diffrn_source.voltage                     ? 
_diffrn_source.take-off_angle              ? 
_diffrn_source.pdbx_wavelength_list        1 
_diffrn_source.pdbx_wavelength             ? 
_diffrn_source.pdbx_synchrotron_beamline   22-ID 
_diffrn_source.pdbx_synchrotron_site       APS 
# 
_reflns.B_iso_Wilson_estimate                          ? 
_reflns.entry_id                                       9DE8 
_reflns.data_reduction_details                         ? 
_reflns.data_reduction_method                          ? 
_reflns.d_resolution_high                              2.76 
_reflns.d_resolution_low                               44.53 
_reflns.details                                        ? 
_reflns.limit_h_max                                    ? 
_reflns.limit_h_min                                    ? 
_reflns.limit_k_max                                    ? 
_reflns.limit_k_min                                    ? 
_reflns.limit_l_max                                    ? 
_reflns.limit_l_min                                    ? 
_reflns.number_all                                     ? 
_reflns.number_obs                                     5512 
_reflns.observed_criterion                             ? 
_reflns.observed_criterion_F_max                       ? 
_reflns.observed_criterion_F_min                       ? 
_reflns.observed_criterion_I_max                       ? 
_reflns.observed_criterion_I_min                       ? 
_reflns.observed_criterion_sigma_F                     ? 
_reflns.observed_criterion_sigma_I                     ? 
_reflns.percent_possible_obs                           99.17 
_reflns.R_free_details                                 ? 
_reflns.Rmerge_F_all                                   ? 
_reflns.Rmerge_F_obs                                   ? 
_reflns.Friedel_coverage                               ? 
_reflns.number_gt                                      ? 
_reflns.threshold_expression                           ? 
_reflns.pdbx_redundancy                                42.8 
_reflns.pdbx_netI_over_av_sigmaI                       ? 
_reflns.pdbx_netI_over_sigmaI                          13.82 
_reflns.pdbx_res_netI_over_av_sigmaI_2                 ? 
_reflns.pdbx_res_netI_over_sigmaI_2                    ? 
_reflns.pdbx_chi_squared                               ? 
_reflns.pdbx_scaling_rejects                           ? 
_reflns.pdbx_d_res_high_opt                            ? 
_reflns.pdbx_d_res_low_opt                             ? 
_reflns.pdbx_d_res_opt_method                          ? 
_reflns.phase_calculation_details                      ? 
_reflns.pdbx_Rrim_I_all                                ? 
_reflns.pdbx_Rpim_I_all                                ? 
_reflns.pdbx_d_opt                                     ? 
_reflns.pdbx_number_measured_all                       ? 
_reflns.pdbx_diffrn_id                                 1 
_reflns.pdbx_ordinal                                   1 
_reflns.pdbx_CC_half                                   0.999 
_reflns.pdbx_CC_star                                   ? 
_reflns.pdbx_R_split                                   ? 
_reflns.pdbx_Rmerge_I_obs                              ? 
_reflns.pdbx_Rmerge_I_all                              ? 
_reflns.pdbx_Rsym_value                                ? 
_reflns.pdbx_CC_split_method                           ? 
_reflns.pdbx_aniso_diffraction_limit_axis_1_ortho[1]   ? 
_reflns.pdbx_aniso_diffraction_limit_axis_1_ortho[2]   ? 
_reflns.pdbx_aniso_diffraction_limit_axis_1_ortho[3]   ? 
_reflns.pdbx_aniso_diffraction_limit_axis_2_ortho[1]   ? 
_reflns.pdbx_aniso_diffraction_limit_axis_2_ortho[2]   ? 
_reflns.pdbx_aniso_diffraction_limit_axis_2_ortho[3]   ? 
_reflns.pdbx_aniso_diffraction_limit_axis_3_ortho[1]   ? 
_reflns.pdbx_aniso_diffraction_limit_axis_3_ortho[2]   ? 
_reflns.pdbx_aniso_diffraction_limit_axis_3_ortho[3]   ? 
_reflns.pdbx_aniso_diffraction_limit_1                 ? 
_reflns.pdbx_aniso_diffraction_limit_2                 ? 
_reflns.pdbx_aniso_diffraction_limit_3                 ? 
_reflns.pdbx_aniso_B_tensor_eigenvector_1_ortho[1]     ? 
_reflns.pdbx_aniso_B_tensor_eigenvector_1_ortho[2]     ? 
_reflns.pdbx_aniso_B_tensor_eigenvector_1_ortho[3]     ? 
_reflns.pdbx_aniso_B_tensor_eigenvector_2_ortho[1]     ? 
_reflns.pdbx_aniso_B_tensor_eigenvector_2_ortho[2]     ? 
_reflns.pdbx_aniso_B_tensor_eigenvector_2_ortho[3]     ? 
_reflns.pdbx_aniso_B_tensor_eigenvector_3_ortho[1]     ? 
_reflns.pdbx_aniso_B_tensor_eigenvector_3_ortho[2]     ? 
_reflns.pdbx_aniso_B_tensor_eigenvector_3_ortho[3]     ? 
_reflns.pdbx_aniso_B_tensor_eigenvalue_1               ? 
_reflns.pdbx_aniso_B_tensor_eigenvalue_2               ? 
_reflns.pdbx_aniso_B_tensor_eigenvalue_3               ? 
_reflns.pdbx_orthogonalization_convention              ? 
_reflns.pdbx_percent_possible_ellipsoidal              ? 
_reflns.pdbx_percent_possible_spherical                ? 
_reflns.pdbx_percent_possible_ellipsoidal_anomalous    ? 
_reflns.pdbx_percent_possible_spherical_anomalous      ? 
_reflns.pdbx_redundancy_anomalous                      ? 
_reflns.pdbx_CC_half_anomalous                         ? 
_reflns.pdbx_absDiff_over_sigma_anomalous              ? 
_reflns.pdbx_percent_possible_anomalous                ? 
_reflns.pdbx_observed_signal_threshold                 ? 
_reflns.pdbx_signal_type                               ? 
_reflns.pdbx_signal_details                            ? 
_reflns.pdbx_signal_software_id                        ? 
# 
_reflns_shell.d_res_high                                    2.761 
_reflns_shell.d_res_low                                     2.86 
_reflns_shell.meanI_over_sigI_all                           ? 
_reflns_shell.meanI_over_sigI_obs                           1.62 
_reflns_shell.number_measured_all                           ? 
_reflns_shell.number_measured_obs                           ? 
_reflns_shell.number_possible                               ? 
_reflns_shell.number_unique_all                             ? 
_reflns_shell.number_unique_obs                             529 
_reflns_shell.percent_possible_obs                          ? 
_reflns_shell.Rmerge_F_all                                  ? 
_reflns_shell.Rmerge_F_obs                                  ? 
_reflns_shell.meanI_over_sigI_gt                            ? 
_reflns_shell.meanI_over_uI_all                             ? 
_reflns_shell.meanI_over_uI_gt                              ? 
_reflns_shell.number_measured_gt                            ? 
_reflns_shell.number_unique_gt                              ? 
_reflns_shell.percent_possible_gt                           ? 
_reflns_shell.Rmerge_F_gt                                   ? 
_reflns_shell.Rmerge_I_gt                                   ? 
_reflns_shell.pdbx_redundancy                               ? 
_reflns_shell.pdbx_chi_squared                              ? 
_reflns_shell.pdbx_netI_over_sigmaI_all                     ? 
_reflns_shell.pdbx_netI_over_sigmaI_obs                     ? 
_reflns_shell.pdbx_Rrim_I_all                               ? 
_reflns_shell.pdbx_Rpim_I_all                               ? 
_reflns_shell.pdbx_rejects                                  ? 
_reflns_shell.pdbx_ordinal                                  1 
_reflns_shell.pdbx_diffrn_id                                1 
_reflns_shell.pdbx_CC_half                                  0.669 
_reflns_shell.pdbx_CC_star                                  ? 
_reflns_shell.pdbx_R_split                                  ? 
_reflns_shell.percent_possible_all                          ? 
_reflns_shell.Rmerge_I_all                                  ? 
_reflns_shell.Rmerge_I_obs                                  ? 
_reflns_shell.pdbx_Rsym_value                               ? 
_reflns_shell.pdbx_percent_possible_ellipsoidal             ? 
_reflns_shell.pdbx_percent_possible_spherical               ? 
_reflns_shell.pdbx_percent_possible_ellipsoidal_anomalous   ? 
_reflns_shell.pdbx_percent_possible_spherical_anomalous     ? 
_reflns_shell.pdbx_redundancy_anomalous                     ? 
_reflns_shell.pdbx_CC_half_anomalous                        ? 
_reflns_shell.pdbx_absDiff_over_sigma_anomalous             ? 
_reflns_shell.pdbx_percent_possible_anomalous               ? 
# 
_refine.aniso_B[1][1]                            ? 
_refine.aniso_B[1][2]                            ? 
_refine.aniso_B[1][3]                            ? 
_refine.aniso_B[2][2]                            ? 
_refine.aniso_B[2][3]                            ? 
_refine.aniso_B[3][3]                            ? 
_refine.B_iso_max                                ? 
_refine.B_iso_mean                               67.04 
_refine.B_iso_min                                ? 
_refine.correlation_coeff_Fo_to_Fc               ? 
_refine.correlation_coeff_Fo_to_Fc_free          ? 
_refine.details                                  
'A separate dataset of lower quality, which was not deposited, was used for SAD phasing.' 
_refine.diff_density_max                         ? 
_refine.diff_density_max_esd                     ? 
_refine.diff_density_min                         ? 
_refine.diff_density_min_esd                     ? 
_refine.diff_density_rms                         ? 
_refine.diff_density_rms_esd                     ? 
_refine.entry_id                                 9DE8 
_refine.pdbx_refine_id                           'X-RAY DIFFRACTION' 
_refine.ls_abs_structure_details                 ? 
_refine.ls_abs_structure_Flack                   ? 
_refine.ls_abs_structure_Flack_esd               ? 
_refine.ls_abs_structure_Rogers                  ? 
_refine.ls_abs_structure_Rogers_esd              ? 
_refine.ls_d_res_high                            2.76 
_refine.ls_d_res_low                             44.53 
_refine.ls_extinction_coef                       ? 
_refine.ls_extinction_coef_esd                   ? 
_refine.ls_extinction_expression                 ? 
_refine.ls_extinction_method                     ? 
_refine.ls_goodness_of_fit_all                   ? 
_refine.ls_goodness_of_fit_all_esd               ? 
_refine.ls_goodness_of_fit_obs                   ? 
_refine.ls_goodness_of_fit_obs_esd               ? 
_refine.ls_hydrogen_treatment                    ? 
_refine.ls_matrix_type                           ? 
_refine.ls_number_constraints                    ? 
_refine.ls_number_parameters                     ? 
_refine.ls_number_reflns_all                     ? 
_refine.ls_number_reflns_obs                     5497 
_refine.ls_number_reflns_R_free                  266 
_refine.ls_number_reflns_R_work                  5231 
_refine.ls_number_restraints                     ? 
_refine.ls_percent_reflns_obs                    99.21 
_refine.ls_percent_reflns_R_free                 4.84 
_refine.ls_R_factor_all                          ? 
_refine.ls_R_factor_obs                          0.2477 
_refine.ls_R_factor_R_free                       0.2951 
_refine.ls_R_factor_R_free_error                 ? 
_refine.ls_R_factor_R_free_error_details         ? 
_refine.ls_R_factor_R_work                       0.2455 
_refine.ls_R_Fsqd_factor_obs                     ? 
_refine.ls_R_I_factor_obs                        ? 
_refine.ls_redundancy_reflns_all                 ? 
_refine.ls_redundancy_reflns_obs                 ? 
_refine.ls_restrained_S_all                      ? 
_refine.ls_restrained_S_obs                      ? 
_refine.ls_shift_over_esd_max                    ? 
_refine.ls_shift_over_esd_mean                   ? 
_refine.ls_structure_factor_coef                 ? 
_refine.ls_weighting_details                     ? 
_refine.ls_weighting_scheme                      ? 
_refine.ls_wR_factor_all                         ? 
_refine.ls_wR_factor_obs                         ? 
_refine.ls_wR_factor_R_free                      ? 
_refine.ls_wR_factor_R_work                      ? 
_refine.occupancy_max                            ? 
_refine.occupancy_min                            ? 
_refine.solvent_model_details                    'FLAT BULK SOLVENT MODEL' 
_refine.solvent_model_param_bsol                 ? 
_refine.solvent_model_param_ksol                 ? 
_refine.pdbx_R_complete                          ? 
_refine.ls_R_factor_gt                           ? 
_refine.ls_goodness_of_fit_gt                    ? 
_refine.ls_goodness_of_fit_ref                   ? 
_refine.ls_shift_over_su_max                     ? 
_refine.ls_shift_over_su_max_lt                  ? 
_refine.ls_shift_over_su_mean                    ? 
_refine.ls_shift_over_su_mean_lt                 ? 
_refine.pdbx_ls_sigma_I                          ? 
_refine.pdbx_ls_sigma_F                          1.35 
_refine.pdbx_ls_sigma_Fsqd                       ? 
_refine.pdbx_data_cutoff_high_absF               ? 
_refine.pdbx_data_cutoff_high_rms_absF           ? 
_refine.pdbx_data_cutoff_low_absF                ? 
_refine.pdbx_isotropic_thermal_model             ? 
_refine.pdbx_ls_cross_valid_method               'FREE R-VALUE' 
_refine.pdbx_method_to_determine_struct          SAD 
_refine.pdbx_starting_model                      ? 
_refine.pdbx_stereochemistry_target_values       'GeoStd + Monomer Library + CDL v1.2' 
_refine.pdbx_R_Free_selection_details            ? 
_refine.pdbx_stereochem_target_val_spec_case     ? 
_refine.pdbx_overall_ESU_R                       ? 
_refine.pdbx_overall_ESU_R_Free                  ? 
_refine.pdbx_solvent_vdw_probe_radii             1.1000 
_refine.pdbx_solvent_ion_probe_radii             ? 
_refine.pdbx_solvent_shrinkage_radii             0.9000 
_refine.pdbx_real_space_R                        ? 
_refine.pdbx_density_correlation                 ? 
_refine.pdbx_pd_number_of_powder_patterns        ? 
_refine.pdbx_pd_number_of_points                 ? 
_refine.pdbx_pd_meas_number_of_points            ? 
_refine.pdbx_pd_proc_ls_prof_R_factor            ? 
_refine.pdbx_pd_proc_ls_prof_wR_factor           ? 
_refine.pdbx_pd_Marquardt_correlation_coeff      ? 
_refine.pdbx_pd_Fsqrd_R_factor                   ? 
_refine.pdbx_pd_ls_matrix_band_width             ? 
_refine.pdbx_overall_phase_error                 23.8864 
_refine.pdbx_overall_SU_R_free_Cruickshank_DPI   ? 
_refine.pdbx_overall_SU_R_free_Blow_DPI          ? 
_refine.pdbx_overall_SU_R_Blow_DPI               ? 
_refine.pdbx_TLS_residual_ADP_flag               ? 
_refine.pdbx_diffrn_id                           1 
_refine.overall_SU_B                             ? 
_refine.overall_SU_ML                            0.2966 
_refine.overall_SU_R_Cruickshank_DPI             ? 
_refine.overall_SU_R_free                        ? 
_refine.overall_FOM_free_R_set                   ? 
_refine.overall_FOM_work_R_set                   ? 
_refine.pdbx_average_fsc_overall                 ? 
_refine.pdbx_average_fsc_work                    ? 
_refine.pdbx_average_fsc_free                    ? 
# 
_refine_hist.pdbx_refine_id                   'X-RAY DIFFRACTION' 
_refine_hist.cycle_id                         LAST 
_refine_hist.details                          ? 
_refine_hist.d_res_high                       2.76 
_refine_hist.d_res_low                        44.53 
_refine_hist.number_atoms_solvent             7 
_refine_hist.number_atoms_total               1182 
_refine_hist.number_reflns_all                ? 
_refine_hist.number_reflns_obs                ? 
_refine_hist.number_reflns_R_free             ? 
_refine_hist.number_reflns_R_work             ? 
_refine_hist.R_factor_all                     ? 
_refine_hist.R_factor_obs                     ? 
_refine_hist.R_factor_R_free                  ? 
_refine_hist.R_factor_R_work                  ? 
_refine_hist.pdbx_number_residues_total       ? 
_refine_hist.pdbx_B_iso_mean_ligand           ? 
_refine_hist.pdbx_B_iso_mean_solvent          ? 
_refine_hist.pdbx_number_atoms_protein        0 
_refine_hist.pdbx_number_atoms_nucleic_acid   1174 
_refine_hist.pdbx_number_atoms_ligand         1 
_refine_hist.pdbx_number_atoms_lipid          ? 
_refine_hist.pdbx_number_atoms_carb           ? 
_refine_hist.pdbx_pseudo_atom_details         ? 
# 
loop_
_refine_ls_restr.pdbx_refine_id 
_refine_ls_restr.criterion 
_refine_ls_restr.dev_ideal 
_refine_ls_restr.dev_ideal_target 
_refine_ls_restr.number 
_refine_ls_restr.rejects 
_refine_ls_restr.type 
_refine_ls_restr.weight 
_refine_ls_restr.pdbx_restraint_function 
'X-RAY DIFFRACTION' ? 0.0017  ? 1311 ? f_bond_d           ? ? 
'X-RAY DIFFRACTION' ? 0.4240  ? 2040 ? f_angle_d          ? ? 
'X-RAY DIFFRACTION' ? 0.0190  ? 278  ? f_chiral_restr     ? ? 
'X-RAY DIFFRACTION' ? 0.0025  ? 54   ? f_plane_restr      ? ? 
'X-RAY DIFFRACTION' ? 21.5495 ? 807  ? f_dihedral_angle_d ? ? 
# 
loop_
_refine_ls_shell.pdbx_refine_id 
_refine_ls_shell.d_res_high 
_refine_ls_shell.d_res_low 
_refine_ls_shell.number_reflns_all 
_refine_ls_shell.number_reflns_obs 
_refine_ls_shell.number_reflns_R_free 
_refine_ls_shell.number_reflns_R_work 
_refine_ls_shell.percent_reflns_obs 
_refine_ls_shell.percent_reflns_R_free 
_refine_ls_shell.R_factor_all 
_refine_ls_shell.R_factor_obs 
_refine_ls_shell.R_factor_R_free_error 
_refine_ls_shell.R_factor_R_work 
_refine_ls_shell.redundancy_reflns_all 
_refine_ls_shell.redundancy_reflns_obs 
_refine_ls_shell.wR_factor_all 
_refine_ls_shell.wR_factor_obs 
_refine_ls_shell.wR_factor_R_free 
_refine_ls_shell.wR_factor_R_work 
_refine_ls_shell.pdbx_R_complete 
_refine_ls_shell.pdbx_total_number_of_bins_used 
_refine_ls_shell.pdbx_phase_error 
_refine_ls_shell.pdbx_fsc_work 
_refine_ls_shell.pdbx_fsc_free 
_refine_ls_shell.R_factor_R_free 
'X-RAY DIFFRACTION' 2.76 3.48  . . 119 2545 98.85 . . . . 0.3320 . . . . . . . . . . . 0.4073 
'X-RAY DIFFRACTION' 3.48 44.53 . . 147 2686 99.54 . . . . 0.2165 . . . . . . . . . . . 0.2620 
# 
_struct.entry_id                     9DE8 
_struct.title                        'Structure of full-length HIV TAR RNA soaked in CaCl2' 
_struct.pdbx_model_details           ? 
_struct.pdbx_formula_weight          ? 
_struct.pdbx_formula_weight_method   ? 
_struct.pdbx_model_type_details      ? 
_struct.pdbx_CASP_flag               N 
# 
_struct_keywords.entry_id        9DE8 
_struct_keywords.text            'viral RNA, HIV RNA, TAR RNA, Ca2+, Calcium, bulge, RNA' 
_struct_keywords.pdbx_keywords   RNA 
# 
loop_
_struct_asym.id 
_struct_asym.pdbx_blank_PDB_chainid_flag 
_struct_asym.pdbx_modified 
_struct_asym.entity_id 
_struct_asym.details 
A N N 1 ? 
B N N 2 ? 
C N N 3 ? 
# 
_struct_ref.id                         1 
_struct_ref.db_name                    GB 
_struct_ref.db_code                    MW061005.1 
_struct_ref.pdbx_db_accession          1945658931 
_struct_ref.pdbx_db_isoform            ? 
_struct_ref.entity_id                  1 
_struct_ref.pdbx_seq_one_letter_code   GGUCUCUCUGGUUAGACCAGAUCUGAGCCUGAAAGCUCUCUGGCUAACUAGGGAACC 
_struct_ref.pdbx_align_begin           5187 
# 
_struct_ref_seq.align_id                      1 
_struct_ref_seq.ref_id                        1 
_struct_ref_seq.pdbx_PDB_id_code              9DE8 
_struct_ref_seq.pdbx_strand_id                A 
_struct_ref_seq.seq_align_beg                 1 
_struct_ref_seq.pdbx_seq_align_beg_ins_code   ? 
_struct_ref_seq.seq_align_end                 57 
_struct_ref_seq.pdbx_seq_align_end_ins_code   ? 
_struct_ref_seq.pdbx_db_accession             1945658931 
_struct_ref_seq.db_align_beg                  5187 
_struct_ref_seq.pdbx_db_align_beg_ins_code    ? 
_struct_ref_seq.db_align_end                  5243 
_struct_ref_seq.pdbx_db_align_end_ins_code    ? 
_struct_ref_seq.pdbx_auth_seq_align_beg       2 
_struct_ref_seq.pdbx_auth_seq_align_end       58 
# 
loop_
_struct_ref_seq_dif.align_id 
_struct_ref_seq_dif.pdbx_pdb_id_code 
_struct_ref_seq_dif.mon_id 
_struct_ref_seq_dif.pdbx_pdb_strand_id 
_struct_ref_seq_dif.seq_num 
_struct_ref_seq_dif.pdbx_pdb_ins_code 
_struct_ref_seq_dif.pdbx_seq_db_name 
_struct_ref_seq_dif.pdbx_seq_db_accession_code 
_struct_ref_seq_dif.db_mon_id 
_struct_ref_seq_dif.pdbx_seq_db_seq_num 
_struct_ref_seq_dif.details 
_struct_ref_seq_dif.pdbx_auth_seq_num 
_struct_ref_seq_dif.pdbx_ordinal 
1 9DE8 A A 15 ? GB 1945658931 G 5201 'engineered mutation' 16 1 
1 9DE8 G A 16 ? GB 1945658931 A 5202 'engineered mutation' 17 2 
1 9DE8 G A 30 ? GB 1945658931 U 5216 'engineered mutation' 31 3 
1 9DE8 A A 31 ? GB 1945658931 G 5217 'engineered mutation' 32 4 
# 
_pdbx_struct_assembly.id                   1 
_pdbx_struct_assembly.details              author_defined_assembly 
_pdbx_struct_assembly.method_details       ? 
_pdbx_struct_assembly.oligomeric_details   monomeric 
_pdbx_struct_assembly.oligomeric_count     1 
# 
_pdbx_struct_assembly_gen.assembly_id       1 
_pdbx_struct_assembly_gen.oper_expression   1 
_pdbx_struct_assembly_gen.asym_id_list      A,B,C 
# 
_pdbx_struct_assembly_auth_evidence.id                     1 
_pdbx_struct_assembly_auth_evidence.assembly_id            1 
_pdbx_struct_assembly_auth_evidence.experimental_support   'native gel electrophoresis' 
_pdbx_struct_assembly_auth_evidence.details                ? 
# 
_pdbx_struct_oper_list.id                   1 
_pdbx_struct_oper_list.type                 'identity operation' 
_pdbx_struct_oper_list.name                 1_555 
_pdbx_struct_oper_list.symmetry_operation   x,y,z 
_pdbx_struct_oper_list.matrix[1][1]         1.0000000000 
_pdbx_struct_oper_list.matrix[1][2]         0.0000000000 
_pdbx_struct_oper_list.matrix[1][3]         0.0000000000 
_pdbx_struct_oper_list.vector[1]            0.0000000000 
_pdbx_struct_oper_list.matrix[2][1]         0.0000000000 
_pdbx_struct_oper_list.matrix[2][2]         1.0000000000 
_pdbx_struct_oper_list.matrix[2][3]         0.0000000000 
_pdbx_struct_oper_list.vector[2]            0.0000000000 
_pdbx_struct_oper_list.matrix[3][1]         0.0000000000 
_pdbx_struct_oper_list.matrix[3][2]         0.0000000000 
_pdbx_struct_oper_list.matrix[3][3]         1.0000000000 
_pdbx_struct_oper_list.vector[3]            0.0000000000 
# 
loop_
_struct_conn.id 
_struct_conn.conn_type_id 
_struct_conn.pdbx_leaving_atom_flag 
_struct_conn.pdbx_PDB_id 
_struct_conn.ptnr1_label_asym_id 
_struct_conn.ptnr1_label_comp_id 
_struct_conn.ptnr1_label_seq_id 
_struct_conn.ptnr1_label_atom_id 
_struct_conn.pdbx_ptnr1_label_alt_id 
_struct_conn.pdbx_ptnr1_PDB_ins_code 
_struct_conn.pdbx_ptnr1_standard_comp_id 
_struct_conn.ptnr1_symmetry 
_struct_conn.ptnr2_label_asym_id 
_struct_conn.ptnr2_label_comp_id 
_struct_conn.ptnr2_label_seq_id 
_struct_conn.ptnr2_label_atom_id 
_struct_conn.pdbx_ptnr2_label_alt_id 
_struct_conn.pdbx_ptnr2_PDB_ins_code 
_struct_conn.ptnr1_auth_asym_id 
_struct_conn.ptnr1_auth_comp_id 
_struct_conn.ptnr1_auth_seq_id 
_struct_conn.ptnr2_auth_asym_id 
_struct_conn.ptnr2_auth_comp_id 
_struct_conn.ptnr2_auth_seq_id 
_struct_conn.ptnr2_symmetry 
_struct_conn.pdbx_ptnr3_label_atom_id 
_struct_conn.pdbx_ptnr3_label_seq_id 
_struct_conn.pdbx_ptnr3_label_comp_id 
_struct_conn.pdbx_ptnr3_label_asym_id 
_struct_conn.pdbx_ptnr3_label_alt_id 
_struct_conn.pdbx_ptnr3_PDB_ins_code 
_struct_conn.details 
_struct_conn.pdbx_dist_value 
_struct_conn.pdbx_value_order 
_struct_conn.pdbx_role 
metalc1  metalc ? ? A U 22 OP1   ? ? ? 1_555 B CA .  CA ? ? A U 23 A CA 101 1_555 ? ? ? ? ? ? ?             2.400 ? ? 
metalc2  metalc ? ? A C 23 OP2   ? ? ? 1_555 B CA .  CA ? ? A C 24 A CA 101 1_555 ? ? ? ? ? ? ?             2.359 ? ? 
metalc3  metalc ? ? A U 24 "O3'" ? ? ? 1_555 B CA .  CA ? ? A U 25 A CA 101 1_555 ? ? ? ? ? ? ?             3.145 ? ? 
metalc4  metalc ? ? A G 25 OP1   ? ? ? 1_555 B CA .  CA ? ? A G 26 A CA 101 1_555 ? ? ? ? ? ? ?             2.649 ? ? 
hydrog1  hydrog ? ? A G 2  N1    ? ? ? 1_555 A C  56 N3 ? ? A G 3  A C  57  1_555 ? ? ? ? ? ? WATSON-CRICK  ?     ? ? 
hydrog2  hydrog ? ? A G 2  N2    ? ? ? 1_555 A C  56 O2 ? ? A G 3  A C  57  1_555 ? ? ? ? ? ? WATSON-CRICK  ?     ? ? 
hydrog3  hydrog ? ? A G 2  O6    ? ? ? 1_555 A C  56 N4 ? ? A G 3  A C  57  1_555 ? ? ? ? ? ? WATSON-CRICK  ?     ? ? 
hydrog4  hydrog ? ? A U 3  N3    ? ? ? 1_555 A A  55 N1 ? ? A U 4  A A  56  1_555 ? ? ? ? ? ? WATSON-CRICK  ?     ? ? 
hydrog5  hydrog ? ? A U 3  O4    ? ? ? 1_555 A A  55 N6 ? ? A U 4  A A  56  1_555 ? ? ? ? ? ? WATSON-CRICK  ?     ? ? 
hydrog6  hydrog ? ? A U 5  N3    ? ? ? 1_555 A A  54 N1 ? ? A U 6  A A  55  1_555 ? ? ? ? ? ? WATSON-CRICK  ?     ? ? 
hydrog7  hydrog ? ? A U 5  O4    ? ? ? 1_555 A A  54 N6 ? ? A U 6  A A  55  1_555 ? ? ? ? ? ? WATSON-CRICK  ?     ? ? 
hydrog8  hydrog ? ? A C 6  N3    ? ? ? 1_555 A G  53 N1 ? ? A C 7  A G  54  1_555 ? ? ? ? ? ? WATSON-CRICK  ?     ? ? 
hydrog9  hydrog ? ? A C 6  N4    ? ? ? 1_555 A G  53 O6 ? ? A C 7  A G  54  1_555 ? ? ? ? ? ? WATSON-CRICK  ?     ? ? 
hydrog10 hydrog ? ? A C 6  O2    ? ? ? 1_555 A G  53 N2 ? ? A C 7  A G  54  1_555 ? ? ? ? ? ? WATSON-CRICK  ?     ? ? 
hydrog11 hydrog ? ? A U 7  N3    ? ? ? 1_555 A G  52 O6 ? ? A U 8  A G  53  1_555 ? ? ? ? ? ? TYPE_28_PAIR  ?     ? ? 
hydrog12 hydrog ? ? A U 7  O2    ? ? ? 1_555 A G  52 N1 ? ? A U 8  A G  53  1_555 ? ? ? ? ? ? TYPE_28_PAIR  ?     ? ? 
hydrog13 hydrog ? ? A C 8  N3    ? ? ? 1_555 A G  51 N1 ? ? A C 9  A G  52  1_555 ? ? ? ? ? ? WATSON-CRICK  ?     ? ? 
hydrog14 hydrog ? ? A C 8  N4    ? ? ? 1_555 A G  51 O6 ? ? A C 9  A G  52  1_555 ? ? ? ? ? ? WATSON-CRICK  ?     ? ? 
hydrog15 hydrog ? ? A C 8  O2    ? ? ? 1_555 A G  51 N2 ? ? A C 9  A G  52  1_555 ? ? ? ? ? ? WATSON-CRICK  ?     ? ? 
hydrog16 hydrog ? ? A U 9  N3    ? ? ? 1_555 A A  50 N1 ? ? A U 10 A A  51  1_555 ? ? ? ? ? ? WATSON-CRICK  ?     ? ? 
hydrog17 hydrog ? ? A U 9  O4    ? ? ? 1_555 A A  50 N6 ? ? A U 10 A A  51  1_555 ? ? ? ? ? ? WATSON-CRICK  ?     ? ? 
hydrog18 hydrog ? ? A G 10 N1    ? ? ? 1_555 A U  49 O2 ? ? A G 11 A U  50  1_555 ? ? ? ? ? ? TYPE_28_PAIR  ?     ? ? 
hydrog19 hydrog ? ? A G 10 O6    ? ? ? 1_555 A U  49 N3 ? ? A G 11 A U  50  1_555 ? ? ? ? ? ? TYPE_28_PAIR  ?     ? ? 
hydrog20 hydrog ? ? A G 11 N1    ? ? ? 1_555 A C  48 N3 ? ? A G 12 A C  49  1_555 ? ? ? ? ? ? WATSON-CRICK  ?     ? ? 
hydrog21 hydrog ? ? A G 11 N2    ? ? ? 1_555 A C  48 O2 ? ? A G 12 A C  49  1_555 ? ? ? ? ? ? WATSON-CRICK  ?     ? ? 
hydrog22 hydrog ? ? A G 11 O6    ? ? ? 1_555 A C  48 N4 ? ? A G 12 A C  49  1_555 ? ? ? ? ? ? WATSON-CRICK  ?     ? ? 
hydrog23 hydrog ? ? A U 12 N3    ? ? ? 1_555 A A  47 N1 ? ? A U 13 A A  48  1_555 ? ? ? ? ? ? WATSON-CRICK  ?     ? ? 
hydrog24 hydrog ? ? A U 12 O4    ? ? ? 1_555 A A  47 N6 ? ? A U 13 A A  48  1_555 ? ? ? ? ? ? WATSON-CRICK  ?     ? ? 
hydrog25 hydrog ? ? A U 13 N3    ? ? ? 1_555 A A  46 N1 ? ? A U 14 A A  47  1_555 ? ? ? ? ? ? WATSON-CRICK  ?     ? ? 
hydrog26 hydrog ? ? A U 13 O4    ? ? ? 1_555 A A  46 N6 ? ? A U 14 A A  47  1_555 ? ? ? ? ? ? WATSON-CRICK  ?     ? ? 
hydrog27 hydrog ? ? A A 14 N1    ? ? ? 1_555 A U  45 N3 ? ? A A 15 A U  46  1_555 ? ? ? ? ? ? WATSON-CRICK  ?     ? ? 
hydrog28 hydrog ? ? A A 14 N6    ? ? ? 1_555 A U  45 O4 ? ? A A 15 A U  46  1_555 ? ? ? ? ? ? WATSON-CRICK  ?     ? ? 
hydrog29 hydrog ? ? A G 16 N1    ? ? ? 1_555 A C  44 N3 ? ? A G 17 A C  45  1_555 ? ? ? ? ? ? WATSON-CRICK  ?     ? ? 
hydrog30 hydrog ? ? A G 16 N2    ? ? ? 1_555 A C  44 O2 ? ? A G 17 A C  45  1_555 ? ? ? ? ? ? WATSON-CRICK  ?     ? ? 
hydrog31 hydrog ? ? A G 16 O6    ? ? ? 1_555 A C  44 N4 ? ? A G 17 A C  45  1_555 ? ? ? ? ? ? WATSON-CRICK  ?     ? ? 
hydrog32 hydrog ? ? A C 17 N3    ? ? ? 1_555 A G  43 N1 ? ? A C 18 A G  44  1_555 ? ? ? ? ? ? WATSON-CRICK  ?     ? ? 
hydrog33 hydrog ? ? A C 17 N4    ? ? ? 1_555 A G  43 O6 ? ? A C 18 A G  44  1_555 ? ? ? ? ? ? WATSON-CRICK  ?     ? ? 
hydrog34 hydrog ? ? A C 17 O2    ? ? ? 1_555 A G  43 N2 ? ? A C 18 A G  44  1_555 ? ? ? ? ? ? WATSON-CRICK  ?     ? ? 
hydrog35 hydrog ? ? A C 18 N3    ? ? ? 1_555 A G  42 N1 ? ? A C 19 A G  43  1_555 ? ? ? ? ? ? WATSON-CRICK  ?     ? ? 
hydrog36 hydrog ? ? A C 18 N4    ? ? ? 1_555 A G  42 O6 ? ? A C 19 A G  43  1_555 ? ? ? ? ? ? WATSON-CRICK  ?     ? ? 
hydrog37 hydrog ? ? A C 18 O2    ? ? ? 1_555 A G  42 N2 ? ? A C 19 A G  43  1_555 ? ? ? ? ? ? WATSON-CRICK  ?     ? ? 
hydrog38 hydrog ? ? A A 19 N1    ? ? ? 1_555 A U  41 N3 ? ? A A 20 A U  42  1_555 ? ? ? ? ? ? WATSON-CRICK  ?     ? ? 
hydrog39 hydrog ? ? A A 19 N6    ? ? ? 1_555 A U  41 O4 ? ? A A 20 A U  42  1_555 ? ? ? ? ? ? WATSON-CRICK  ?     ? ? 
hydrog40 hydrog ? ? A G 20 N1    ? ? ? 1_555 A C  40 N3 ? ? A G 21 A C  41  1_555 ? ? ? ? ? ? WATSON-CRICK  ?     ? ? 
hydrog41 hydrog ? ? A G 20 N2    ? ? ? 1_555 A C  40 O2 ? ? A G 21 A C  41  1_555 ? ? ? ? ? ? WATSON-CRICK  ?     ? ? 
hydrog42 hydrog ? ? A G 20 O6    ? ? ? 1_555 A C  40 N4 ? ? A G 21 A C  41  1_555 ? ? ? ? ? ? WATSON-CRICK  ?     ? ? 
hydrog43 hydrog ? ? A A 21 N1    ? ? ? 1_555 A U  39 N3 ? ? A A 22 A U  40  1_555 ? ? ? ? ? ? WATSON-CRICK  ?     ? ? 
hydrog44 hydrog ? ? A A 21 N6    ? ? ? 1_555 A U  39 O4 ? ? A A 22 A U  40  1_555 ? ? ? ? ? ? WATSON-CRICK  ?     ? ? 
hydrog45 hydrog ? ? A G 25 N1    ? ? ? 1_555 A C  38 N3 ? ? A G 26 A C  39  1_555 ? ? ? ? ? ? WATSON-CRICK  ?     ? ? 
hydrog46 hydrog ? ? A G 25 N2    ? ? ? 1_555 A C  38 O2 ? ? A G 26 A C  39  1_555 ? ? ? ? ? ? WATSON-CRICK  ?     ? ? 
hydrog47 hydrog ? ? A G 25 O6    ? ? ? 1_555 A C  38 N4 ? ? A G 26 A C  39  1_555 ? ? ? ? ? ? WATSON-CRICK  ?     ? ? 
hydrog48 hydrog ? ? A A 26 N1    ? ? ? 1_555 A U  37 N3 ? ? A A 27 A U  38  1_555 ? ? ? ? ? ? WATSON-CRICK  ?     ? ? 
hydrog49 hydrog ? ? A A 26 N6    ? ? ? 1_555 A U  37 O4 ? ? A A 27 A U  38  1_555 ? ? ? ? ? ? WATSON-CRICK  ?     ? ? 
hydrog50 hydrog ? ? A G 27 N1    ? ? ? 1_555 A C  36 N3 ? ? A G 28 A C  37  1_555 ? ? ? ? ? ? WATSON-CRICK  ?     ? ? 
hydrog51 hydrog ? ? A G 27 N2    ? ? ? 1_555 A C  36 O2 ? ? A G 28 A C  37  1_555 ? ? ? ? ? ? WATSON-CRICK  ?     ? ? 
hydrog52 hydrog ? ? A G 27 O6    ? ? ? 1_555 A C  36 N4 ? ? A G 28 A C  37  1_555 ? ? ? ? ? ? WATSON-CRICK  ?     ? ? 
hydrog53 hydrog ? ? A C 28 N3    ? ? ? 1_555 A G  35 N1 ? ? A C 29 A G  36  1_555 ? ? ? ? ? ? WATSON-CRICK  ?     ? ? 
hydrog54 hydrog ? ? A C 28 N4    ? ? ? 1_555 A G  35 O6 ? ? A C 29 A G  36  1_555 ? ? ? ? ? ? WATSON-CRICK  ?     ? ? 
hydrog55 hydrog ? ? A C 28 O2    ? ? ? 1_555 A G  35 N2 ? ? A C 29 A G  36  1_555 ? ? ? ? ? ? WATSON-CRICK  ?     ? ? 
hydrog56 hydrog ? ? A C 29 O2    ? ? ? 1_555 A A  34 N6 ? ? A C 30 A A  35  1_555 ? ? ? ? ? ? 'C-A MISPAIR' ?     ? ? 
hydrog57 hydrog ? ? A G 30 N2    ? ? ? 1_555 A A  33 N7 ? ? A G 31 A A  34  1_555 ? ? ? ? ? ? 'G-A MISPAIR' ?     ? ? 
# 
loop_
_struct_conn_type.id 
_struct_conn_type.criteria 
_struct_conn_type.reference 
metalc ? ? 
hydrog ? ? 
# 
loop_
_pdbx_struct_conn_angle.id 
_pdbx_struct_conn_angle.ptnr1_label_atom_id 
_pdbx_struct_conn_angle.ptnr1_label_alt_id 
_pdbx_struct_conn_angle.ptnr1_label_asym_id 
_pdbx_struct_conn_angle.ptnr1_label_comp_id 
_pdbx_struct_conn_angle.ptnr1_label_seq_id 
_pdbx_struct_conn_angle.ptnr1_auth_atom_id 
_pdbx_struct_conn_angle.ptnr1_auth_asym_id 
_pdbx_struct_conn_angle.ptnr1_auth_comp_id 
_pdbx_struct_conn_angle.ptnr1_auth_seq_id 
_pdbx_struct_conn_angle.ptnr1_PDB_ins_code 
_pdbx_struct_conn_angle.ptnr1_symmetry 
_pdbx_struct_conn_angle.ptnr2_label_atom_id 
_pdbx_struct_conn_angle.ptnr2_label_alt_id 
_pdbx_struct_conn_angle.ptnr2_label_asym_id 
_pdbx_struct_conn_angle.ptnr2_label_comp_id 
_pdbx_struct_conn_angle.ptnr2_label_seq_id 
_pdbx_struct_conn_angle.ptnr2_auth_atom_id 
_pdbx_struct_conn_angle.ptnr2_auth_asym_id 
_pdbx_struct_conn_angle.ptnr2_auth_comp_id 
_pdbx_struct_conn_angle.ptnr2_auth_seq_id 
_pdbx_struct_conn_angle.ptnr2_PDB_ins_code 
_pdbx_struct_conn_angle.ptnr2_symmetry 
_pdbx_struct_conn_angle.ptnr3_label_atom_id 
_pdbx_struct_conn_angle.ptnr3_label_alt_id 
_pdbx_struct_conn_angle.ptnr3_label_asym_id 
_pdbx_struct_conn_angle.ptnr3_label_comp_id 
_pdbx_struct_conn_angle.ptnr3_label_seq_id 
_pdbx_struct_conn_angle.ptnr3_auth_atom_id 
_pdbx_struct_conn_angle.ptnr3_auth_asym_id 
_pdbx_struct_conn_angle.ptnr3_auth_comp_id 
_pdbx_struct_conn_angle.ptnr3_auth_seq_id 
_pdbx_struct_conn_angle.ptnr3_PDB_ins_code 
_pdbx_struct_conn_angle.ptnr3_symmetry 
_pdbx_struct_conn_angle.value 
_pdbx_struct_conn_angle.value_esd 
1 OP1   ? A U 22 ? A U 23 ? 1_555 CA ? B CA . ? A CA 101 ? 1_555 OP2   ? A C 23 ? A C 24 ? 1_555 77.3  ? 
2 OP1   ? A U 22 ? A U 23 ? 1_555 CA ? B CA . ? A CA 101 ? 1_555 "O3'" ? A U 24 ? A U 25 ? 1_555 130.4 ? 
3 OP2   ? A C 23 ? A C 24 ? 1_555 CA ? B CA . ? A CA 101 ? 1_555 "O3'" ? A U 24 ? A U 25 ? 1_555 80.4  ? 
4 OP1   ? A U 22 ? A U 23 ? 1_555 CA ? B CA . ? A CA 101 ? 1_555 OP1   ? A G 25 ? A G 26 ? 1_555 85.8  ? 
5 OP2   ? A C 23 ? A C 24 ? 1_555 CA ? B CA . ? A CA 101 ? 1_555 OP1   ? A G 25 ? A G 26 ? 1_555 90.2  ? 
6 "O3'" ? A U 24 ? A U 25 ? 1_555 CA ? B CA . ? A CA 101 ? 1_555 OP1   ? A G 25 ? A G 26 ? 1_555 50.4  ? 
# 
_pdbx_entry_details.entry_id                   9DE8 
_pdbx_entry_details.has_ligand_of_interest     N 
_pdbx_entry_details.compound_details           ? 
_pdbx_entry_details.source_details             ? 
_pdbx_entry_details.nonpolymer_details         ? 
_pdbx_entry_details.sequence_details           ? 
_pdbx_entry_details.has_protein_modification   N 
# 
_pdbx_unobs_or_zero_occ_residues.id               1 
_pdbx_unobs_or_zero_occ_residues.PDB_model_num    1 
_pdbx_unobs_or_zero_occ_residues.polymer_flag     Y 
_pdbx_unobs_or_zero_occ_residues.occupancy_flag   1 
_pdbx_unobs_or_zero_occ_residues.auth_asym_id     A 
_pdbx_unobs_or_zero_occ_residues.auth_comp_id     C 
_pdbx_unobs_or_zero_occ_residues.auth_seq_id      58 
_pdbx_unobs_or_zero_occ_residues.PDB_ins_code     ? 
_pdbx_unobs_or_zero_occ_residues.label_asym_id    A 
_pdbx_unobs_or_zero_occ_residues.label_comp_id    C 
_pdbx_unobs_or_zero_occ_residues.label_seq_id     57 
# 
loop_
_chem_comp_atom.comp_id 
_chem_comp_atom.atom_id 
_chem_comp_atom.type_symbol 
_chem_comp_atom.pdbx_aromatic_flag 
_chem_comp_atom.pdbx_stereo_config 
_chem_comp_atom.pdbx_ordinal 
A   OP3    O  N N 1   
A   P      P  N N 2   
A   OP1    O  N N 3   
A   OP2    O  N N 4   
A   "O5'"  O  N N 5   
A   "C5'"  C  N N 6   
A   "C4'"  C  N R 7   
A   "O4'"  O  N N 8   
A   "C3'"  C  N S 9   
A   "O3'"  O  N N 10  
A   "C2'"  C  N R 11  
A   "O2'"  O  N N 12  
A   "C1'"  C  N R 13  
A   N9     N  Y N 14  
A   C8     C  Y N 15  
A   N7     N  Y N 16  
A   C5     C  Y N 17  
A   C6     C  Y N 18  
A   N6     N  N N 19  
A   N1     N  Y N 20  
A   C2     C  Y N 21  
A   N3     N  Y N 22  
A   C4     C  Y N 23  
A   HOP3   H  N N 24  
A   HOP2   H  N N 25  
A   "H5'"  H  N N 26  
A   "H5''" H  N N 27  
A   "H4'"  H  N N 28  
A   "H3'"  H  N N 29  
A   "HO3'" H  N N 30  
A   "H2'"  H  N N 31  
A   "HO2'" H  N N 32  
A   "H1'"  H  N N 33  
A   H8     H  N N 34  
A   H61    H  N N 35  
A   H62    H  N N 36  
A   H2     H  N N 37  
C   OP3    O  N N 38  
C   P      P  N N 39  
C   OP1    O  N N 40  
C   OP2    O  N N 41  
C   "O5'"  O  N N 42  
C   "C5'"  C  N N 43  
C   "C4'"  C  N R 44  
C   "O4'"  O  N N 45  
C   "C3'"  C  N S 46  
C   "O3'"  O  N N 47  
C   "C2'"  C  N R 48  
C   "O2'"  O  N N 49  
C   "C1'"  C  N R 50  
C   N1     N  N N 51  
C   C2     C  N N 52  
C   O2     O  N N 53  
C   N3     N  N N 54  
C   C4     C  N N 55  
C   N4     N  N N 56  
C   C5     C  N N 57  
C   C6     C  N N 58  
C   HOP3   H  N N 59  
C   HOP2   H  N N 60  
C   "H5'"  H  N N 61  
C   "H5''" H  N N 62  
C   "H4'"  H  N N 63  
C   "H3'"  H  N N 64  
C   "HO3'" H  N N 65  
C   "H2'"  H  N N 66  
C   "HO2'" H  N N 67  
C   "H1'"  H  N N 68  
C   H41    H  N N 69  
C   H42    H  N N 70  
C   H5     H  N N 71  
C   H6     H  N N 72  
CA  CA     CA N N 73  
G   OP3    O  N N 74  
G   P      P  N N 75  
G   OP1    O  N N 76  
G   OP2    O  N N 77  
G   "O5'"  O  N N 78  
G   "C5'"  C  N N 79  
G   "C4'"  C  N R 80  
G   "O4'"  O  N N 81  
G   "C3'"  C  N S 82  
G   "O3'"  O  N N 83  
G   "C2'"  C  N R 84  
G   "O2'"  O  N N 85  
G   "C1'"  C  N R 86  
G   N9     N  Y N 87  
G   C8     C  Y N 88  
G   N7     N  Y N 89  
G   C5     C  Y N 90  
G   C6     C  N N 91  
G   O6     O  N N 92  
G   N1     N  N N 93  
G   C2     C  N N 94  
G   N2     N  N N 95  
G   N3     N  N N 96  
G   C4     C  Y N 97  
G   HOP3   H  N N 98  
G   HOP2   H  N N 99  
G   "H5'"  H  N N 100 
G   "H5''" H  N N 101 
G   "H4'"  H  N N 102 
G   "H3'"  H  N N 103 
G   "HO3'" H  N N 104 
G   "H2'"  H  N N 105 
G   "HO2'" H  N N 106 
G   "H1'"  H  N N 107 
G   H8     H  N N 108 
G   H1     H  N N 109 
G   H21    H  N N 110 
G   H22    H  N N 111 
HOH O      O  N N 112 
HOH H1     H  N N 113 
HOH H2     H  N N 114 
U   OP3    O  N N 115 
U   P      P  N N 116 
U   OP1    O  N N 117 
U   OP2    O  N N 118 
U   "O5'"  O  N N 119 
U   "C5'"  C  N N 120 
U   "C4'"  C  N R 121 
U   "O4'"  O  N N 122 
U   "C3'"  C  N S 123 
U   "O3'"  O  N N 124 
U   "C2'"  C  N R 125 
U   "O2'"  O  N N 126 
U   "C1'"  C  N R 127 
U   N1     N  N N 128 
U   C2     C  N N 129 
U   O2     O  N N 130 
U   N3     N  N N 131 
U   C4     C  N N 132 
U   O4     O  N N 133 
U   C5     C  N N 134 
U   C6     C  N N 135 
U   HOP3   H  N N 136 
U   HOP2   H  N N 137 
U   "H5'"  H  N N 138 
U   "H5''" H  N N 139 
U   "H4'"  H  N N 140 
U   "H3'"  H  N N 141 
U   "HO3'" H  N N 142 
U   "H2'"  H  N N 143 
U   "HO2'" H  N N 144 
U   "H1'"  H  N N 145 
U   H3     H  N N 146 
U   H5     H  N N 147 
U   H6     H  N N 148 
# 
loop_
_chem_comp_bond.comp_id 
_chem_comp_bond.atom_id_1 
_chem_comp_bond.atom_id_2 
_chem_comp_bond.value_order 
_chem_comp_bond.pdbx_aromatic_flag 
_chem_comp_bond.pdbx_stereo_config 
_chem_comp_bond.pdbx_ordinal 
A   OP3   P      sing N N 1   
A   OP3   HOP3   sing N N 2   
A   P     OP1    doub N N 3   
A   P     OP2    sing N N 4   
A   P     "O5'"  sing N N 5   
A   OP2   HOP2   sing N N 6   
A   "O5'" "C5'"  sing N N 7   
A   "C5'" "C4'"  sing N N 8   
A   "C5'" "H5'"  sing N N 9   
A   "C5'" "H5''" sing N N 10  
A   "C4'" "O4'"  sing N N 11  
A   "C4'" "C3'"  sing N N 12  
A   "C4'" "H4'"  sing N N 13  
A   "O4'" "C1'"  sing N N 14  
A   "C3'" "O3'"  sing N N 15  
A   "C3'" "C2'"  sing N N 16  
A   "C3'" "H3'"  sing N N 17  
A   "O3'" "HO3'" sing N N 18  
A   "C2'" "O2'"  sing N N 19  
A   "C2'" "C1'"  sing N N 20  
A   "C2'" "H2'"  sing N N 21  
A   "O2'" "HO2'" sing N N 22  
A   "C1'" N9     sing N N 23  
A   "C1'" "H1'"  sing N N 24  
A   N9    C8     sing Y N 25  
A   N9    C4     sing Y N 26  
A   C8    N7     doub Y N 27  
A   C8    H8     sing N N 28  
A   N7    C5     sing Y N 29  
A   C5    C6     sing Y N 30  
A   C5    C4     doub Y N 31  
A   C6    N6     sing N N 32  
A   C6    N1     doub Y N 33  
A   N6    H61    sing N N 34  
A   N6    H62    sing N N 35  
A   N1    C2     sing Y N 36  
A   C2    N3     doub Y N 37  
A   C2    H2     sing N N 38  
A   N3    C4     sing Y N 39  
C   OP3   P      sing N N 40  
C   OP3   HOP3   sing N N 41  
C   P     OP1    doub N N 42  
C   P     OP2    sing N N 43  
C   P     "O5'"  sing N N 44  
C   OP2   HOP2   sing N N 45  
C   "O5'" "C5'"  sing N N 46  
C   "C5'" "C4'"  sing N N 47  
C   "C5'" "H5'"  sing N N 48  
C   "C5'" "H5''" sing N N 49  
C   "C4'" "O4'"  sing N N 50  
C   "C4'" "C3'"  sing N N 51  
C   "C4'" "H4'"  sing N N 52  
C   "O4'" "C1'"  sing N N 53  
C   "C3'" "O3'"  sing N N 54  
C   "C3'" "C2'"  sing N N 55  
C   "C3'" "H3'"  sing N N 56  
C   "O3'" "HO3'" sing N N 57  
C   "C2'" "O2'"  sing N N 58  
C   "C2'" "C1'"  sing N N 59  
C   "C2'" "H2'"  sing N N 60  
C   "O2'" "HO2'" sing N N 61  
C   "C1'" N1     sing N N 62  
C   "C1'" "H1'"  sing N N 63  
C   N1    C2     sing N N 64  
C   N1    C6     sing N N 65  
C   C2    O2     doub N N 66  
C   C2    N3     sing N N 67  
C   N3    C4     doub N N 68  
C   C4    N4     sing N N 69  
C   C4    C5     sing N N 70  
C   N4    H41    sing N N 71  
C   N4    H42    sing N N 72  
C   C5    C6     doub N N 73  
C   C5    H5     sing N N 74  
C   C6    H6     sing N N 75  
G   OP3   P      sing N N 76  
G   OP3   HOP3   sing N N 77  
G   P     OP1    doub N N 78  
G   P     OP2    sing N N 79  
G   P     "O5'"  sing N N 80  
G   OP2   HOP2   sing N N 81  
G   "O5'" "C5'"  sing N N 82  
G   "C5'" "C4'"  sing N N 83  
G   "C5'" "H5'"  sing N N 84  
G   "C5'" "H5''" sing N N 85  
G   "C4'" "O4'"  sing N N 86  
G   "C4'" "C3'"  sing N N 87  
G   "C4'" "H4'"  sing N N 88  
G   "O4'" "C1'"  sing N N 89  
G   "C3'" "O3'"  sing N N 90  
G   "C3'" "C2'"  sing N N 91  
G   "C3'" "H3'"  sing N N 92  
G   "O3'" "HO3'" sing N N 93  
G   "C2'" "O2'"  sing N N 94  
G   "C2'" "C1'"  sing N N 95  
G   "C2'" "H2'"  sing N N 96  
G   "O2'" "HO2'" sing N N 97  
G   "C1'" N9     sing N N 98  
G   "C1'" "H1'"  sing N N 99  
G   N9    C8     sing Y N 100 
G   N9    C4     sing Y N 101 
G   C8    N7     doub Y N 102 
G   C8    H8     sing N N 103 
G   N7    C5     sing Y N 104 
G   C5    C6     sing N N 105 
G   C5    C4     doub Y N 106 
G   C6    O6     doub N N 107 
G   C6    N1     sing N N 108 
G   N1    C2     sing N N 109 
G   N1    H1     sing N N 110 
G   C2    N2     sing N N 111 
G   C2    N3     doub N N 112 
G   N2    H21    sing N N 113 
G   N2    H22    sing N N 114 
G   N3    C4     sing N N 115 
HOH O     H1     sing N N 116 
HOH O     H2     sing N N 117 
U   OP3   P      sing N N 118 
U   OP3   HOP3   sing N N 119 
U   P     OP1    doub N N 120 
U   P     OP2    sing N N 121 
U   P     "O5'"  sing N N 122 
U   OP2   HOP2   sing N N 123 
U   "O5'" "C5'"  sing N N 124 
U   "C5'" "C4'"  sing N N 125 
U   "C5'" "H5'"  sing N N 126 
U   "C5'" "H5''" sing N N 127 
U   "C4'" "O4'"  sing N N 128 
U   "C4'" "C3'"  sing N N 129 
U   "C4'" "H4'"  sing N N 130 
U   "O4'" "C1'"  sing N N 131 
U   "C3'" "O3'"  sing N N 132 
U   "C3'" "C2'"  sing N N 133 
U   "C3'" "H3'"  sing N N 134 
U   "O3'" "HO3'" sing N N 135 
U   "C2'" "O2'"  sing N N 136 
U   "C2'" "C1'"  sing N N 137 
U   "C2'" "H2'"  sing N N 138 
U   "O2'" "HO2'" sing N N 139 
U   "C1'" N1     sing N N 140 
U   "C1'" "H1'"  sing N N 141 
U   N1    C2     sing N N 142 
U   N1    C6     sing N N 143 
U   C2    O2     doub N N 144 
U   C2    N3     sing N N 145 
U   N3    C4     sing N N 146 
U   N3    H3     sing N N 147 
U   C4    O4     doub N N 148 
U   C4    C5     sing N N 149 
U   C5    C6     doub N N 150 
U   C5    H5     sing N N 151 
U   C6    H6     sing N N 152 
# 
loop_
_ndb_struct_conf_na.entry_id 
_ndb_struct_conf_na.feature 
9DE8 'double helix'         
9DE8 'a-form double helix'  
9DE8 tetraloop              
9DE8 'bulge loop'           
9DE8 'mismatched base pair' 
# 
loop_
_ndb_struct_na_base_pair.model_number 
_ndb_struct_na_base_pair.i_label_asym_id 
_ndb_struct_na_base_pair.i_label_comp_id 
_ndb_struct_na_base_pair.i_label_seq_id 
_ndb_struct_na_base_pair.i_symmetry 
_ndb_struct_na_base_pair.j_label_asym_id 
_ndb_struct_na_base_pair.j_label_comp_id 
_ndb_struct_na_base_pair.j_label_seq_id 
_ndb_struct_na_base_pair.j_symmetry 
_ndb_struct_na_base_pair.shear 
_ndb_struct_na_base_pair.stretch 
_ndb_struct_na_base_pair.stagger 
_ndb_struct_na_base_pair.buckle 
_ndb_struct_na_base_pair.propeller 
_ndb_struct_na_base_pair.opening 
_ndb_struct_na_base_pair.pair_number 
_ndb_struct_na_base_pair.pair_name 
_ndb_struct_na_base_pair.i_auth_asym_id 
_ndb_struct_na_base_pair.i_auth_seq_id 
_ndb_struct_na_base_pair.i_PDB_ins_code 
_ndb_struct_na_base_pair.j_auth_asym_id 
_ndb_struct_na_base_pair.j_auth_seq_id 
_ndb_struct_na_base_pair.j_PDB_ins_code 
_ndb_struct_na_base_pair.hbond_type_28 
_ndb_struct_na_base_pair.hbond_type_12 
1 A G 2  1_555 A C 56 1_555 0.428  -0.309 -0.082 -17.560 -21.399 -2.493  1  A_G3:C57_A  A 3  ? A 57 ? 19 1  
1 A U 3  1_555 A A 55 1_555 0.598  0.115  0.426  -16.227 -14.699 -4.956  2  A_U4:A56_A  A 4  ? A 56 ? 20 1  
1 A U 5  1_555 A A 54 1_555 1.155  -0.019 -0.151 1.066   -1.913  0.195   3  A_U6:A55_A  A 6  ? A 55 ? 20 1  
1 A C 6  1_555 A G 53 1_555 0.723  -0.313 -0.729 -2.467  -7.924  -16.994 4  A_C7:G54_A  A 7  ? A 54 ? 19 1  
1 A U 7  1_555 A G 52 1_555 1.727  -0.557 -0.186 0.401   -7.663  -2.581  5  A_U8:G53_A  A 8  ? A 53 ? 28 1  
1 A C 8  1_555 A G 51 1_555 0.147  -0.138 0.039  1.299   -17.631 -0.137  6  A_C9:G52_A  A 9  ? A 52 ? 19 1  
1 A U 9  1_555 A A 50 1_555 -0.281 0.048  0.179  -1.211  -11.083 2.505   7  A_U10:A51_A A 10 ? A 51 ? 20 1  
1 A G 10 1_555 A U 49 1_555 -2.264 -0.400 0.116  4.992   -9.475  3.658   8  A_G11:U50_A A 11 ? A 50 ? 28 1  
1 A G 11 1_555 A C 48 1_555 -0.147 -0.051 -0.112 -3.156  -17.001 1.329   9  A_G12:C49_A A 12 ? A 49 ? 19 1  
1 A U 12 1_555 A A 47 1_555 0.114  -0.035 0.228  -11.701 -14.580 -2.023  10 A_U13:A48_A A 13 ? A 48 ? 20 1  
1 A U 13 1_555 A A 46 1_555 0.204  -0.132 0.235  -2.179  -7.678  -1.424  11 A_U14:A47_A A 14 ? A 47 ? 20 1  
1 A A 14 1_555 A U 45 1_555 0.194  -0.024 -0.243 -0.751  -18.224 4.359   12 A_A15:U46_A A 15 ? A 46 ? 20 1  
1 A G 16 1_555 A C 44 1_555 -0.243 -0.337 -0.511 -5.429  -5.365  4.163   13 A_G17:C45_A A 17 ? A 45 ? 19 1  
1 A C 17 1_555 A G 43 1_555 -0.004 -0.072 -0.250 -1.405  2.007   3.448   14 A_C18:G44_A A 18 ? A 44 ? 19 1  
1 A C 18 1_555 A G 42 1_555 0.158  0.066  -0.178 -3.304  -7.093  3.561   15 A_C19:G43_A A 19 ? A 43 ? 19 1  
1 A A 19 1_555 A U 41 1_555 0.040  -0.042 0.244  -5.530  -8.289  2.061   16 A_A20:U42_A A 20 ? A 42 ? 20 1  
1 A G 20 1_555 A C 40 1_555 -0.100 -0.025 0.433  -7.073  -15.405 0.768   17 A_G21:C41_A A 21 ? A 41 ? 19 1  
1 A A 21 1_555 A U 39 1_555 -0.107 0.061  0.091  -12.914 -21.471 -2.401  18 A_A22:U40_A A 22 ? A 40 ? 20 1  
1 A G 25 1_555 A C 38 1_555 -0.390 -0.235 -0.399 -4.219  -1.717  -0.037  19 A_G26:C39_A A 26 ? A 39 ? 19 1  
1 A A 26 1_555 A U 37 1_555 -0.015 0.043  -0.118 -2.113  -6.437  3.937   20 A_A27:U38_A A 27 ? A 38 ? 20 1  
1 A G 27 1_555 A C 36 1_555 -0.234 -0.016 -0.483 -10.314 -10.794 0.655   21 A_G28:C37_A A 28 ? A 37 ? 19 1  
1 A C 28 1_555 A G 35 1_555 0.513  -0.010 -0.026 -10.997 0.231   1.078   22 A_C29:G36_A A 29 ? A 36 ? 19 1  
1 A C 29 1_555 A A 34 1_555 5.243  -0.801 0.232  -9.566  15.671  -5.273  23 A_C30:A35_A A 30 ? A 35 ? ?  ?  
1 A G 30 1_555 A A 33 1_555 6.875  -5.240 0.605  18.748  20.542  -10.121 24 A_G31:A34_A A 31 ? A 34 ? ?  10 
# 
loop_
_ndb_struct_na_base_pair_step.model_number 
_ndb_struct_na_base_pair_step.i_label_asym_id_1 
_ndb_struct_na_base_pair_step.i_label_comp_id_1 
_ndb_struct_na_base_pair_step.i_label_seq_id_1 
_ndb_struct_na_base_pair_step.i_symmetry_1 
_ndb_struct_na_base_pair_step.j_label_asym_id_1 
_ndb_struct_na_base_pair_step.j_label_comp_id_1 
_ndb_struct_na_base_pair_step.j_label_seq_id_1 
_ndb_struct_na_base_pair_step.j_symmetry_1 
_ndb_struct_na_base_pair_step.i_label_asym_id_2 
_ndb_struct_na_base_pair_step.i_label_comp_id_2 
_ndb_struct_na_base_pair_step.i_label_seq_id_2 
_ndb_struct_na_base_pair_step.i_symmetry_2 
_ndb_struct_na_base_pair_step.j_label_asym_id_2 
_ndb_struct_na_base_pair_step.j_label_comp_id_2 
_ndb_struct_na_base_pair_step.j_label_seq_id_2 
_ndb_struct_na_base_pair_step.j_symmetry_2 
_ndb_struct_na_base_pair_step.shift 
_ndb_struct_na_base_pair_step.slide 
_ndb_struct_na_base_pair_step.rise 
_ndb_struct_na_base_pair_step.tilt 
_ndb_struct_na_base_pair_step.roll 
_ndb_struct_na_base_pair_step.twist 
_ndb_struct_na_base_pair_step.x_displacement 
_ndb_struct_na_base_pair_step.y_displacement 
_ndb_struct_na_base_pair_step.helical_rise 
_ndb_struct_na_base_pair_step.inclination 
_ndb_struct_na_base_pair_step.tip 
_ndb_struct_na_base_pair_step.helical_twist 
_ndb_struct_na_base_pair_step.step_number 
_ndb_struct_na_base_pair_step.step_name 
_ndb_struct_na_base_pair_step.i_auth_asym_id_1 
_ndb_struct_na_base_pair_step.i_auth_seq_id_1 
_ndb_struct_na_base_pair_step.i_PDB_ins_code_1 
_ndb_struct_na_base_pair_step.j_auth_asym_id_1 
_ndb_struct_na_base_pair_step.j_auth_seq_id_1 
_ndb_struct_na_base_pair_step.j_PDB_ins_code_1 
_ndb_struct_na_base_pair_step.i_auth_asym_id_2 
_ndb_struct_na_base_pair_step.i_auth_seq_id_2 
_ndb_struct_na_base_pair_step.i_PDB_ins_code_2 
_ndb_struct_na_base_pair_step.j_auth_asym_id_2 
_ndb_struct_na_base_pair_step.j_auth_seq_id_2 
_ndb_struct_na_base_pair_step.j_PDB_ins_code_2 
1 A G 2  1_555 A C 56 1_555 A U 3  1_555 A A 55 1_555 -0.054 -1.095 3.149 -1.110 8.912  34.495 -2.986 -0.062 2.790 14.721 1.834  
35.611 1  AA_G3U4:A56C57_AA   A 3  ? A 57 ? A 4  ? A 56 ? 
1 A U 3  1_555 A A 55 1_555 A U 5  1_555 A A 54 1_555 -2.343 -0.592 2.686 2.904  9.264  52.570 -1.121 2.752  2.434 10.359 -3.247 
53.396 2  AA_U4U6:A55A56_AA   A 4  ? A 56 ? A 6  ? A 55 ? 
1 A U 5  1_555 A A 54 1_555 A C 6  1_555 A G 53 1_555 -0.983 -1.862 3.409 3.158  6.355  34.091 -4.060 2.115  2.925 10.695 -5.315 
34.800 3  AA_U6C7:G54A55_AA   A 6  ? A 55 ? A 7  ? A 54 ? 
1 A C 6  1_555 A G 53 1_555 A U 7  1_555 A G 52 1_555 0.221  -1.565 3.230 -1.633 11.124 31.307 -4.429 -0.634 2.528 19.829 2.911  
33.217 4  AA_C7U8:G53G54_AA   A 7  ? A 54 ? A 8  ? A 53 ? 
1 A U 7  1_555 A G 52 1_555 A C 8  1_555 A G 51 1_555 0.360  -1.951 3.006 1.044  9.924  29.626 -5.183 -0.506 2.261 18.750 -1.973 
31.225 5  AA_U8C9:G52G53_AA   A 8  ? A 53 ? A 9  ? A 52 ? 
1 A C 8  1_555 A G 51 1_555 A U 9  1_555 A A 50 1_555 -0.616 -1.604 3.268 -4.029 9.176  27.619 -5.016 0.404  2.671 18.467 8.110  
29.348 6  AA_C9U10:A51G52_AA  A 9  ? A 52 ? A 10 ? A 51 ? 
1 A U 9  1_555 A A 50 1_555 A G 10 1_555 A U 49 1_555 0.328  -1.638 2.894 -3.530 9.596  24.990 -5.445 -1.415 2.069 21.085 7.757  
26.970 7  AA_U10G11:U50A51_AA A 10 ? A 51 ? A 11 ? A 50 ? 
1 A G 10 1_555 A U 49 1_555 A G 11 1_555 A C 48 1_555 -0.348 -1.260 3.523 -1.533 12.154 40.096 -3.070 0.323  3.043 17.246 2.176  
41.852 8  AA_G11G12:C49U50_AA A 11 ? A 50 ? A 12 ? A 49 ? 
1 A G 11 1_555 A C 48 1_555 A U 12 1_555 A A 47 1_555 -0.463 -1.395 3.453 -2.930 14.199 34.531 -4.020 0.343  2.720 22.720 4.689  
37.365 9  AA_G12U13:A48C49_AA A 12 ? A 49 ? A 13 ? A 48 ? 
1 A U 12 1_555 A A 47 1_555 A U 13 1_555 A A 46 1_555 0.199  -1.162 2.957 0.126  6.820  32.784 -2.996 -0.328 2.669 11.923 -0.220 
33.468 10 AA_U13U14:A47A48_AA A 13 ? A 48 ? A 14 ? A 47 ? 
1 A U 13 1_555 A A 46 1_555 A A 14 1_555 A U 45 1_555 0.454  -1.323 3.193 4.592  10.832 30.452 -4.094 -0.074 2.621 19.722 -8.360 
32.596 11 AA_U14A15:U46A47_AA A 14 ? A 47 ? A 15 ? A 46 ? 
1 A A 14 1_555 A U 45 1_555 A G 16 1_555 A C 44 1_555 -1.657 -1.221 3.138 -6.080 16.163 41.206 -3.000 1.665  2.707 21.847 8.218  
44.532 12 AA_A15G17:C45U46_AA A 15 ? A 46 ? A 17 ? A 45 ? 
1 A G 16 1_555 A C 44 1_555 A C 17 1_555 A G 43 1_555 0.019  -1.994 3.159 -2.515 3.570  33.440 -3.980 -0.415 2.928 6.172  4.347  
33.716 13 AA_G17C18:G44C45_AA A 17 ? A 45 ? A 18 ? A 44 ? 
1 A C 17 1_555 A G 43 1_555 A C 18 1_555 A G 42 1_555 -0.102 -1.847 3.363 4.258  6.128  30.329 -4.564 0.977  2.902 11.494 -7.987 
31.213 14 AA_C18C19:G43G44_AA A 18 ? A 44 ? A 19 ? A 43 ? 
1 A C 18 1_555 A G 42 1_555 A A 19 1_555 A U 41 1_555 -0.041 -1.641 3.141 -3.196 11.518 29.473 -4.842 -0.436 2.343 21.556 5.981  
31.755 15 AA_C19A20:U42G43_AA A 19 ? A 43 ? A 20 ? A 42 ? 
1 A A 19 1_555 A U 41 1_555 A G 20 1_555 A C 40 1_555 -0.061 -1.545 3.253 -0.630 4.517  32.688 -3.459 0.004  3.019 7.978  1.113  
32.996 16 AA_A20G21:C41U42_AA A 20 ? A 42 ? A 21 ? A 41 ? 
1 A G 20 1_555 A C 40 1_555 A A 21 1_555 A U 39 1_555 -0.143 -1.413 3.414 2.959  6.207  34.291 -3.295 0.688  3.096 10.398 -4.957 
34.954 17 AA_G21A22:U40C41_AA A 21 ? A 41 ? A 22 ? A 40 ? 
1 A A 21 1_555 A U 39 1_555 A G 25 1_555 A C 38 1_555 -1.877 -1.722 3.107 5.427  18.341 47.567 -3.061 2.492  2.137 21.743 -6.433 
51.061 18 AA_A22G26:C39U40_AA A 22 ? A 40 ? A 26 ? A 39 ? 
1 A G 25 1_555 A C 38 1_555 A A 26 1_555 A U 37 1_555 -0.332 -1.511 3.402 -2.387 4.451  34.564 -3.202 0.187  3.204 7.441  3.990  
34.920 19 AA_G26A27:U38C39_AA A 26 ? A 39 ? A 27 ? A 38 ? 
1 A A 26 1_555 A U 37 1_555 A G 27 1_555 A C 36 1_555 0.897  -2.132 3.421 4.634  12.100 26.369 -6.643 -0.840 2.358 24.716 -9.466 
29.330 20 AA_A27G28:C37U38_AA A 27 ? A 38 ? A 28 ? A 37 ? 
1 A G 27 1_555 A C 36 1_555 A C 28 1_555 A G 35 1_555 -0.201 -1.885 3.420 -1.521 0.869  36.799 -3.106 0.104  3.381 1.375  2.408  
36.839 21 AA_G28C29:G36C37_AA A 28 ? A 37 ? A 29 ? A 36 ? 
1 A C 28 1_555 A G 35 1_555 A C 29 1_555 A A 34 1_555 -0.194 -1.342 3.299 4.986  8.767  47.512 -2.291 0.610  2.988 10.741 -6.109 
48.510 22 AA_C29C30:A35G36_AA A 29 ? A 36 ? A 30 ? A 35 ? 
1 A C 29 1_555 A A 34 1_555 A G 30 1_555 A A 33 1_555 -0.029 -0.933 2.643 3.019  8.429  34.266 -2.497 0.393  2.344 14.011 -5.019 
35.383 23 AA_C30G31:A34A35_AA A 30 ? A 35 ? A 31 ? A 34 ? 
# 
_pdbx_audit_support.funding_organization   
'National Institutes of Health/National Institute of Diabetes and Digestive and Kidney Disease (NIH/NIDDK)' 
_pdbx_audit_support.country                'United States' 
_pdbx_audit_support.grant_number           ? 
_pdbx_audit_support.ordinal                1 
# 
_atom_sites.entry_id                    9DE8 
_atom_sites.Cartn_transf_matrix[1][1]   ? 
_atom_sites.Cartn_transf_matrix[1][2]   ? 
_atom_sites.Cartn_transf_matrix[1][3]   ? 
_atom_sites.Cartn_transf_matrix[2][1]   ? 
_atom_sites.Cartn_transf_matrix[2][2]   ? 
_atom_sites.Cartn_transf_matrix[2][3]   ? 
_atom_sites.Cartn_transf_matrix[3][1]   ? 
_atom_sites.Cartn_transf_matrix[3][2]   ? 
_atom_sites.Cartn_transf_matrix[3][3]   ? 
_atom_sites.Cartn_transf_vector[1]      ? 
_atom_sites.Cartn_transf_vector[2]      ? 
_atom_sites.Cartn_transf_vector[3]      ? 
_atom_sites.Cartn_transform_axes        ? 
_atom_sites.fract_transf_matrix[1][1]   0.02041958 
_atom_sites.fract_transf_matrix[1][2]   -0.00802090 
_atom_sites.fract_transf_matrix[1][3]   0.02282400 
_atom_sites.fract_transf_matrix[2][1]   0.00356861 
_atom_sites.fract_transf_matrix[2][2]   0.02046669 
_atom_sites.fract_transf_matrix[2][3]   0.00399981 
_atom_sites.fract_transf_matrix[3][1]   -0.00561532 
_atom_sites.fract_transf_matrix[3][2]   -0.00000253 
_atom_sites.fract_transf_matrix[3][3]   0.00502288 
_atom_sites.fract_transf_vector[1]      0.140450 
_atom_sites.fract_transf_vector[2]      -0.283378 
_atom_sites.fract_transf_vector[3]      -0.211043 
_atom_sites.solution_primary            ? 
_atom_sites.solution_secondary          ? 
_atom_sites.solution_hydrogens          ? 
_atom_sites.special_details             ? 
# 
loop_
_atom_type.symbol 
C  
CA 
N  
O  
P  
# 
loop_
_atom_site.group_PDB 
_atom_site.id 
_atom_site.type_symbol 
_atom_site.label_atom_id 
_atom_site.label_alt_id 
_atom_site.label_comp_id 
_atom_site.label_asym_id 
_atom_site.label_entity_id 
_atom_site.label_seq_id 
_atom_site.pdbx_PDB_ins_code 
_atom_site.Cartn_x 
_atom_site.Cartn_y 
_atom_site.Cartn_z 
_atom_site.occupancy 
_atom_site.B_iso_or_equiv 
_atom_site.pdbx_formal_charge 
_atom_site.auth_seq_id 
_atom_site.auth_comp_id 
_atom_site.auth_asym_id 
_atom_site.auth_atom_id 
_atom_site.pdbx_PDB_model_num 
ATOM   1    P  P     . G   A 1 1  ? 1.22699   -22.29064 26.16092  1.000 142.94676 ? 2   G   A P     1 
ATOM   2    O  OP1   . G   A 1 1  ? 1.37170   -23.35069 25.13026  1.000 139.29920 ? 2   G   A OP1   1 
ATOM   3    O  OP2   . G   A 1 1  ? 1.56701   -20.88490 25.82273  1.000 139.94530 ? 2   G   A OP2   1 
ATOM   4    O  "O5'" . G   A 1 1  ? -0.27363  -22.32683 26.69657  1.000 148.00318 ? 2   G   A "O5'" 1 
ATOM   5    C  "C5'" . G   A 1 1  ? -1.08414  -23.48008 26.51922  1.000 147.25511 ? 2   G   A "C5'" 1 
ATOM   6    C  "C4'" . G   A 1 1  ? -2.38046  -23.37218 27.28388  1.000 146.93962 ? 2   G   A "C4'" 1 
ATOM   7    O  "O4'" . G   A 1 1  ? -2.10710  -23.03833 28.66979  1.000 145.71466 ? 2   G   A "O4'" 1 
ATOM   8    C  "C3'" . G   A 1 1  ? -3.33797  -22.28383 26.82410  1.000 148.86752 ? 2   G   A "C3'" 1 
ATOM   9    O  "O3'" . G   A 1 1  ? -4.10760  -22.66830 25.69793  1.000 153.70007 ? 2   G   A "O3'" 1 
ATOM   10   C  "C2'" . G   A 1 1  ? -4.16958  -22.02382 28.07284  1.000 146.09836 ? 2   G   A "C2'" 1 
ATOM   11   O  "O2'" . G   A 1 1  ? -5.15653  -23.03143 28.23651  1.000 146.13045 ? 2   G   A "O2'" 1 
ATOM   12   C  "C1'" . G   A 1 1  ? -3.12090  -22.19313 29.17201  1.000 143.37946 ? 2   G   A "C1'" 1 
ATOM   13   P  P     . G   A 1 2  ? -4.18706  -21.71482 24.40592  1.000 157.93705 ? 3   G   A P     1 
ATOM   14   O  OP1   . G   A 1 2  ? -4.03787  -22.56024 23.19287  1.000 151.70479 ? 3   G   A OP1   1 
ATOM   15   O  OP2   . G   A 1 2  ? -3.26504  -20.56990 24.62513  1.000 151.35601 ? 3   G   A OP2   1 
ATOM   16   O  "O5'" . G   A 1 2  ? -5.67416  -21.14602 24.43995  1.000 151.87128 ? 3   G   A "O5'" 1 
ATOM   17   C  "C5'" . G   A 1 2  ? -6.76593  -21.97305 24.81405  1.000 149.39983 ? 3   G   A "C5'" 1 
ATOM   18   C  "C4'" . G   A 1 2  ? -7.86814  -21.16472 25.44855  1.000 146.46447 ? 3   G   A "C4'" 1 
ATOM   19   O  "O4'" . G   A 1 2  ? -7.47645  -20.76751 26.78812  1.000 144.20054 ? 3   G   A "O4'" 1 
ATOM   20   C  "C3'" . G   A 1 2  ? -8.20515  -19.85378 24.75560  1.000 145.72726 ? 3   G   A "C3'" 1 
ATOM   21   O  "O3'" . G   A 1 2  ? -9.06189  -20.02541 23.63932  1.000 144.99194 ? 3   G   A "O3'" 1 
ATOM   22   C  "C2'" . G   A 1 2  ? -8.81634  -19.02742 25.88002  1.000 144.70654 ? 3   G   A "C2'" 1 
ATOM   23   O  "O2'" . G   A 1 2  ? -10.16653 -19.40477 26.10634  1.000 144.68302 ? 3   G   A "O2'" 1 
ATOM   24   C  "C1'" . G   A 1 2  ? -7.97967  -19.48056 27.07775  1.000 143.96287 ? 3   G   A "C1'" 1 
ATOM   25   N  N9    . G   A 1 2  ? -6.83890  -18.58096 27.33372  1.000 143.28021 ? 3   G   A N9    1 
ATOM   26   C  C8    . G   A 1 2  ? -5.51327  -18.84218 27.08496  1.000 143.42548 ? 3   G   A C8    1 
ATOM   27   N  N7    . G   A 1 2  ? -4.72577  -17.85616 27.41669  1.000 142.98555 ? 3   G   A N7    1 
ATOM   28   C  C5    . G   A 1 2  ? -5.58151  -16.88535 27.91956  1.000 142.01023 ? 3   G   A C5    1 
ATOM   29   C  C6    . G   A 1 2  ? -5.30459  -15.59013 28.43250  1.000 141.45156 ? 3   G   A C6    1 
ATOM   30   O  O6    . G   A 1 2  ? -4.21014  -15.02652 28.55870  1.000 140.90469 ? 3   G   A O6    1 
ATOM   31   N  N1    . G   A 1 2  ? -6.46684  -14.93901 28.83349  1.000 140.41846 ? 3   G   A N1    1 
ATOM   32   C  C2    . G   A 1 2  ? -7.73362  -15.46112 28.74747  1.000 140.54615 ? 3   G   A C2    1 
ATOM   33   N  N2    . G   A 1 2  ? -8.72714  -14.67385 29.18488  1.000 137.50671 ? 3   G   A N2    1 
ATOM   34   N  N3    . G   A 1 2  ? -8.00569  -16.66470 28.26822  1.000 141.67162 ? 3   G   A N3    1 
ATOM   35   C  C4    . G   A 1 2  ? -6.89058  -17.31759 27.87562  1.000 142.08872 ? 3   G   A C4    1 
ATOM   36   P  P     . U   A 1 3  ? -8.75364  -19.26655 22.25624  1.000 145.23286 ? 4   U   A P     1 
ATOM   37   O  OP1   . U   A 1 3  ? -9.53512  -19.93161 21.18302  1.000 143.88858 ? 4   U   A OP1   1 
ATOM   38   O  OP2   . U   A 1 3  ? -7.28083  -19.14424 22.11439  1.000 148.11085 ? 4   U   A OP2   1 
ATOM   39   O  "O5'" . U   A 1 3  ? -9.35726  -17.80823 22.47535  1.000 140.12414 ? 4   U   A "O5'" 1 
ATOM   40   C  "C5'" . U   A 1 3  ? -10.74430 -17.62707 22.71576  1.000 138.38827 ? 4   U   A "C5'" 1 
ATOM   41   C  "C4'" . U   A 1 3  ? -11.02563 -16.31618 23.40595  1.000 139.83559 ? 4   U   A "C4'" 1 
ATOM   42   O  "O4'" . U   A 1 3  ? -10.29557 -16.24851 24.65833  1.000 139.55770 ? 4   U   A "O4'" 1 
ATOM   43   C  "C3'" . U   A 1 3  ? -10.59832 -15.05983 22.66367  1.000 141.58488 ? 4   U   A "C3'" 1 
ATOM   44   O  "O3'" . U   A 1 3  ? -11.51911 -14.67288 21.65786  1.000 144.55240 ? 4   U   A "O3'" 1 
ATOM   45   C  "C2'" . U   A 1 3  ? -10.46135 -14.04116 23.78884  1.000 139.71770 ? 4   U   A "C2'" 1 
ATOM   46   O  "O2'" . U   A 1 3  ? -11.73372 -13.54230 24.17523  1.000 137.53995 ? 4   U   A "O2'" 1 
ATOM   47   C  "C1'" . U   A 1 3  ? -9.91812  -14.91260 24.92354  1.000 140.64145 ? 4   U   A "C1'" 1 
ATOM   48   N  N1    . U   A 1 3  ? -8.44182  -14.84383 25.02605  1.000 139.63166 ? 4   U   A N1    1 
ATOM   49   C  C2    . U   A 1 3  ? -7.88395  -13.71475 25.59886  1.000 136.11249 ? 4   U   A C2    1 
ATOM   50   O  O2    . U   A 1 3  ? -8.54679  -12.78053 26.01669  1.000 134.63702 ? 4   U   A O2    1 
ATOM   51   N  N3    . U   A 1 3  ? -6.51286  -13.71533 25.66414  1.000 135.39514 ? 4   U   A N3    1 
ATOM   52   C  C4    . U   A 1 3  ? -5.65993  -14.70799 25.22732  1.000 137.76565 ? 4   U   A C4    1 
ATOM   53   O  O4    . U   A 1 3  ? -4.44338  -14.56245 25.35681  1.000 136.95233 ? 4   U   A O4    1 
ATOM   54   C  C5    . U   A 1 3  ? -6.31242  -15.84227 24.64956  1.000 139.30622 ? 4   U   A C5    1 
ATOM   55   C  C6    . U   A 1 3  ? -7.64669  -15.87017 24.57201  1.000 140.22874 ? 4   U   A C6    1 
ATOM   56   P  P     . C   A 1 4  ? -11.03100 -13.80164 20.39737  1.000 146.06156 ? 5   C   A P     1 
ATOM   57   O  OP1   . C   A 1 4  ? -10.68218 -14.74273 19.30150  1.000 138.16102 ? 5   C   A OP1   1 
ATOM   58   O  OP2   . C   A 1 4  ? -10.02669 -12.80990 20.85986  1.000 139.49226 ? 5   C   A OP2   1 
ATOM   59   O  "O5'" . C   A 1 4  ? -12.33591 -12.99894 19.96003  1.000 144.39807 ? 5   C   A "O5'" 1 
ATOM   60   C  "C5'" . C   A 1 4  ? -13.33854 -12.66348 20.90894  1.000 140.14502 ? 5   C   A "C5'" 1 
ATOM   61   C  "C4'" . C   A 1 4  ? -14.25071 -11.57902 20.39204  1.000 138.38746 ? 5   C   A "C4'" 1 
ATOM   62   O  "O4'" . C   A 1 4  ? -15.53650 -11.65646 21.06046  1.000 141.19681 ? 5   C   A "O4'" 1 
ATOM   63   C  "C3'" . C   A 1 4  ? -13.79592 -10.14763 20.63250  1.000 135.30347 ? 5   C   A "C3'" 1 
ATOM   64   O  "O3'" . C   A 1 4  ? -12.83022 -9.70494  19.69448  1.000 133.67757 ? 5   C   A "O3'" 1 
ATOM   65   C  "C2'" . C   A 1 4  ? -15.10488 -9.37054  20.57787  1.000 135.36535 ? 5   C   A "C2'" 1 
ATOM   66   O  "O2'" . C   A 1 4  ? -15.51332 -9.16690  19.23332  1.000 136.48426 ? 5   C   A "O2'" 1 
ATOM   67   C  "C1'" . C   A 1 4  ? -16.06934 -10.35972 21.23326  1.000 137.68201 ? 5   C   A "C1'" 1 
ATOM   68   P  P     . U   A 1 5  ? -12.03287 -8.32999  19.93893  1.000 135.36666 ? 6   U   A P     1 
ATOM   69   O  OP1   . U   A 1 5  ? -12.69422 -7.26269  19.14371  1.000 127.86040 ? 6   U   A OP1   1 
ATOM   70   O  OP2   . U   A 1 5  ? -10.58522 -8.60429  19.74642  1.000 129.54187 ? 6   U   A OP2   1 
ATOM   71   O  "O5'" . U   A 1 5  ? -12.26384 -8.01248  21.48354  1.000 127.67317 ? 6   U   A "O5'" 1 
ATOM   72   C  "C5'" . U   A 1 5  ? -12.92544 -6.82488  21.89642  1.000 123.35813 ? 6   U   A "C5'" 1 
ATOM   73   C  "C4'" . U   A 1 5  ? -12.03534 -5.97494  22.76575  1.000 119.51260 ? 6   U   A "C4'" 1 
ATOM   74   O  "O4'" . U   A 1 5  ? -11.56870 -6.75523  23.89716  1.000 117.26083 ? 6   U   A "O4'" 1 
ATOM   75   C  "C3'" . U   A 1 5  ? -10.76001 -5.47230  22.10805  1.000 117.62742 ? 6   U   A "C3'" 1 
ATOM   76   O  "O3'" . U   A 1 5  ? -10.97279 -4.31296  21.32086  1.000 118.31533 ? 6   U   A "O3'" 1 
ATOM   77   C  "C2'" . U   A 1 5  ? -9.83491  -5.24539  23.29682  1.000 116.36648 ? 6   U   A "C2'" 1 
ATOM   78   O  "O2'" . U   A 1 5  ? -10.13711 -4.01692  23.94244  1.000 113.79954 ? 6   U   A "O2'" 1 
ATOM   79   C  "C1'" . U   A 1 5  ? -10.24424 -6.39142  24.22344  1.000 115.32276 ? 6   U   A "C1'" 1 
ATOM   80   N  N1    . U   A 1 5  ? -9.37922  -7.58477  24.06938  1.000 117.82632 ? 6   U   A N1    1 
ATOM   81   C  C2    . U   A 1 5  ? -8.10507  -7.55402  24.60955  1.000 116.23995 ? 6   U   A C2    1 
ATOM   82   O  O2    . U   A 1 5  ? -7.65035  -6.58639  25.19744  1.000 115.36617 ? 6   U   A O2    1 
ATOM   83   N  N3    . U   A 1 5  ? -7.37284  -8.70317  24.42873  1.000 115.47378 ? 6   U   A N3    1 
ATOM   84   C  C4    . U   A 1 5  ? -7.77456  -9.85589  23.78353  1.000 117.76682 ? 6   U   A C4    1 
ATOM   85   O  O4    . U   A 1 5  ? -6.99883  -10.80899 23.70195  1.000 118.99671 ? 6   U   A O4    1 
ATOM   86   C  C5    . U   A 1 5  ? -9.10429  -9.81184  23.25916  1.000 119.99468 ? 6   U   A C5    1 
ATOM   87   C  C6    . U   A 1 5  ? -9.84016  -8.70721  23.41964  1.000 120.22161 ? 6   U   A C6    1 
ATOM   88   P  P     . C   A 1 6  ? -10.01166 -3.98860  20.07439  1.000 121.39383 ? 7   C   A P     1 
ATOM   89   O  OP1   . C   A 1 6  ? -10.64476 -2.90326  19.28053  1.000 113.82162 ? 7   C   A OP1   1 
ATOM   90   O  OP2   . C   A 1 6  ? -9.66444  -5.27354  19.41359  1.000 116.94209 ? 7   C   A OP2   1 
ATOM   91   O  "O5'" . C   A 1 6  ? -8.69520  -3.39631  20.75027  1.000 112.29576 ? 7   C   A "O5'" 1 
ATOM   92   C  "C5'" . C   A 1 6  ? -8.73051  -2.16151  21.45024  1.000 108.77425 ? 7   C   A "C5'" 1 
ATOM   93   C  "C4'" . C   A 1 6  ? -7.44471  -1.90821  22.19678  1.000 108.43831 ? 7   C   A "C4'" 1 
ATOM   94   O  "O4'" . C   A 1 6  ? -7.19978  -2.98253  23.13922  1.000 107.10669 ? 7   C   A "O4'" 1 
ATOM   95   C  "C3'" . C   A 1 6  ? -6.18021  -1.85949  21.35417  1.000 105.75421 ? 7   C   A "C3'" 1 
ATOM   96   O  "O3'" . C   A 1 6  ? -5.99216  -0.60251  20.72686  1.000 106.03571 ? 7   C   A "O3'" 1 
ATOM   97   C  "C2'" . C   A 1 6  ? -5.09018  -2.20116  22.36307  1.000 103.61419 ? 7   C   A "C2'" 1 
ATOM   98   O  "O2'" . C   A 1 6  ? -4.74438  -1.06082  23.13472  1.000 102.60849 ? 7   C   A "O2'" 1 
ATOM   99   C  "C1'" . C   A 1 6  ? -5.81084  -3.19935  23.27241  1.000 105.20017 ? 7   C   A "C1'" 1 
ATOM   100  N  N1    . C   A 1 6  ? -5.51277  -4.60663  22.92318  1.000 107.70221 ? 7   C   A N1    1 
ATOM   101  C  C2    . C   A 1 6  ? -4.27739  -5.15257  23.28869  1.000 106.31802 ? 7   C   A C2    1 
ATOM   102  O  O2    . C   A 1 6  ? -3.45389  -4.44278  23.88772  1.000 103.58968 ? 7   C   A O2    1 
ATOM   103  N  N3    . C   A 1 6  ? -4.00780  -6.44268  22.97713  1.000 105.50778 ? 7   C   A N3    1 
ATOM   104  C  C4    . C   A 1 6  ? -4.91485  -7.18006  22.33325  1.000 104.85735 ? 7   C   A C4    1 
ATOM   105  N  N4    . C   A 1 6  ? -4.60417  -8.44745  22.04630  1.000 102.77212 ? 7   C   A N4    1 
ATOM   106  C  C5    . C   A 1 6  ? -6.18142  -6.64871  21.95324  1.000 107.37770 ? 7   C   A C5    1 
ATOM   107  C  C6    . C   A 1 6  ? -6.43556  -5.37222  22.26699  1.000 108.18769 ? 7   C   A C6    1 
ATOM   108  P  P     . U   A 1 7  ? -5.33241  -0.51365  19.26430  1.000 111.60497 ? 8   U   A P     1 
ATOM   109  O  OP1   . U   A 1 7  ? -5.30346  0.91643   18.86216  1.000 106.10102 ? 8   U   A OP1   1 
ATOM   110  O  OP2   . U   A 1 7  ? -6.00638  -1.50943  18.39061  1.000 108.06773 ? 8   U   A OP2   1 
ATOM   111  O  "O5'" . U   A 1 7  ? -3.82565  -0.97664  19.49402  1.000 100.44839 ? 8   U   A "O5'" 1 
ATOM   112  C  "C5'" . U   A 1 7  ? -2.91581  -0.15601  20.21043  1.000 94.02419  ? 8   U   A "C5'" 1 
ATOM   113  C  "C4'" . U   A 1 7  ? -1.59654  -0.85219  20.42801  1.000 91.36951  ? 8   U   A "C4'" 1 
ATOM   114  O  "O4'" . U   A 1 7  ? -1.79134  -2.03451  21.24506  1.000 94.45459  ? 8   U   A "O4'" 1 
ATOM   115  C  "C3'" . U   A 1 7  ? -0.90451  -1.37889  19.18173  1.000 87.82690  ? 8   U   A "C3'" 1 
ATOM   116  O  "O3'" . U   A 1 7  ? -0.20508  -0.37235  18.47127  1.000 88.86032  ? 8   U   A "O3'" 1 
ATOM   117  C  "C2'" . U   A 1 7  ? -0.00223  -2.47190  19.73978  1.000 87.47541  ? 8   U   A "C2'" 1 
ATOM   118  O  "O2'" . U   A 1 7  ? 1.17341   -1.91348  20.30816  1.000 82.08975  ? 8   U   A "O2'" 1 
ATOM   119  C  "C1'" . U   A 1 7  ? -0.86832  -3.03545  20.86922  1.000 91.90015  ? 8   U   A "C1'" 1 
ATOM   120  N  N1    . U   A 1 7  ? -1.61441  -4.24667  20.45659  1.000 91.04968  ? 8   U   A N1    1 
ATOM   121  C  C2    . U   A 1 7  ? -0.92303  -5.44371  20.45188  1.000 87.76286  ? 8   U   A C2    1 
ATOM   122  O  O2    . U   A 1 7  ? 0.25104   -5.53118  20.76471  1.000 86.98526  ? 8   U   A O2    1 
ATOM   123  N  N3    . U   A 1 7  ? -1.65321  -6.53937  20.06608  1.000 87.71666  ? 8   U   A N3    1 
ATOM   124  C  C4    . U   A 1 7  ? -2.98086  -6.55991  19.69123  1.000 92.53900  ? 8   U   A C4    1 
ATOM   125  O  O4    . U   A 1 7  ? -3.49801  -7.63215  19.36889  1.000 90.36071  ? 8   U   A O4    1 
ATOM   126  C  C5    . U   A 1 7  ? -3.62968  -5.28192  19.72264  1.000 94.94158  ? 8   U   A C5    1 
ATOM   127  C  C6    . U   A 1 7  ? -2.94172  -4.19555  20.09609  1.000 94.29163  ? 8   U   A C6    1 
ATOM   128  P  P     . C   A 1 8  ? 0.08634   -0.54643  16.90045  1.000 90.16841  ? 9   C   A P     1 
ATOM   129  O  OP1   . C   A 1 8  ? 0.70652   0.71037   16.40044  1.000 79.02497  ? 9   C   A OP1   1 
ATOM   130  O  OP2   . C   A 1 8  ? -1.14875  -1.06140  16.25412  1.000 82.99699  ? 9   C   A OP2   1 
ATOM   131  O  "O5'" . C   A 1 8  ? 1.19794   -1.68576  16.84880  1.000 81.19175  ? 9   C   A "O5'" 1 
ATOM   132  C  "C5'" . C   A 1 8  ? 2.52600   -1.41569  17.27042  1.000 78.29160  ? 9   C   A "C5'" 1 
ATOM   133  C  "C4'" . C   A 1 8  ? 3.36494   -2.66715  17.31108  1.000 73.31358  ? 9   C   A "C4'" 1 
ATOM   134  O  "O4'" . C   A 1 8  ? 2.74414   -3.64826  18.18059  1.000 75.15684  ? 9   C   A "O4'" 1 
ATOM   135  C  "C3'" . C   A 1 8  ? 3.53479   -3.40959  15.99607  1.000 66.67148  ? 9   C   A "C3'" 1 
ATOM   136  O  "O3'" . C   A 1 8  ? 4.50310   -2.83269  15.14045  1.000 62.27798  ? 9   C   A "O3'" 1 
ATOM   137  C  "C2'" . C   A 1 8  ? 3.89695   -4.81043  16.45970  1.000 67.47928  ? 9   C   A "C2'" 1 
ATOM   138  O  "O2'" . C   A 1 8  ? 5.25669   -4.86603  16.86735  1.000 63.59984  ? 9   C   A "O2'" 1 
ATOM   139  C  "C1'" . C   A 1 8  ? 3.01731   -4.94992  17.70253  1.000 71.22940  ? 9   C   A "C1'" 1 
ATOM   140  N  N1    . C   A 1 8  ? 1.73791   -5.63574  17.40786  1.000 70.80813  ? 9   C   A N1    1 
ATOM   141  C  C2    . C   A 1 8  ? 1.73373   -7.03132  17.31110  1.000 68.91912  ? 9   C   A C2    1 
ATOM   142  O  O2    . C   A 1 8  ? 2.79361   -7.65179  17.47034  1.000 69.99520  ? 9   C   A O2    1 
ATOM   143  N  N3    . C   A 1 8  ? 0.57920   -7.67987  17.04589  1.000 68.88631  ? 9   C   A N3    1 
ATOM   144  C  C4    . C   A 1 8  ? -0.54361  -6.98653  16.88102  1.000 71.10438  ? 9   C   A C4    1 
ATOM   145  N  N4    . C   A 1 8  ? -1.65738  -7.67107  16.62271  1.000 70.94145  ? 9   C   A N4    1 
ATOM   146  C  C5    . C   A 1 8  ? -0.57423  -5.56475  16.97388  1.000 75.79211  ? 9   C   A C5    1 
ATOM   147  C  C6    . C   A 1 8  ? 0.57844   -4.93469  17.23527  1.000 74.97346  ? 9   C   A C6    1 
ATOM   148  P  P     . U   A 1 9  ? 4.37189   -3.02034  13.55023  1.000 61.59526  ? 10  U   A P     1 
ATOM   149  O  OP1   . U   A 1 9  ? 5.31764   -2.09005  12.88357  1.000 75.17794  ? 10  U   A OP1   1 
ATOM   150  O  OP2   . U   A 1 9  ? 2.92976   -2.96626  13.20376  1.000 65.35084  ? 10  U   A OP2   1 
ATOM   151  O  "O5'" . U   A 1 9  ? 4.88015   -4.50517  13.29290  1.000 55.20973  ? 10  U   A "O5'" 1 
ATOM   152  C  "C5'" . U   A 1 9  ? 6.21491   -4.88433  13.58567  1.000 54.85670  ? 10  U   A "C5'" 1 
ATOM   153  C  "C4'" . U   A 1 9  ? 6.43172   -6.35095  13.32048  1.000 53.15718  ? 10  U   A "C4'" 1 
ATOM   154  O  "O4'" . U   A 1 9  ? 5.67847   -7.13819  14.27923  1.000 53.79034  ? 10  U   A "O4'" 1 
ATOM   155  C  "C3'" . U   A 1 9  ? 5.94629   -6.85757  11.97264  1.000 47.59595  ? 10  U   A "C3'" 1 
ATOM   156  O  "O3'" . U   A 1 9  ? 6.84657   -6.59081  10.91534  1.000 47.84457  ? 10  U   A "O3'" 1 
ATOM   157  C  "C2'" . U   A 1 9  ? 5.73933   -8.33866  12.23600  1.000 51.47238  ? 10  U   A "C2'" 1 
ATOM   158  O  "O2'" . U   A 1 9  ? 6.98549   -9.01795  12.25023  1.000 51.01588  ? 10  U   A "O2'" 1 
ATOM   159  C  "C1'" . U   A 1 9  ? 5.18948   -8.30886  13.65988  1.000 55.00131  ? 10  U   A "C1'" 1 
ATOM   160  N  N1    . U   A 1 9  ? 3.71016   -8.26803  13.67349  1.000 55.07986  ? 10  U   A N1    1 
ATOM   161  C  C2    . U   A 1 9  ? 3.04009   -9.45721  13.45869  1.000 55.12855  ? 10  U   A C2    1 
ATOM   162  O  O2    . U   A 1 9  ? 3.61200   -10.51712 13.26715  1.000 54.96267  ? 10  U   A O2    1 
ATOM   163  N  N3    . U   A 1 9  ? 1.67141   -9.36189  13.48079  1.000 55.14452  ? 10  U   A N3    1 
ATOM   164  C  C4    . U   A 1 9  ? 0.92298   -8.22164  13.68722  1.000 55.76254  ? 10  U   A C4    1 
ATOM   165  O  O4    . U   A 1 9  ? -0.30498  -8.29865  13.67687  1.000 55.03996  ? 10  U   A O4    1 
ATOM   166  C  C5    . U   A 1 9  ? 1.68827   -7.03170  13.89718  1.000 55.87700  ? 10  U   A C5    1 
ATOM   167  C  C6    . U   A 1 9  ? 3.02181   -7.09623  13.88279  1.000 55.58567  ? 10  U   A C6    1 
ATOM   168  P  P     . G   A 1 10 ? 6.29116   -6.41655  9.41855   1.000 50.06974  ? 11  G   A P     1 
ATOM   169  O  OP1   . G   A 1 10 ? 7.42542   -6.03042  8.53794   1.000 47.20212  ? 11  G   A OP1   1 
ATOM   170  O  OP2   . G   A 1 10 ? 5.07333   -5.56595  9.47580   1.000 43.99727  ? 11  G   A OP2   1 
ATOM   171  O  "O5'" . G   A 1 10 ? 5.85800   -7.89181  9.00317   1.000 48.70451  ? 11  G   A "O5'" 1 
ATOM   172  C  "C5'" . G   A 1 10 ? 6.83596   -8.90002  8.82134   1.000 41.55483  ? 11  G   A "C5'" 1 
ATOM   173  C  "C4'" . G   A 1 10 ? 6.21134   -10.23917 8.53186   1.000 45.28205  ? 11  G   A "C4'" 1 
ATOM   174  O  "O4'" . G   A 1 10 ? 5.37524   -10.65852 9.64031   1.000 47.20304  ? 11  G   A "O4'" 1 
ATOM   175  C  "C3'" . G   A 1 10 ? 5.27999   -10.30903 7.33738   1.000 45.72421  ? 11  G   A "C3'" 1 
ATOM   176  O  "O3'" . G   A 1 10 ? 5.96905   -10.36112 6.10159   1.000 45.63063  ? 11  G   A "O3'" 1 
ATOM   177  C  "C2'" . G   A 1 10 ? 4.46814   -11.56218 7.63762   1.000 45.44829  ? 11  G   A "C2'" 1 
ATOM   178  O  "O2'" . G   A 1 10 ? 5.21986   -12.72609 7.33010   1.000 43.37531  ? 11  G   A "O2'" 1 
ATOM   179  C  "C1'" . G   A 1 10 ? 4.32377   -11.47015 9.15954   1.000 44.71004  ? 11  G   A "C1'" 1 
ATOM   180  N  N9    . G   A 1 10 ? 3.03580   -10.87365 9.55515   1.000 45.75349  ? 11  G   A N9    1 
ATOM   181  C  C8    . G   A 1 10 ? 2.79893   -9.59368  9.98484   1.000 46.01180  ? 11  G   A C8    1 
ATOM   182  N  N7    . G   A 1 10 ? 1.54090   -9.36977  10.25270  1.000 45.45169  ? 11  G   A N7    1 
ATOM   183  C  C5    . G   A 1 10 ? 0.90884   -10.57483 9.98578   1.000 46.52197  ? 11  G   A C5    1 
ATOM   184  C  C6    . G   A 1 10 ? -0.45878  -10.94286 10.08854  1.000 46.93272  ? 11  G   A C6    1 
ATOM   185  O  O6    . G   A 1 10 ? -1.42158  -10.25804 10.45909  1.000 46.55623  ? 11  G   A O6    1 
ATOM   186  N  N1    . G   A 1 10 ? -0.65489  -12.26909 9.71600   1.000 48.19529  ? 11  G   A N1    1 
ATOM   187  C  C2    . G   A 1 10 ? 0.32997   -13.12739 9.29286   1.000 46.51826  ? 11  G   A C2    1 
ATOM   188  N  N2    . G   A 1 10 ? -0.06436  -14.36744 8.97362   1.000 48.13693  ? 11  G   A N2    1 
ATOM   189  N  N3    . G   A 1 10 ? 1.60608   -12.79716 9.19315   1.000 44.29091  ? 11  G   A N3    1 
ATOM   190  C  C4    . G   A 1 10 ? 1.82035   -11.51382 9.55227   1.000 46.70435  ? 11  G   A C4    1 
ATOM   191  P  P     . G   A 1 11 ? 5.30484   -9.73288  4.78016   1.000 43.47725  ? 12  G   A P     1 
ATOM   192  O  OP1   . G   A 1 11 ? 6.29743   -9.84299  3.68110   1.000 40.60689  ? 12  G   A OP1   1 
ATOM   193  O  OP2   . G   A 1 11 ? 4.72693   -8.41044  5.12965   1.000 43.22696  ? 12  G   A OP2   1 
ATOM   194  O  "O5'" . G   A 1 11 ? 4.09844   -10.71936 4.45277   1.000 45.02446  ? 12  G   A "O5'" 1 
ATOM   195  C  "C5'" . G   A 1 11 ? 4.34397   -12.05825 4.05101   1.000 41.81005  ? 12  G   A "C5'" 1 
ATOM   196  C  "C4'" . G   A 1 11 ? 3.06216   -12.84234 3.93266   1.000 43.18889  ? 12  G   A "C4'" 1 
ATOM   197  O  "O4'" . G   A 1 11 ? 2.40696   -12.91364 5.22569   1.000 44.67707  ? 12  G   A "O4'" 1 
ATOM   198  C  "C3'" . G   A 1 11 ? 2.00119   -12.25655 3.01600   1.000 41.58932  ? 12  G   A "C3'" 1 
ATOM   199  O  "O3'" . G   A 1 11 ? 2.24404   -12.53027 1.64722   1.000 41.44886  ? 12  G   A "O3'" 1 
ATOM   200  C  "C2'" . G   A 1 11 ? 0.71997   -12.88469 3.55294   1.000 45.80988  ? 12  G   A "C2'" 1 
ATOM   201  O  "O2'" . G   A 1 11 ? 0.58227   -14.22605 3.10196   1.000 43.09278  ? 12  G   A "O2'" 1 
ATOM   202  C  "C1'" . G   A 1 11 ? 1.00505   -12.90948 5.05643   1.000 43.42611  ? 12  G   A "C1'" 1 
ATOM   203  N  N9    . G   A 1 11 ? 0.44728   -11.72936 5.74398   1.000 43.23473  ? 12  G   A N9    1 
ATOM   204  C  C8    . G   A 1 11 ? 1.12713   -10.61267 6.16876   1.000 43.93261  ? 12  G   A C8    1 
ATOM   205  N  N7    . G   A 1 11 ? 0.35309   -9.73056  6.74212   1.000 43.32122  ? 12  G   A N7    1 
ATOM   206  C  C5    . G   A 1 11 ? -0.91233  -10.29780 6.69262   1.000 43.97410  ? 12  G   A C5    1 
ATOM   207  C  C6    . G   A 1 11 ? -2.16011  -9.80689  7.15506   1.000 45.40625  ? 12  G   A C6    1 
ATOM   208  O  O6    . G   A 1 11 ? -2.40586  -8.74467  7.73088   1.000 50.27726  ? 12  G   A O6    1 
ATOM   209  N  N1    . G   A 1 11 ? -3.19249  -10.69863 6.90400   1.000 47.52543  ? 12  G   A N1    1 
ATOM   210  C  C2    . G   A 1 11 ? -3.04233  -11.91103 6.28299   1.000 46.43923  ? 12  G   A C2    1 
ATOM   211  N  N2    . G   A 1 11 ? -4.16269  -12.62653 6.13466   1.000 49.19671  ? 12  G   A N2    1 
ATOM   212  N  N3    . G   A 1 11 ? -1.88859  -12.38599 5.84395   1.000 44.27673  ? 12  G   A N3    1 
ATOM   213  C  C4    . G   A 1 11 ? -0.87115  -11.53177 6.08074   1.000 44.44620  ? 12  G   A C4    1 
ATOM   214  P  P     . U   A 1 12 ? 1.76600   -11.49853 0.51105   1.000 43.00238  ? 13  U   A P     1 
ATOM   215  O  OP1   . U   A 1 12 ? 2.31637   -11.97076 -0.78297  1.000 42.58500  ? 13  U   A OP1   1 
ATOM   216  O  OP2   . U   A 1 12 ? 2.05886   -10.11773 0.97002   1.000 48.59570  ? 13  U   A OP2   1 
ATOM   217  O  "O5'" . U   A 1 12 ? 0.18122   -11.66841 0.47291   1.000 46.37683  ? 13  U   A "O5'" 1 
ATOM   218  C  "C5'" . U   A 1 12 ? -0.41724  -12.86702 -0.00066  1.000 43.26177  ? 13  U   A "C5'" 1 
ATOM   219  C  "C4'" . U   A 1 12 ? -1.92235  -12.80310 0.08080   1.000 42.80552  ? 13  U   A "C4'" 1 
ATOM   220  O  "O4'" . U   A 1 12 ? -2.33291  -12.71714 1.46969   1.000 43.77892  ? 13  U   A "O4'" 1 
ATOM   221  C  "C3'" . U   A 1 12 ? -2.58024  -11.59591 -0.56927  1.000 45.90235  ? 13  U   A "C3'" 1 
ATOM   222  O  "O3'" . U   A 1 12 ? -2.72243  -11.71980 -1.97341  1.000 47.78398  ? 13  U   A "O3'" 1 
ATOM   223  C  "C2'" . U   A 1 12 ? -3.90673  -11.50610 0.16969   1.000 46.59661  ? 13  U   A "C2'" 1 
ATOM   224  O  "O2'" . U   A 1 12 ? -4.81937  -12.47380 -0.32499  1.000 50.59378  ? 13  U   A "O2'" 1 
ATOM   225  C  "C1'" . U   A 1 12 ? -3.49079  -11.91606 1.58120   1.000 45.12507  ? 13  U   A "C1'" 1 
ATOM   226  N  N1    . U   A 1 12 ? -3.17672  -10.74470 2.43251   1.000 47.96809  ? 13  U   A N1    1 
ATOM   227  C  C2    . U   A 1 12 ? -4.23156  -10.02868 2.97316   1.000 47.51089  ? 13  U   A C2    1 
ATOM   228  O  O2    . U   A 1 12 ? -5.40244  -10.31029 2.78169   1.000 47.76351  ? 13  U   A O2    1 
ATOM   229  N  N3    . U   A 1 12 ? -3.86700  -8.95912  3.75232   1.000 48.19403  ? 13  U   A N3    1 
ATOM   230  C  C4    . U   A 1 12 ? -2.58487  -8.54316  4.04271   1.000 47.13825  ? 13  U   A C4    1 
ATOM   231  O  O4    . U   A 1 12 ? -2.42167  -7.55886  4.76189   1.000 47.30212  ? 13  U   A O4    1 
ATOM   232  C  C5    . U   A 1 12 ? -1.54918  -9.33334  3.44877   1.000 46.24910  ? 13  U   A C5    1 
ATOM   233  C  C6    . U   A 1 12 ? -1.87286  -10.38021 2.68338   1.000 46.04116  ? 13  U   A C6    1 
ATOM   234  P  P     . U   A 1 13 ? -2.69118  -10.40794 -2.90611  1.000 59.34068  ? 14  U   A P     1 
ATOM   235  O  OP1   . U   A 1 13 ? -2.72452  -10.87883 -4.31777  1.000 47.70686  ? 14  U   A OP1   1 
ATOM   236  O  OP2   . U   A 1 13 ? -1.58799  -9.52258  -2.44220  1.000 45.60356  ? 14  U   A OP2   1 
ATOM   237  O  "O5'" . U   A 1 13 ? -4.05582  -9.65025  -2.57685  1.000 48.18815  ? 14  U   A "O5'" 1 
ATOM   238  C  "C5'" . U   A 1 13 ? -5.30336  -10.15924 -3.02168  1.000 49.49073  ? 14  U   A "C5'" 1 
ATOM   239  C  "C4'" . U   A 1 13 ? -6.45981  -9.39315  -2.42830  1.000 54.74291  ? 14  U   A "C4'" 1 
ATOM   240  O  "O4'" . U   A 1 13 ? -6.38836  -9.43548  -0.97801  1.000 55.20096  ? 14  U   A "O4'" 1 
ATOM   241  C  "C3'" . U   A 1 13 ? -6.51849  -7.90637  -2.74580  1.000 59.00041  ? 14  U   A "C3'" 1 
ATOM   242  O  "O3'" . U   A 1 13 ? -7.05097  -7.62661  -4.02893  1.000 61.17626  ? 14  U   A "O3'" 1 
ATOM   243  C  "C2'" . U   A 1 13 ? -7.36357  -7.35917  -1.60286  1.000 58.23795  ? 14  U   A "C2'" 1 
ATOM   244  O  "O2'" . U   A 1 13 ? -8.74022  -7.62254  -1.82961  1.000 58.37204  ? 14  U   A "O2'" 1 
ATOM   245  C  "C1'" . U   A 1 13 ? -6.89146  -8.22814  -0.43682  1.000 55.65520  ? 14  U   A "C1'" 1 
ATOM   246  N  N1    . U   A 1 13 ? -5.82460  -7.56913  0.35487   1.000 51.39944  ? 14  U   A N1    1 
ATOM   247  C  C2    . U   A 1 13 ? -6.21252  -6.64613  1.30515   1.000 50.21767  ? 14  U   A C2    1 
ATOM   248  O  O2    . U   A 1 13 ? -7.37778  -6.36230  1.50342   1.000 53.88245  ? 14  U   A O2    1 
ATOM   249  N  N3    . U   A 1 13 ? -5.19210  -6.06572  2.01714   1.000 50.07018  ? 14  U   A N3    1 
ATOM   250  C  C4    . U   A 1 13 ? -3.84148  -6.31028  1.87619   1.000 51.20729  ? 14  U   A C4    1 
ATOM   251  O  O4    . U   A 1 13 ? -3.03416  -5.71092  2.58895   1.000 48.18828  ? 14  U   A O4    1 
ATOM   252  C  C5    . U   A 1 13 ? -3.51768  -7.27842  0.87299   1.000 51.00676  ? 14  U   A C5    1 
ATOM   253  C  C6    . U   A 1 13 ? -4.49356  -7.85955  0.16631   1.000 51.60680  ? 14  U   A C6    1 
ATOM   254  P  P     . A   A 1 14 ? -6.64144  -6.27522  -4.80267  1.000 70.71546  ? 15  A   A P     1 
ATOM   255  O  OP1   . A   A 1 14 ? -7.31538  -6.31918  -6.12442  1.000 68.05500  ? 15  A   A OP1   1 
ATOM   256  O  OP2   . A   A 1 14 ? -5.16638  -6.10374  -4.75366  1.000 59.84173  ? 15  A   A OP2   1 
ATOM   257  O  "O5'" . A   A 1 14 ? -7.30918  -5.11072  -3.93956  1.000 64.60180  ? 15  A   A "O5'" 1 
ATOM   258  C  "C5'" . A   A 1 14 ? -8.71961  -4.95206  -3.90414  1.000 62.48407  ? 15  A   A "C5'" 1 
ATOM   259  C  "C4'" . A   A 1 14 ? -9.14540  -3.98211  -2.83252  1.000 63.05448  ? 15  A   A "C4'" 1 
ATOM   260  O  "O4'" . A   A 1 14 ? -8.60879  -4.39540  -1.55186  1.000 64.19359  ? 15  A   A "O4'" 1 
ATOM   261  C  "C3'" . A   A 1 14 ? -8.66092  -2.54962  -2.98896  1.000 65.81891  ? 15  A   A "C3'" 1 
ATOM   262  O  "O3'" . A   A 1 14 ? -9.45094  -1.80544  -3.89913  1.000 72.78244  ? 15  A   A "O3'" 1 
ATOM   263  C  "C2'" . A   A 1 14 ? -8.72234  -2.01854  -1.56239  1.000 61.81642  ? 15  A   A "C2'" 1 
ATOM   264  O  "O2'" . A   A 1 14 ? -10.05166 -1.65619  -1.22286  1.000 63.46785  ? 15  A   A "O2'" 1 
ATOM   265  C  "C1'" . A   A 1 14 ? -8.34023  -3.26045  -0.75408  1.000 61.36966  ? 15  A   A "C1'" 1 
ATOM   266  N  N9    . A   A 1 14 ? -6.91578  -3.27105  -0.36539  1.000 55.01684  ? 15  A   A N9    1 
ATOM   267  C  C8    . A   A 1 14 ? -5.86940  -3.92091  -0.97507  1.000 55.23783  ? 15  A   A C8    1 
ATOM   268  N  N7    . A   A 1 14 ? -4.71513  -3.74271  -0.37528  1.000 52.82734  ? 15  A   A N7    1 
ATOM   269  C  C5    . A   A 1 14 ? -5.02496  -2.92156  0.70158   1.000 51.01043  ? 15  A   A C5    1 
ATOM   270  C  C6    . A   A 1 14 ? -4.24233  -2.36479  1.72867   1.000 51.26364  ? 15  A   A C6    1 
ATOM   271  N  N6    . A   A 1 14 ? -2.92791  -2.55429  1.84522   1.000 51.33794  ? 15  A   A N6    1 
ATOM   272  N  N1    . A   A 1 14 ? -4.86021  -1.59124  2.64762   1.000 52.37727  ? 15  A   A N1    1 
ATOM   273  C  C2    . A   A 1 14 ? -6.17775  -1.39263  2.53202   1.000 51.19178  ? 15  A   A C2    1 
ATOM   274  N  N3    . A   A 1 14 ? -7.02040  -1.86464  1.61628   1.000 50.94506  ? 15  A   A N3    1 
ATOM   275  C  C4    . A   A 1 14 ? -6.37455  -2.62596  0.71883   1.000 50.23183  ? 15  A   A C4    1 
ATOM   276  P  P     . A   A 1 15 ? -8.94693  -0.37977  -4.44660  1.000 82.24792  ? 16  A   A P     1 
ATOM   277  O  OP1   . A   A 1 15 ? -7.64516  -0.59625  -5.13195  1.000 77.74308  ? 16  A   A OP1   1 
ATOM   278  O  OP2   . A   A 1 15 ? -9.06034  0.61189   -3.34464  1.000 73.81846  ? 16  A   A OP2   1 
ATOM   279  O  "O5'" . A   A 1 15 ? -10.02134 0.00431   -5.55996  1.000 75.38399  ? 16  A   A "O5'" 1 
ATOM   280  C  "C5'" . A   A 1 15 ? -10.81314 1.17741   -5.44697  1.000 67.16148  ? 16  A   A "C5'" 1 
ATOM   281  C  "C4'" . A   A 1 15 ? -12.28118 0.85810   -5.57314  1.000 69.82167  ? 16  A   A "C4'" 1 
ATOM   282  O  "O4'" . A   A 1 15 ? -12.45119 -0.41224  -6.25115  1.000 68.78978  ? 16  A   A "O4'" 1 
ATOM   283  C  "C3'" . A   A 1 15 ? -13.03282 0.68630   -4.26405  1.000 74.13904  ? 16  A   A "C3'" 1 
ATOM   284  O  "O3'" . A   A 1 15 ? -13.44022 1.92799   -3.71673  1.000 77.16472  ? 16  A   A "O3'" 1 
ATOM   285  C  "C2'" . A   A 1 15 ? -14.20435 -0.21254  -4.65048  1.000 71.83422  ? 16  A   A "C2'" 1 
ATOM   286  O  "O2'" . A   A 1 15 ? -15.26222 0.55106   -5.20480  1.000 71.14530  ? 16  A   A "O2'" 1 
ATOM   287  C  "C1'" . A   A 1 15 ? -13.59671 -1.07346  -5.75974  1.000 67.87161  ? 16  A   A "C1'" 1 
ATOM   288  N  N9    . A   A 1 15 ? -13.21649 -2.42070  -5.29720  1.000 72.21742  ? 16  A   A N9    1 
ATOM   289  C  C8    . A   A 1 15 ? -12.30677 -2.76826  -4.33162  1.000 73.34507  ? 16  A   A C8    1 
ATOM   290  N  N7    . A   A 1 15 ? -12.18975 -4.06204  -4.15895  1.000 72.31715  ? 16  A   A N7    1 
ATOM   291  C  C5    . A   A 1 15 ? -13.07825 -4.60275  -5.07566  1.000 73.31523  ? 16  A   A C5    1 
ATOM   292  C  C6    . A   A 1 15 ? -13.42336 -5.92701  -5.39178  1.000 74.61465  ? 16  A   A C6    1 
ATOM   293  N  N6    . A   A 1 15 ? -12.89151 -6.99397  -4.79073  1.000 74.13990  ? 16  A   A N6    1 
ATOM   294  N  N1    . A   A 1 15 ? -14.34824 -6.11970  -6.35861  1.000 75.52529  ? 16  A   A N1    1 
ATOM   295  C  C2    . A   A 1 15 ? -14.88602 -5.05188  -6.96133  1.000 70.19510  ? 16  A   A C2    1 
ATOM   296  N  N3    . A   A 1 15 ? -14.64231 -3.76099  -6.75064  1.000 72.00087  ? 16  A   A N3    1 
ATOM   297  C  C4    . A   A 1 15 ? -13.71584 -3.60327  -5.78688  1.000 74.64481  ? 16  A   A C4    1 
ATOM   298  P  P     . G   A 1 16 ? -13.13922 2.27867   -2.17855  1.000 80.63247  ? 17  G   A P     1 
ATOM   299  O  OP1   . G   A 1 16 ? -12.48752 1.09294   -1.56030  1.000 73.78080  ? 17  G   A OP1   1 
ATOM   300  O  OP2   . G   A 1 16 ? -14.37529 2.84186   -1.57777  1.000 72.19706  ? 17  G   A OP2   1 
ATOM   301  O  "O5'" . G   A 1 16 ? -12.07332 3.45805   -2.26186  1.000 70.74897  ? 17  G   A "O5'" 1 
ATOM   302  C  "C5'" . G   A 1 16 ? -10.69709 3.21974   -2.00717  1.000 65.14416  ? 17  G   A "C5'" 1 
ATOM   303  C  "C4'" . G   A 1 16 ? -10.19173 4.10453   -0.89752  1.000 57.37568  ? 17  G   A "C4'" 1 
ATOM   304  O  "O4'" . G   A 1 16 ? -9.83793  3.29289   0.25431   1.000 54.37501  ? 17  G   A "O4'" 1 
ATOM   305  C  "C3'" . G   A 1 16 ? -8.92705  4.89650   -1.19014  1.000 51.27747  ? 17  G   A "C3'" 1 
ATOM   306  O  "O3'" . G   A 1 16 ? -9.15837  6.07310   -1.93989  1.000 47.30198  ? 17  G   A "O3'" 1 
ATOM   307  C  "C2'" . G   A 1 16 ? -8.38612  5.16564   0.20308   1.000 56.63280  ? 17  G   A "C2'" 1 
ATOM   308  O  "O2'" . G   A 1 16 ? -9.12505  6.20657   0.83226   1.000 50.83239  ? 17  G   A "O2'" 1 
ATOM   309  C  "C1'" . G   A 1 16 ? -8.70831  3.84296   0.89807   1.000 54.65824  ? 17  G   A "C1'" 1 
ATOM   310  N  N9    . G   A 1 16 ? -7.59363  2.88733   0.76540   1.000 55.69101  ? 17  G   A N9    1 
ATOM   311  C  C8    . G   A 1 16 ? -7.53794  1.77592   -0.04179  1.000 53.95416  ? 17  G   A C8    1 
ATOM   312  N  N7    . G   A 1 16 ? -6.40682  1.13110   0.05261   1.000 52.22153  ? 17  G   A N7    1 
ATOM   313  C  C5    . G   A 1 16 ? -5.67001  1.86208   0.97628   1.000 53.99215  ? 17  G   A C5    1 
ATOM   314  C  C6    . G   A 1 16 ? -4.36040  1.65704   1.48591   1.000 51.37787  ? 17  G   A C6    1 
ATOM   315  O  O6    . G   A 1 16 ? -3.56017  0.75124   1.22409   1.000 49.87390  ? 17  G   A O6    1 
ATOM   316  N  N1    . G   A 1 16 ? -4.01232  2.64573   2.40129   1.000 53.72742  ? 17  G   A N1    1 
ATOM   317  C  C2    . G   A 1 16 ? -4.81132  3.69961   2.77851   1.000 52.77646  ? 17  G   A C2    1 
ATOM   318  N  N2    . G   A 1 16 ? -4.29291  4.54974   3.67744   1.000 53.59544  ? 17  G   A N2    1 
ATOM   319  N  N3    . G   A 1 16 ? -6.02987  3.90386   2.30993   1.000 51.00791  ? 17  G   A N3    1 
ATOM   320  C  C4    . G   A 1 16 ? -6.38926  2.95348   1.42071   1.000 54.82125  ? 17  G   A C4    1 
ATOM   321  P  P     . C   A 1 17 ? -8.01118  6.62918   -2.91784  1.000 56.17974  ? 18  C   A P     1 
ATOM   322  O  OP1   . C   A 1 17 ? -8.57424  7.75263   -3.71315  1.000 51.73213  ? 18  C   A OP1   1 
ATOM   323  O  OP2   . C   A 1 17 ? -7.39935  5.46174   -3.60670  1.000 51.77444  ? 18  C   A OP2   1 
ATOM   324  O  "O5'" . C   A 1 17 ? -6.90446  7.21398   -1.93010  1.000 58.08965  ? 18  C   A "O5'" 1 
ATOM   325  C  "C5'" . C   A 1 17 ? -7.18588  8.30966   -1.07209  1.000 50.81841  ? 18  C   A "C5'" 1 
ATOM   326  C  "C4'" . C   A 1 17 ? -6.00662  8.64919   -0.19325  1.000 49.97547  ? 18  C   A "C4'" 1 
ATOM   327  O  "O4'" . C   A 1 17 ? -5.71338  7.54659   0.70888   1.000 45.34956  ? 18  C   A "O4'" 1 
ATOM   328  C  "C3'" . C   A 1 17 ? -4.68591  8.90416   -0.90366  1.000 48.18299  ? 18  C   A "C3'" 1 
ATOM   329  O  "O3'" . C   A 1 17 ? -4.59629  10.20480  -1.45560  1.000 46.66746  ? 18  C   A "O3'" 1 
ATOM   330  C  "C2'" . C   A 1 17 ? -3.66911  8.64398   0.19903   1.000 53.07929  ? 18  C   A "C2'" 1 
ATOM   331  O  "O2'" . C   A 1 17 ? -3.59072  9.75459   1.08425   1.000 49.30473  ? 18  C   A "O2'" 1 
ATOM   332  C  "C1'" . C   A 1 17 ? -4.32158  7.47167   0.93686   1.000 49.24880  ? 18  C   A "C1'" 1 
ATOM   333  N  N1    . C   A 1 17 ? -3.83183  6.17097   0.42789   1.000 52.42607  ? 18  C   A N1    1 
ATOM   334  C  C2    . C   A 1 17 ? -2.54874  5.73420   0.78731   1.000 53.85203  ? 18  C   A C2    1 
ATOM   335  O  O2    . C   A 1 17 ? -1.84421  6.43693   1.52882   1.000 50.43901  ? 18  C   A O2    1 
ATOM   336  N  N3    . C   A 1 17 ? -2.10011  4.54826   0.31513   1.000 54.46563  ? 18  C   A N3    1 
ATOM   337  C  C4    . C   A 1 17 ? -2.87177  3.81174   -0.48199  1.000 50.21232  ? 18  C   A C4    1 
ATOM   338  N  N4    . C   A 1 17 ? -2.37971  2.65392   -0.91537  1.000 47.94364  ? 18  C   A N4    1 
ATOM   339  C  C5    . C   A 1 17 ? -4.17810  4.22921   -0.86353  1.000 51.01913  ? 18  C   A C5    1 
ATOM   340  C  C6    . C   A 1 17 ? -4.61172  5.40386   -0.39172  1.000 50.11748  ? 18  C   A C6    1 
ATOM   341  P  P     . C   A 1 18 ? -3.54155  10.52200  -2.62521  1.000 54.26474  ? 19  C   A P     1 
ATOM   342  O  OP1   . C   A 1 18 ? -3.69300  11.95068  -2.99940  1.000 55.17081  ? 19  C   A OP1   1 
ATOM   343  O  OP2   . C   A 1 18 ? -3.67276  9.47707   -3.67149  1.000 54.19287  ? 19  C   A OP2   1 
ATOM   344  O  "O5'" . C   A 1 18 ? -2.11777  10.34540  -1.92896  1.000 53.58803  ? 19  C   A "O5'" 1 
ATOM   345  C  "C5'" . C   A 1 18 ? -1.52055  11.40981  -1.20637  1.000 52.36085  ? 19  C   A "C5'" 1 
ATOM   346  C  "C4'" . C   A 1 18 ? -0.15808  11.03391  -0.68114  1.000 49.82251  ? 19  C   A "C4'" 1 
ATOM   347  O  "O4'" . C   A 1 18 ? -0.22312  9.73280   -0.04270  1.000 50.88767  ? 19  C   A "O4'" 1 
ATOM   348  C  "C3'" . C   A 1 18 ? 0.94680   10.87577  -1.71461  1.000 49.09035  ? 19  C   A "C3'" 1 
ATOM   349  O  "O3'" . C   A 1 18 ? 1.50905   12.10509  -2.13357  1.000 47.07672  ? 19  C   A "O3'" 1 
ATOM   350  C  "C2'" . C   A 1 18 ? 1.93833   9.97813   -0.99342  1.000 52.44672  ? 19  C   A "C2'" 1 
ATOM   351  O  "O2'" . C   A 1 18 ? 2.68385   10.72541  -0.04440  1.000 46.41192  ? 19  C   A "O2'" 1 
ATOM   352  C  "C1'" . C   A 1 18 ? 0.99496   9.04209   -0.23839  1.000 54.55280  ? 19  C   A "C1'" 1 
ATOM   353  N  N1    . C   A 1 18 ? 0.72853   7.79997   -1.00248  1.000 51.81719  ? 19  C   A N1    1 
ATOM   354  C  C2    . C   A 1 18 ? 1.69931   6.79153   -0.99824  1.000 51.87933  ? 19  C   A C2    1 
ATOM   355  O  O2    . C   A 1 18 ? 2.74373   6.96563   -0.35370  1.000 52.74527  ? 19  C   A O2    1 
ATOM   356  N  N3    . C   A 1 18 ? 1.48111   5.64929   -1.69136  1.000 54.40085  ? 19  C   A N3    1 
ATOM   357  C  C4    . C   A 1 18 ? 0.34529   5.49464   -2.37458  1.000 53.78812  ? 19  C   A C4    1 
ATOM   358  N  N4    . C   A 1 18 ? 0.16904   4.35171   -3.04271  1.000 48.06898  ? 19  C   A N4    1 
ATOM   359  C  C5    . C   A 1 18 ? -0.65988  6.50722   -2.39758  1.000 52.20484  ? 19  C   A C5    1 
ATOM   360  C  C6    . C   A 1 18 ? -0.43114  7.63048   -1.70621  1.000 50.21899  ? 19  C   A C6    1 
ATOM   361  P  P     . A   A 1 19 ? 2.14244   12.24028  -3.60532  1.000 50.09688  ? 20  A   A P     1 
ATOM   362  O  OP1   . A   A 1 19 ? 2.47133   13.66944  -3.85346  1.000 55.10741  ? 20  A   A OP1   1 
ATOM   363  O  OP2   . A   A 1 19 ? 1.24525   11.51629  -4.54496  1.000 57.80122  ? 20  A   A OP2   1 
ATOM   364  O  "O5'" . A   A 1 19 ? 3.50518   11.41965  -3.52488  1.000 48.85046  ? 20  A   A "O5'" 1 
ATOM   365  C  "C5'" . A   A 1 19 ? 4.55045   11.81411  -2.65185  1.000 47.78449  ? 20  A   A "C5'" 1 
ATOM   366  C  "C4'" . A   A 1 19 ? 5.64302   10.77635  -2.60112  1.000 46.98507  ? 20  A   A "C4'" 1 
ATOM   367  O  "O4'" . A   A 1 19 ? 5.11480   9.53161   -2.07792  1.000 47.34119  ? 20  A   A "O4'" 1 
ATOM   368  C  "C3'" . A   A 1 19 ? 6.25129   10.37847  -3.93516  1.000 46.71637  ? 20  A   A "C3'" 1 
ATOM   369  O  "O3'" . A   A 1 19 ? 7.21434   11.29955  -4.40602  1.000 45.99056  ? 20  A   A "O3'" 1 
ATOM   370  C  "C2'" . A   A 1 19 ? 6.82842   9.00211   -3.63888  1.000 49.94840  ? 20  A   A "C2'" 1 
ATOM   371  O  "O2'" . A   A 1 19 ? 8.06841   9.11626   -2.95700  1.000 50.09993  ? 20  A   A "O2'" 1 
ATOM   372  C  "C1'" . A   A 1 19 ? 5.78730   8.43970   -2.67017  1.000 49.10579  ? 20  A   A "C1'" 1 
ATOM   373  N  N9    . A   A 1 19 ? 4.80179   7.58530   -3.35580  1.000 50.45809  ? 20  A   A N9    1 
ATOM   374  C  C8    . A   A 1 19 ? 3.48444   7.84739   -3.64226  1.000 50.38375  ? 20  A   A C8    1 
ATOM   375  N  N7    . A   A 1 19 ? 2.88062   6.86238   -4.26541  1.000 51.78963  ? 20  A   A N7    1 
ATOM   376  C  C5    . A   A 1 19 ? 3.86687   5.88875   -4.39517  1.000 50.58745  ? 20  A   A C5    1 
ATOM   377  C  C6    . A   A 1 19 ? 3.87600   4.59892   -4.96505  1.000 48.54455  ? 20  A   A C6    1 
ATOM   378  N  N6    . A   A 1 19 ? 2.82091   4.01926   -5.54269  1.000 45.91520  ? 20  A   A N6    1 
ATOM   379  N  N1    . A   A 1 19 ? 5.03100   3.90350   -4.92159  1.000 49.47924  ? 20  A   A N1    1 
ATOM   380  C  C2    . A   A 1 19 ? 6.09897   4.46352   -4.34154  1.000 50.03392  ? 20  A   A C2    1 
ATOM   381  N  N3    . A   A 1 19 ? 6.21525   5.66003   -3.77258  1.000 51.13207  ? 20  A   A N3    1 
ATOM   382  C  C4    . A   A 1 19 ? 5.05234   6.32719   -3.83659  1.000 49.45209  ? 20  A   A C4    1 
ATOM   383  P  P     . G   A 1 20 ? 7.44213   11.48241  -5.98527  1.000 52.27686  ? 21  G   A P     1 
ATOM   384  O  OP1   . G   A 1 20 ? 8.28632   12.69013  -6.18653  1.000 55.98762  ? 21  G   A OP1   1 
ATOM   385  O  OP2   . G   A 1 20 ? 6.12258   11.37048  -6.66053  1.000 47.37410  ? 21  G   A OP2   1 
ATOM   386  O  "O5'" . G   A 1 20 ? 8.31528   10.22138  -6.40026  1.000 43.85944  ? 21  G   A "O5'" 1 
ATOM   387  C  "C5'" . G   A 1 20 ? 9.62556   10.05357  -5.89265  1.000 44.74922  ? 21  G   A "C5'" 1 
ATOM   388  C  "C4'" . G   A 1 20 ? 10.11467  8.64826   -6.11266  1.000 47.99161  ? 21  G   A "C4'" 1 
ATOM   389  O  "O4'" . G   A 1 20 ? 9.17638   7.70915   -5.52844  1.000 48.64704  ? 21  G   A "O4'" 1 
ATOM   390  C  "C3'" . G   A 1 20 ? 10.21842  8.20067   -7.55979  1.000 49.51790  ? 21  G   A "C3'" 1 
ATOM   391  O  "O3'" . G   A 1 20 ? 11.38560  8.67208   -8.20726  1.000 50.60101  ? 21  G   A "O3'" 1 
ATOM   392  C  "C2'" . G   A 1 20 ? 10.14781  6.68456   -7.43831  1.000 51.31843  ? 21  G   A "C2'" 1 
ATOM   393  O  "O2'" . G   A 1 20 ? 11.39316  6.15429   -7.00834  1.000 50.95397  ? 21  G   A "O2'" 1 
ATOM   394  C  "C1'" . G   A 1 20 ? 9.13926   6.52576   -6.30103  1.000 50.73065  ? 21  G   A "C1'" 1 
ATOM   395  N  N9    . G   A 1 20 ? 7.76901   6.33107   -6.80833  1.000 49.38225  ? 21  G   A N9    1 
ATOM   396  C  C8    . G   A 1 20 ? 6.73133   7.22933   -6.77273  1.000 47.56318  ? 21  G   A C8    1 
ATOM   397  N  N7    . G   A 1 20 ? 5.63786   6.75475   -7.30523  1.000 50.34282  ? 21  G   A N7    1 
ATOM   398  C  C5    . G   A 1 20 ? 5.97144   5.46701   -7.71508  1.000 48.83549  ? 21  G   A C5    1 
ATOM   399  C  C6    . G   A 1 20 ? 5.19709   4.46721   -8.36634  1.000 47.83232  ? 21  G   A C6    1 
ATOM   400  O  O6    . G   A 1 20 ? 4.00930   4.50823   -8.71973  1.000 46.59092  ? 21  G   A O6    1 
ATOM   401  N  N1    . G   A 1 20 ? 5.94045   3.31373   -8.59313  1.000 46.79035  ? 21  G   A N1    1 
ATOM   402  C  C2    . G   A 1 20 ? 7.25613   3.13905   -8.24859  1.000 47.14759  ? 21  G   A C2    1 
ATOM   403  N  N2    . G   A 1 20 ? 7.79838   1.95180   -8.55663  1.000 44.74414  ? 21  G   A N2    1 
ATOM   404  N  N3    . G   A 1 20 ? 7.98786   4.06312   -7.64892  1.000 50.11961  ? 21  G   A N3    1 
ATOM   405  C  C4    . G   A 1 20 ? 7.28766   5.19351   -7.41557  1.000 49.50904  ? 21  G   A C4    1 
ATOM   406  P  P     . A   A 1 21 ? 11.36503  8.96960   -9.78615  1.000 56.35609  ? 22  A   A P     1 
ATOM   407  O  OP1   . A   A 1 21 ? 12.62380  9.66848   -10.15045 1.000 59.93577  ? 22  A   A OP1   1 
ATOM   408  O  OP2   . A   A 1 21 ? 10.05849  9.58848   -10.12627 1.000 49.76599  ? 22  A   A OP2   1 
ATOM   409  O  "O5'" . A   A 1 21 ? 11.42269  7.52127   -10.44198 1.000 53.50143  ? 22  A   A "O5'" 1 
ATOM   410  C  "C5'" . A   A 1 21 ? 12.48277  6.63113   -10.13674 1.000 49.74231  ? 22  A   A "C5'" 1 
ATOM   411  C  "C4'" . A   A 1 21 ? 12.17796  5.23753   -10.61746 1.000 53.54775  ? 22  A   A "C4'" 1 
ATOM   412  O  "O4'" . A   A 1 21 ? 10.96125  4.75859   -9.99601  1.000 55.25331  ? 22  A   A "O4'" 1 
ATOM   413  C  "C3'" . A   A 1 21 ? 11.91659  5.09893   -12.10631 1.000 53.43837  ? 22  A   A "C3'" 1 
ATOM   414  O  "O3'" . A   A 1 21 ? 13.12064  5.01148   -12.84496 1.000 57.99935  ? 22  A   A "O3'" 1 
ATOM   415  C  "C2'" . A   A 1 21 ? 11.06619  3.83876   -12.18769 1.000 53.97724  ? 22  A   A "C2'" 1 
ATOM   416  O  "O2'" . A   A 1 21 ? 11.89047  2.68449   -12.13059 1.000 57.08917  ? 22  A   A "O2'" 1 
ATOM   417  C  "C1'" . A   A 1 21 ? 10.26194  3.91978   -10.88791 1.000 53.18927  ? 22  A   A "C1'" 1 
ATOM   418  N  N9    . A   A 1 21 ? 8.89587   4.45349   -11.06890 1.000 51.06810  ? 22  A   A N9    1 
ATOM   419  C  C8    . A   A 1 21 ? 8.44299   5.71215   -10.76290 1.000 47.44303  ? 22  A   A C8    1 
ATOM   420  N  N7    . A   A 1 21 ? 7.16718   5.88852   -11.00823 1.000 47.74226  ? 22  A   A N7    1 
ATOM   421  C  C5    . A   A 1 21 ? 6.74471   4.66185   -11.49695 1.000 47.15111  ? 22  A   A C5    1 
ATOM   422  C  C6    . A   A 1 21 ? 5.49158   4.19779   -11.93876 1.000 46.92549  ? 22  A   A C6    1 
ATOM   423  N  N6    . A   A 1 21 ? 4.38951   4.94826   -11.95922 1.000 43.99787  ? 22  A   A N6    1 
ATOM   424  N  N1    . A   A 1 21 ? 5.40626   2.91661   -12.36426 1.000 47.88592  ? 22  A   A N1    1 
ATOM   425  C  C2    . A   A 1 21 ? 6.51139   2.15900   -12.34005 1.000 48.06361  ? 22  A   A C2    1 
ATOM   426  N  N3    . A   A 1 21 ? 7.74454   2.48000   -11.94824 1.000 51.24884  ? 22  A   A N3    1 
ATOM   427  C  C4    . A   A 1 21 ? 7.79736   3.76310   -11.53486 1.000 51.40810  ? 22  A   A C4    1 
ATOM   428  P  P     . U   A 1 22 ? 13.19326  5.53346   -14.36035 1.000 70.01755  ? 23  U   A P     1 
ATOM   429  O  OP1   . U   A 1 22 ? 11.80285  5.65769   -14.87318 1.000 66.52808  ? 23  U   A OP1   1 
ATOM   430  O  OP2   . U   A 1 22 ? 14.17460  4.67495   -15.07576 1.000 66.97725  ? 23  U   A OP2   1 
ATOM   431  O  "O5'" . U   A 1 22 ? 13.82506  6.99251   -14.24491 1.000 65.75066  ? 23  U   A "O5'" 1 
ATOM   432  C  "C5'" . U   A 1 22 ? 13.14153  8.04295   -13.57748 1.000 64.63970  ? 23  U   A "C5'" 1 
ATOM   433  C  "C4'" . U   A 1 22 ? 13.46708  9.38229   -14.18742 1.000 72.69928  ? 23  U   A "C4'" 1 
ATOM   434  O  "O4'" . U   A 1 22 ? 14.89813  9.62425   -14.10589 1.000 76.51069  ? 23  U   A "O4'" 1 
ATOM   435  C  "C3'" . U   A 1 22 ? 13.14644  9.52834   -15.66827 1.000 73.33325  ? 23  U   A "C3'" 1 
ATOM   436  O  "O3'" . U   A 1 22 ? 11.78533  9.84368   -15.90630 1.000 70.70004  ? 23  U   A "O3'" 1 
ATOM   437  C  "C2'" . U   A 1 22 ? 14.11018  10.62056  -16.11170 1.000 76.44806  ? 23  U   A "C2'" 1 
ATOM   438  O  "O2'" . U   A 1 22 ? 13.62912  11.90179  -15.72845 1.000 71.56341  ? 23  U   A "O2'" 1 
ATOM   439  C  "C1'" . U   A 1 22 ? 15.34256  10.29441  -15.26704 1.000 76.96176  ? 23  U   A "C1'" 1 
ATOM   440  N  N1    . U   A 1 22 ? 16.28729  9.40502   -15.98095 1.000 79.58869  ? 23  U   A N1    1 
ATOM   441  C  C2    . U   A 1 22 ? 16.99846  9.91024   -17.05467 1.000 81.73149  ? 23  U   A C2    1 
ATOM   442  O  O2    . U   A 1 22 ? 16.88715  11.05710  -17.45441 1.000 81.58775  ? 23  U   A O2    1 
ATOM   443  N  N3    . U   A 1 22 ? 17.84937  9.01316   -17.65555 1.000 83.23604  ? 23  U   A N3    1 
ATOM   444  C  C4    . U   A 1 22 ? 18.06036  7.69617   -17.29990 1.000 80.00580  ? 23  U   A C4    1 
ATOM   445  O  O4    . U   A 1 22 ? 18.86115  7.01458   -17.93910 1.000 83.01227  ? 23  U   A O4    1 
ATOM   446  C  C5    . U   A 1 22 ? 17.29298  7.25071   -16.17987 1.000 79.76424  ? 23  U   A C5    1 
ATOM   447  C  C6    . U   A 1 22 ? 16.45698  8.10044   -15.57633 1.000 80.06937  ? 23  U   A C6    1 
ATOM   448  P  P     . C   A 1 23 ? 10.98599  9.14821   -17.11322 1.000 65.48917  ? 24  C   A P     1 
ATOM   449  O  OP1   . C   A 1 23 ? 9.72216   9.90267   -17.31214 1.000 64.52327  ? 24  C   A OP1   1 
ATOM   450  O  OP2   . C   A 1 23 ? 10.95330  7.68391   -16.87682 1.000 69.78891  ? 24  C   A OP2   1 
ATOM   451  O  "O5'" . C   A 1 23 ? 11.91081  9.39076   -18.38297 1.000 72.10849  ? 24  C   A "O5'" 1 
ATOM   452  C  "C5'" . C   A 1 23 ? 11.93184  10.63934  -19.05619 1.000 68.95752  ? 24  C   A "C5'" 1 
ATOM   453  C  "C4'" . C   A 1 23 ? 12.90287  10.60227  -20.20521 1.000 68.84338  ? 24  C   A "C4'" 1 
ATOM   454  O  "O4'" . C   A 1 23 ? 14.22488  10.26359  -19.70281 1.000 74.58272  ? 24  C   A "O4'" 1 
ATOM   455  C  "C3'" . C   A 1 23 ? 12.62710  9.53938   -21.25816 1.000 74.01601  ? 24  C   A "C3'" 1 
ATOM   456  O  "O3'" . C   A 1 23 ? 11.63781  9.92121   -22.19993 1.000 75.69566  ? 24  C   A "O3'" 1 
ATOM   457  C  "C2'" . C   A 1 23 ? 14.00386  9.30692   -21.86241 1.000 77.57808  ? 24  C   A "C2'" 1 
ATOM   458  O  "O2'" . C   A 1 23 ? 14.34201  10.35860  -22.75524 1.000 78.35387  ? 24  C   A "O2'" 1 
ATOM   459  C  "C1'" . C   A 1 23 ? 14.89136  9.42267   -20.62308 1.000 77.56010  ? 24  C   A "C1'" 1 
ATOM   460  N  N1    . C   A 1 23 ? 15.11884  8.10548   -19.97897 1.000 80.99669  ? 24  C   A N1    1 
ATOM   461  C  C2    . C   A 1 23 ? 16.01754  7.19981   -20.55530 1.000 82.63143  ? 24  C   A C2    1 
ATOM   462  O  O2    . C   A 1 23 ? 16.61127  7.51647   -21.59778 1.000 84.09128  ? 24  C   A O2    1 
ATOM   463  N  N3    . C   A 1 23 ? 16.22005  5.99681   -19.96439 1.000 83.14187  ? 24  C   A N3    1 
ATOM   464  C  C4    . C   A 1 23 ? 15.57073  5.68017   -18.84288 1.000 80.81549  ? 24  C   A C4    1 
ATOM   465  N  N4    . C   A 1 23 ? 15.80339  4.48513   -18.29391 1.000 75.52885  ? 24  C   A N4    1 
ATOM   466  C  C5    . C   A 1 23 ? 14.65116  6.58056   -18.23374 1.000 78.52624  ? 24  C   A C5    1 
ATOM   467  C  C6    . C   A 1 23 ? 14.46138  7.76506   -18.82749 1.000 78.80295  ? 24  C   A C6    1 
ATOM   468  P  P     . U   A 1 24 ? 10.78159  8.80051   -22.97647 1.000 73.16989  ? 25  U   A P     1 
ATOM   469  O  OP1   . U   A 1 24 ? 11.71536  7.99457   -23.80755 1.000 61.29109  ? 25  U   A OP1   1 
ATOM   470  O  OP2   . U   A 1 24 ? 9.62930   9.47561   -23.62677 1.000 70.59228  ? 25  U   A OP2   1 
ATOM   471  O  "O5'" . U   A 1 24 ? 10.21265  7.86679   -21.81349 1.000 70.03448  ? 25  U   A "O5'" 1 
ATOM   472  C  "C5'" . U   A 1 24 ? 9.28213   8.36086   -20.85848 1.000 67.00457  ? 25  U   A "C5'" 1 
ATOM   473  C  "C4'" . U   A 1 24 ? 8.23666   7.32979   -20.50024 1.000 67.39360  ? 25  U   A "C4'" 1 
ATOM   474  O  "O4'" . U   A 1 24 ? 7.16036   7.34928   -21.47314 1.000 67.44108  ? 25  U   A "O4'" 1 
ATOM   475  C  "C3'" . U   A 1 24 ? 8.69061   5.87695   -20.48290 1.000 62.30799  ? 25  U   A "C3'" 1 
ATOM   476  O  "O3'" . U   A 1 24 ? 9.37564   5.52422   -19.29237 1.000 62.84962  ? 25  U   A "O3'" 1 
ATOM   477  C  "C2'" . U   A 1 24 ? 7.38464   5.11233   -20.68019 1.000 57.49225  ? 25  U   A "C2'" 1 
ATOM   478  O  "O2'" . U   A 1 24 ? 6.67840   4.99939   -19.45456 1.000 58.35487  ? 25  U   A "O2'" 1 
ATOM   479  C  "C1'" . U   A 1 24 ? 6.60026   6.05689   -21.59383 1.000 59.30727  ? 25  U   A "C1'" 1 
ATOM   480  N  N1    . U   A 1 24 ? 6.59207   5.63266   -23.01722 1.000 60.58629  ? 25  U   A N1    1 
ATOM   481  C  C2    . U   A 1 24 ? 7.64456   5.93298   -23.87278 1.000 66.42652  ? 25  U   A C2    1 
ATOM   482  O  O2    . U   A 1 24 ? 8.64171   6.54954   -23.55416 1.000 72.00535  ? 25  U   A O2    1 
ATOM   483  N  N3    . U   A 1 24 ? 7.50461   5.48872   -25.16229 1.000 59.36166  ? 25  U   A N3    1 
ATOM   484  C  C4    . U   A 1 24 ? 6.44902   4.78509   -25.68796 1.000 62.41392  ? 25  U   A C4    1 
ATOM   485  O  O4    . U   A 1 24 ? 6.48125   4.45736   -26.87562 1.000 65.38431  ? 25  U   A O4    1 
ATOM   486  C  C5    . U   A 1 24 ? 5.40332   4.50841   -24.75112 1.000 60.54333  ? 25  U   A C5    1 
ATOM   487  C  C6    . U   A 1 24 ? 5.50889   4.93033   -23.48743 1.000 57.20987  ? 25  U   A C6    1 
ATOM   488  P  P     . G   A 1 25 ? 10.52857  4.40399   -19.32608 1.000 62.98710  ? 26  G   A P     1 
ATOM   489  O  OP1   . G   A 1 25 ? 11.11906  4.30369   -17.96383 1.000 60.76958  ? 26  G   A OP1   1 
ATOM   490  O  OP2   . G   A 1 25 ? 11.39452  4.68832   -20.50114 1.000 63.12426  ? 26  G   A OP2   1 
ATOM   491  O  "O5'" . G   A 1 25 ? 9.74216   3.04722   -19.61243 1.000 61.11436  ? 26  G   A "O5'" 1 
ATOM   492  C  "C5'" . G   A 1 25 ? 10.41409  1.88330   -20.07951 1.000 57.96743  ? 26  G   A "C5'" 1 
ATOM   493  C  "C4'" . G   A 1 25 ? 9.48154   0.70111   -20.09268 1.000 52.21648  ? 26  G   A "C4'" 1 
ATOM   494  O  "O4'" . G   A 1 25 ? 9.08314   0.40059   -18.73268 1.000 49.62267  ? 26  G   A "O4'" 1 
ATOM   495  C  "C3'" . G   A 1 25 ? 8.18018   0.92676   -20.85061 1.000 52.05463  ? 26  G   A "C3'" 1 
ATOM   496  O  "O3'" . G   A 1 25 ? 8.31093   0.57009   -22.21599 1.000 52.15796  ? 26  G   A "O3'" 1 
ATOM   497  C  "C2'" . G   A 1 25 ? 7.16868   0.06423   -20.10184 1.000 51.51434  ? 26  G   A "C2'" 1 
ATOM   498  O  "O2'" . G   A 1 25 ? 7.20200   -1.27542  -20.57292 1.000 48.83665  ? 26  G   A "O2'" 1 
ATOM   499  C  "C1'" . G   A 1 25 ? 7.71226   0.09477   -18.67275 1.000 48.46339  ? 26  G   A "C1'" 1 
ATOM   500  N  N9    . G   A 1 25 ? 7.06820   1.10835   -17.81533 1.000 48.88288  ? 26  G   A N9    1 
ATOM   501  C  C8    . G   A 1 25 ? 7.74492   2.08402   -17.12388 1.000 51.85620  ? 26  G   A C8    1 
ATOM   502  N  N7    . G   A 1 25 ? 6.96749   2.85216   -16.41578 1.000 54.05298  ? 26  G   A N7    1 
ATOM   503  C  C5    . G   A 1 25 ? 5.69492   2.34635   -16.64068 1.000 48.49972  ? 26  G   A C5    1 
ATOM   504  C  C6    . G   A 1 25 ? 4.44208   2.78161   -16.13730 1.000 48.83451  ? 26  G   A C6    1 
ATOM   505  O  O6    . G   A 1 25 ? 4.20170   3.71869   -15.36392 1.000 48.11397  ? 26  G   A O6    1 
ATOM   506  N  N1    . G   A 1 25 ? 3.40338   1.99193   -16.61396 1.000 49.70564  ? 26  G   A N1    1 
ATOM   507  C  C2    . G   A 1 25 ? 3.55035   0.92843   -17.46834 1.000 49.44618  ? 26  G   A C2    1 
ATOM   508  N  N2    . G   A 1 25 ? 2.42149   0.29455   -17.81604 1.000 48.58208  ? 26  G   A N2    1 
ATOM   509  N  N3    . G   A 1 25 ? 4.71281   0.51476   -17.94735 1.000 49.66639  ? 26  G   A N3    1 
ATOM   510  C  C4    . G   A 1 25 ? 5.73862   1.26367   -17.49600 1.000 47.96271  ? 26  G   A C4    1 
ATOM   511  P  P     . A   A 1 26 ? 7.92779   1.59863   -23.38631 1.000 56.61670  ? 27  A   A P     1 
ATOM   512  O  OP1   . A   A 1 26 ? 8.56366   1.11871   -24.64362 1.000 50.61387  ? 27  A   A OP1   1 
ATOM   513  O  OP2   . A   A 1 26 ? 8.19497   2.97408   -22.89804 1.000 59.87139  ? 27  A   A OP2   1 
ATOM   514  O  "O5'" . A   A 1 26 ? 6.35402   1.42526   -23.55012 1.000 57.22581  ? 27  A   A "O5'" 1 
ATOM   515  C  "C5'" . A   A 1 26 ? 5.79360   0.16944   -23.90300 1.000 53.68924  ? 27  A   A "C5'" 1 
ATOM   516  C  "C4'" . A   A 1 26 ? 4.31334   0.13351   -23.62359 1.000 53.30011  ? 27  A   A "C4'" 1 
ATOM   517  O  "O4'" . A   A 1 26 ? 4.08433   0.23680   -22.19681 1.000 54.57979  ? 27  A   A "O4'" 1 
ATOM   518  C  "C3'" . A   A 1 26 ? 3.50349   1.27504   -24.21478 1.000 53.78489  ? 27  A   A "C3'" 1 
ATOM   519  O  "O3'" . A   A 1 26 ? 3.17248   1.05597   -25.57557 1.000 54.60957  ? 27  A   A "O3'" 1 
ATOM   520  C  "C2'" . A   A 1 26 ? 2.28812   1.34447   -23.29676 1.000 52.25178  ? 27  A   A "C2'" 1 
ATOM   521  O  "O2'" . A   A 1 26 ? 1.33080   0.36295   -23.66413 1.000 51.97473  ? 27  A   A "O2'" 1 
ATOM   522  C  "C1'" . A   A 1 26 ? 2.89242   0.94948   -21.94739 1.000 53.18556  ? 27  A   A "C1'" 1 
ATOM   523  N  N9    . A   A 1 26 ? 3.20779   2.10329   -21.07991 1.000 52.48056  ? 27  A   A N9    1 
ATOM   524  C  C8    . A   A 1 26 ? 4.45356   2.60828   -20.80479 1.000 53.02779  ? 27  A   A C8    1 
ATOM   525  N  N7    . A   A 1 26 ? 4.44853   3.62698   -19.97895 1.000 51.37931  ? 27  A   A N7    1 
ATOM   526  C  C5    . A   A 1 26 ? 3.10940   3.79953   -19.67633 1.000 49.10770  ? 27  A   A C5    1 
ATOM   527  C  C6    . A   A 1 26 ? 2.44953   4.72182   -18.84698 1.000 48.64368  ? 27  A   A C6    1 
ATOM   528  N  N6    . A   A 1 26 ? 3.09181   5.66626   -18.15788 1.000 50.11485  ? 27  A   A N6    1 
ATOM   529  N  N1    . A   A 1 26 ? 1.10213   4.64202   -18.75351 1.000 46.03639  ? 27  A   A N1    1 
ATOM   530  C  C2    . A   A 1 26 ? 0.48197   3.68469   -19.45618 1.000 49.79674  ? 27  A   A C2    1 
ATOM   531  N  N3    . A   A 1 26 ? 0.99447   2.75750   -20.27069 1.000 49.37070  ? 27  A   A N3    1 
ATOM   532  C  C4    . A   A 1 26 ? 2.33154   2.86720   -20.34049 1.000 49.89366  ? 27  A   A C4    1 
ATOM   533  P  P     . G   A 1 27 ? 3.04072   2.29821   -26.58514 1.000 58.10038  ? 28  G   A P     1 
ATOM   534  O  OP1   . G   A 1 27 ? 1.97867   1.97489   -27.57263 1.000 60.71379  ? 28  G   A OP1   1 
ATOM   535  O  OP2   . G   A 1 27 ? 4.40114   2.64281   -27.06241 1.000 54.30248  ? 28  G   A OP2   1 
ATOM   536  O  "O5'" . G   A 1 27 ? 2.53515   3.48716   -25.65256 1.000 55.29079  ? 28  G   A "O5'" 1 
ATOM   537  C  "C5'" . G   A 1 27 ? 1.64874   4.48118   -26.13654 1.000 52.64222  ? 28  G   A "C5'" 1 
ATOM   538  C  "C4'" . G   A 1 27 ? 0.42450   4.61017   -25.26263 1.000 53.65180  ? 28  G   A "C4'" 1 
ATOM   539  O  "O4'" . G   A 1 27 ? 0.75120   4.30402   -23.88234 1.000 53.25906  ? 28  G   A "O4'" 1 
ATOM   540  C  "C3'" . G   A 1 27 ? -0.18956  5.99709   -25.19124 1.000 54.40330  ? 28  G   A "C3'" 1 
ATOM   541  O  "O3'" . G   A 1 27 ? -0.99049  6.30733   -26.31385 1.000 53.67619  ? 28  G   A "O3'" 1 
ATOM   542  C  "C2'" . G   A 1 27 ? -0.95882  5.95633   -23.87848 1.000 51.20260  ? 28  G   A "C2'" 1 
ATOM   543  O  "O2'" . G   A 1 27 ? -2.18889  5.26679   -24.03879 1.000 52.18352  ? 28  G   A "O2'" 1 
ATOM   544  C  "C1'" . G   A 1 27 ? -0.03313  5.10005   -23.01492 1.000 49.91711  ? 28  G   A "C1'" 1 
ATOM   545  N  N9    . G   A 1 27 ? 0.87007   5.91393   -22.18038 1.000 48.44841  ? 28  G   A N9    1 
ATOM   546  C  C8    . G   A 1 27 ? 2.24164   5.86575   -22.19229 1.000 48.62646  ? 28  G   A C8    1 
ATOM   547  N  N7    . G   A 1 27 ? 2.78932   6.68714   -21.34168 1.000 48.84848  ? 28  G   A N7    1 
ATOM   548  C  C5    . G   A 1 27 ? 1.71846   7.31545   -20.72234 1.000 46.67450  ? 28  G   A C5    1 
ATOM   549  C  C6    . G   A 1 27 ? 1.70098   8.31228   -19.70734 1.000 46.87945  ? 28  G   A C6    1 
ATOM   550  O  O6    . G   A 1 27 ? 2.65769   8.85113   -19.12841 1.000 43.31013  ? 28  G   A O6    1 
ATOM   551  N  N1    . G   A 1 27 ? 0.39824   8.66661   -19.36995 1.000 46.04029  ? 28  G   A N1    1 
ATOM   552  C  C2    . G   A 1 27 ? -0.73520  8.14085   -19.93888 1.000 46.65804  ? 28  G   A C2    1 
ATOM   553  N  N2    . G   A 1 27 ? -1.90026  8.61895   -19.47753 1.000 46.77336  ? 28  G   A N2    1 
ATOM   554  N  N3    . G   A 1 27 ? -0.72945  7.21214   -20.88366 1.000 48.31816  ? 28  G   A N3    1 
ATOM   555  C  C4    . G   A 1 27 ? 0.52291   6.84525   -21.22686 1.000 47.43485  ? 28  G   A C4    1 
ATOM   556  P  P     . C   A 1 28 ? -0.88502  7.76428   -26.97364 1.000 64.87502  ? 29  C   A P     1 
ATOM   557  O  OP1   . C   A 1 28 ? -1.65707  7.74890   -28.24514 1.000 58.60978  ? 29  C   A OP1   1 
ATOM   558  O  OP2   . C   A 1 28 ? 0.55238   8.15500   -26.98013 1.000 51.51413  ? 29  C   A OP2   1 
ATOM   559  O  "O5'" . C   A 1 28 ? -1.66042  8.69523   -25.93892 1.000 53.67389  ? 29  C   A "O5'" 1 
ATOM   560  C  "C5'" . C   A 1 28 ? -3.04244  8.49686   -25.69184 1.000 50.13031  ? 29  C   A "C5'" 1 
ATOM   561  C  "C4'" . C   A 1 28 ? -3.58099  9.50814   -24.71430 1.000 53.59969  ? 29  C   A "C4'" 1 
ATOM   562  O  "O4'" . C   A 1 28 ? -3.01839  9.27112   -23.39788 1.000 55.09233  ? 29  C   A "O4'" 1 
ATOM   563  C  "C3'" . C   A 1 28 ? -3.24065  10.96172  -24.99737 1.000 54.15767  ? 29  C   A "C3'" 1 
ATOM   564  O  "O3'" . C   A 1 28 ? -4.05842  11.54435  -25.99635 1.000 52.42526  ? 29  C   A "O3'" 1 
ATOM   565  C  "C2'" . C   A 1 28 ? -3.39555  11.60390  -23.62652 1.000 54.00735  ? 29  C   A "C2'" 1 
ATOM   566  O  "O2'" . C   A 1 28 ? -4.76762  11.79511  -23.31632 1.000 57.08678  ? 29  C   A "O2'" 1 
ATOM   567  C  "C1'" . C   A 1 28 ? -2.85470  10.49978  -22.71879 1.000 51.52258  ? 29  C   A "C1'" 1 
ATOM   568  N  N1    . C   A 1 28 ? -1.42026  10.68852  -22.40432 1.000 49.21401  ? 29  C   A N1    1 
ATOM   569  C  C2    . C   A 1 28 ? -1.07795  11.62568  -21.42603 1.000 47.47110  ? 29  C   A C2    1 
ATOM   570  O  O2    . C   A 1 28 ? -1.98093  12.26119  -20.86175 1.000 46.22081  ? 29  C   A O2    1 
ATOM   571  N  N3    . C   A 1 28 ? 0.22560   11.81514  -21.11786 1.000 46.03729  ? 29  C   A N3    1 
ATOM   572  C  C4    . C   A 1 28 ? 1.16632   11.10935  -21.74615 1.000 45.60320  ? 29  C   A C4    1 
ATOM   573  N  N4    . C   A 1 28 ? 2.43722   11.32906  -21.40760 1.000 44.75755  ? 29  C   A N4    1 
ATOM   574  C  C5    . C   A 1 28 ? 0.84797   10.14722  -22.74761 1.000 45.62386  ? 29  C   A C5    1 
ATOM   575  C  C6    . C   A 1 28 ? -0.44603  9.97134   -23.04351 1.000 48.54519  ? 29  C   A C6    1 
ATOM   576  P  P     . C   A 1 29 ? -3.40905  12.50380  -27.11039 1.000 54.29625  ? 30  C   A P     1 
ATOM   577  O  OP1   . C   A 1 29 ? -4.44345  12.71545  -28.15462 1.000 63.55096  ? 30  C   A OP1   1 
ATOM   578  O  OP2   . C   A 1 29 ? -2.07510  11.97715  -27.49454 1.000 52.37392  ? 30  C   A OP2   1 
ATOM   579  O  "O5'" . C   A 1 29 ? -3.16287  13.87565  -26.34076 1.000 55.07199  ? 30  C   A "O5'" 1 
ATOM   580  C  "C5'" . C   A 1 29 ? -4.22020  14.52717  -25.65252 1.000 56.06585  ? 30  C   A "C5'" 1 
ATOM   581  C  "C4'" . C   A 1 29 ? -3.69355  15.57851  -24.70959 1.000 58.45087  ? 30  C   A "C4'" 1 
ATOM   582  O  "O4'" . C   A 1 29 ? -3.00940  14.94283  -23.59438 1.000 53.14992  ? 30  C   A "O4'" 1 
ATOM   583  C  "C3'" . C   A 1 29 ? -2.65062  16.52361  -25.28892 1.000 55.25346  ? 30  C   A "C3'" 1 
ATOM   584  O  "O3'" . C   A 1 29 ? -3.20621  17.57105  -26.06564 1.000 54.21429  ? 30  C   A "O3'" 1 
ATOM   585  C  "C2'" . C   A 1 29 ? -1.91438  16.99823  -24.04533 1.000 52.20931  ? 30  C   A "C2'" 1 
ATOM   586  O  "O2'" . C   A 1 29 ? -2.68854  17.96284  -23.34944 1.000 53.66225  ? 30  C   A "O2'" 1 
ATOM   587  C  "C1'" . C   A 1 29 ? -1.88918  15.71655  -23.21364 1.000 51.34725  ? 30  C   A "C1'" 1 
ATOM   588  N  N1    . C   A 1 29 ? -0.66335  14.92398  -23.46645 1.000 50.96918  ? 30  C   A N1    1 
ATOM   589  C  C2    . C   A 1 29 ? 0.52700   15.27868  -22.82265 1.000 50.95759  ? 30  C   A C2    1 
ATOM   590  O  O2    . C   A 1 29 ? 0.53013   16.24678  -22.04945 1.000 50.48013  ? 30  C   A O2    1 
ATOM   591  N  N3    . C   A 1 29 ? 1.64782   14.55686  -23.05534 1.000 51.48145  ? 30  C   A N3    1 
ATOM   592  C  C4    . C   A 1 29 ? 1.60940   13.51817  -23.89364 1.000 50.48856  ? 30  C   A C4    1 
ATOM   593  N  N4    . C   A 1 29 ? 2.72963   12.82351  -24.10324 1.000 47.31741  ? 30  C   A N4    1 
ATOM   594  C  C5    . C   A 1 29 ? 0.41411   13.13716  -24.56214 1.000 51.56318  ? 30  C   A C5    1 
ATOM   595  C  C6    . C   A 1 29 ? -0.68437  13.85843  -24.32151 1.000 49.44658  ? 30  C   A C6    1 
ATOM   596  P  P     . G   A 1 30 ? -2.57207  17.93138  -27.49903 1.000 56.06605  ? 31  G   A P     1 
ATOM   597  O  OP1   . G   A 1 30 ? -3.45292  18.94212  -28.13380 1.000 51.49590  ? 31  G   A OP1   1 
ATOM   598  O  OP2   . G   A 1 30 ? -2.27466  16.66354  -28.21047 1.000 55.29464  ? 31  G   A OP2   1 
ATOM   599  O  "O5'" . G   A 1 30 ? -1.17656  18.61717  -27.14857 1.000 55.83949  ? 31  G   A "O5'" 1 
ATOM   600  C  "C5'" . G   A 1 30 ? -1.12248  19.94616  -26.65493 1.000 50.10391  ? 31  G   A "C5'" 1 
ATOM   601  C  "C4'" . G   A 1 30 ? 0.14533   20.20883  -25.87953 1.000 51.52711  ? 31  G   A "C4'" 1 
ATOM   602  O  "O4'" . G   A 1 30 ? 0.39641   19.12525  -24.94793 1.000 55.42404  ? 31  G   A "O4'" 1 
ATOM   603  C  "C3'" . G   A 1 30 ? 1.43568   20.29696  -26.67966 1.000 49.48009  ? 31  G   A "C3'" 1 
ATOM   604  O  "O3'" . G   A 1 30 ? 1.60126   21.53554  -27.34294 1.000 58.28184  ? 31  G   A "O3'" 1 
ATOM   605  C  "C2'" . G   A 1 30 ? 2.49175   20.03075  -25.61596 1.000 50.76410  ? 31  G   A "C2'" 1 
ATOM   606  O  "O2'" . G   A 1 30 ? 2.71067   21.18367  -24.81786 1.000 54.02790  ? 31  G   A "O2'" 1 
ATOM   607  C  "C1'" . G   A 1 30 ? 1.79182   18.97312  -24.75898 1.000 56.93620  ? 31  G   A "C1'" 1 
ATOM   608  N  N9    . G   A 1 30 ? 2.19896   17.61590  -25.16560 1.000 54.12776  ? 31  G   A N9    1 
ATOM   609  C  C8    . G   A 1 30 ? 1.51045   16.72218  -25.94595 1.000 50.51703  ? 31  G   A C8    1 
ATOM   610  N  N7    . G   A 1 30 ? 2.17447   15.61463  -26.13557 1.000 55.11746  ? 31  G   A N7    1 
ATOM   611  C  C5    . G   A 1 30 ? 3.37112   15.79521  -25.44983 1.000 55.50876  ? 31  G   A C5    1 
ATOM   612  C  C6    . G   A 1 30 ? 4.49479   14.93873  -25.29823 1.000 57.50945  ? 31  G   A C6    1 
ATOM   613  O  O6    . G   A 1 30 ? 4.65791   13.79593  -25.74549 1.000 64.87930  ? 31  G   A O6    1 
ATOM   614  N  N1    . G   A 1 30 ? 5.48928   15.51966  -24.51778 1.000 55.97418  ? 31  G   A N1    1 
ATOM   615  C  C2    . G   A 1 30 ? 5.42057   16.76861  -23.95671 1.000 55.01271  ? 31  G   A C2    1 
ATOM   616  N  N2    . G   A 1 30 ? 6.48829   17.15417  -23.23773 1.000 52.24456  ? 31  G   A N2    1 
ATOM   617  N  N3    . G   A 1 30 ? 4.38031   17.57624  -24.09659 1.000 54.30705  ? 31  G   A N3    1 
ATOM   618  C  C4    . G   A 1 30 ? 3.40176   17.02976  -24.84977 1.000 51.98735  ? 31  G   A C4    1 
ATOM   619  P  P     . A   A 1 31 ? 2.10851   21.57597  -28.86828 1.000 60.56560  ? 32  A   A P     1 
ATOM   620  O  OP1   . A   A 1 31 ? 2.26537   22.99884  -29.27612 1.000 62.78949  ? 32  A   A OP1   1 
ATOM   621  O  OP2   . A   A 1 31 ? 1.24665   20.65111  -29.65446 1.000 51.11470  ? 32  A   A OP2   1 
ATOM   622  O  "O5'" . A   A 1 31 ? 3.58117   20.98336  -28.79808 1.000 54.64787  ? 32  A   A "O5'" 1 
ATOM   623  C  "C5'" . A   A 1 31 ? 4.43926   21.03496  -29.92442 1.000 53.67287  ? 32  A   A "C5'" 1 
ATOM   624  C  "C4'" . A   A 1 31 ? 5.84449   21.37245  -29.50860 1.000 54.20363  ? 32  A   A "C4'" 1 
ATOM   625  O  "O4'" . A   A 1 31 ? 5.94474   22.78635  -29.22397 1.000 58.72600  ? 32  A   A "O4'" 1 
ATOM   626  C  "C3'" . A   A 1 31 ? 6.32755   20.69733  -28.23811 1.000 55.21604  ? 32  A   A "C3'" 1 
ATOM   627  O  "O3'" . A   A 1 31 ? 6.78861   19.38200  -28.49104 1.000 63.73883  ? 32  A   A "O3'" 1 
ATOM   628  C  "C2'" . A   A 1 31 ? 7.41189   21.64578  -27.73277 1.000 55.30479  ? 32  A   A "C2'" 1 
ATOM   629  O  "O2'" . A   A 1 31 ? 8.64659   21.39844  -28.38769 1.000 53.79535  ? 32  A   A "O2'" 1 
ATOM   630  C  "C1'" . A   A 1 31 ? 6.87947   23.00762  -28.19085 1.000 58.52644  ? 32  A   A "C1'" 1 
ATOM   631  N  N9    . A   A 1 31 ? 6.21483   23.77481  -27.11731 1.000 57.43724  ? 32  A   A N9    1 
ATOM   632  C  C8    . A   A 1 31 ? 4.87249   24.05907  -27.02127 1.000 55.47636  ? 32  A   A C8    1 
ATOM   633  N  N7    . A   A 1 31 ? 4.55258   24.77808  -25.97294 1.000 52.99687  ? 32  A   A N7    1 
ATOM   634  C  C5    . A   A 1 31 ? 5.76876   24.99430  -25.34185 1.000 51.47378  ? 32  A   A C5    1 
ATOM   635  C  C6    . A   A 1 31 ? 6.10469   25.69200  -24.16980 1.000 52.05090  ? 32  A   A C6    1 
ATOM   636  N  N6    . A   A 1 31 ? 5.20254   26.31753  -23.41260 1.000 50.72713  ? 32  A   A N6    1 
ATOM   637  N  N1    . A   A 1 31 ? 7.40836   25.72257  -23.80377 1.000 53.40752  ? 32  A   A N1    1 
ATOM   638  C  C2    . A   A 1 31 ? 8.30376   25.08814  -24.57655 1.000 53.85168  ? 32  A   A C2    1 
ATOM   639  N  N3    . A   A 1 31 ? 8.11038   24.39724  -25.70166 1.000 53.90932  ? 32  A   A N3    1 
ATOM   640  C  C4    . A   A 1 31 ? 6.80510   24.38870  -26.03567 1.000 53.83069  ? 32  A   A C4    1 
ATOM   641  P  P     . A   A 1 32 ? 6.89078   18.29978  -27.30994 1.000 57.64026  ? 33  A   A P     1 
ATOM   642  O  OP1   . A   A 1 32 ? 6.64857   16.96365  -27.91526 1.000 62.70653  ? 33  A   A OP1   1 
ATOM   643  O  OP2   . A   A 1 32 ? 6.03633   18.75249  -26.18752 1.000 56.79395  ? 33  A   A OP2   1 
ATOM   644  O  "O5'" . A   A 1 32 ? 8.41951   18.38423  -26.86907 1.000 52.34177  ? 33  A   A "O5'" 1 
ATOM   645  C  "C5'" . A   A 1 32 ? 8.83618   17.99929  -25.57009 1.000 54.36281  ? 33  A   A "C5'" 1 
ATOM   646  C  "C4'" . A   A 1 32 ? 9.57032   19.12118  -24.88569 1.000 55.02233  ? 33  A   A "C4'" 1 
ATOM   647  O  "O4'" . A   A 1 32 ? 8.94217   20.38096  -25.22858 1.000 56.82711  ? 33  A   A "O4'" 1 
ATOM   648  C  "C3'" . A   A 1 32 ? 9.55057   19.07975  -23.36479 1.000 57.47113  ? 33  A   A "C3'" 1 
ATOM   649  O  "O3'" . A   A 1 32 ? 10.59018  18.27317  -22.84080 1.000 56.91544  ? 33  A   A "O3'" 1 
ATOM   650  C  "C2'" . A   A 1 32 ? 9.66931   20.54746  -22.96957 1.000 56.08703  ? 33  A   A "C2'" 1 
ATOM   651  O  "O2'" . A   A 1 32 ? 11.02659  20.96304  -22.99312 1.000 54.76024  ? 33  A   A "O2'" 1 
ATOM   652  C  "C1'" . A   A 1 32 ? 8.93230   21.24311  -24.11417 1.000 53.80999  ? 33  A   A "C1'" 1 
ATOM   653  N  N9    . A   A 1 32 ? 7.52938   21.57836  -23.80072 1.000 51.56820  ? 33  A   A N9    1 
ATOM   654  C  C8    . A   A 1 32 ? 6.42138   21.17180  -24.50319 1.000 51.31031  ? 33  A   A C8    1 
ATOM   655  N  N7    . A   A 1 32 ? 5.28696   21.63270  -24.04035 1.000 50.89582  ? 33  A   A N7    1 
ATOM   656  C  C5    . A   A 1 32 ? 5.67409   22.41185  -22.95941 1.000 52.19138  ? 33  A   A C5    1 
ATOM   657  C  C6    . A   A 1 32 ? 4.93310   23.17915  -22.04361 1.000 50.08254  ? 33  A   A C6    1 
ATOM   658  N  N6    . A   A 1 32 ? 3.60262   23.28903  -22.07454 1.000 49.17336  ? 33  A   A N6    1 
ATOM   659  N  N1    . A   A 1 32 ? 5.61729   23.83658  -21.08199 1.000 53.44632  ? 33  A   A N1    1 
ATOM   660  C  C2    . A   A 1 32 ? 6.95366   23.72407  -21.05526 1.000 54.81467  ? 33  A   A C2    1 
ATOM   661  N  N3    . A   A 1 32 ? 7.76229   23.03441  -21.85925 1.000 51.57025  ? 33  A   A N3    1 
ATOM   662  C  C4    . A   A 1 32 ? 7.05303   22.39386  -22.80262 1.000 51.82860  ? 33  A   A C4    1 
ATOM   663  P  P     . A   A 1 33 ? 10.24888  17.04556  -21.86683 1.000 64.39212  ? 34  A   A P     1 
ATOM   664  O  OP1   . A   A 1 33 ? 11.47168  16.21388  -21.71151 1.000 59.25115  ? 34  A   A OP1   1 
ATOM   665  O  OP2   . A   A 1 33 ? 8.98849   16.42997  -22.36406 1.000 58.42955  ? 34  A   A OP2   1 
ATOM   666  O  "O5'" . A   A 1 33 ? 9.94622   17.74186  -20.46622 1.000 57.44948  ? 34  A   A "O5'" 1 
ATOM   667  C  "C5'" . A   A 1 33 ? 10.95401  18.45449  -19.76400 1.000 53.88703  ? 34  A   A "C5'" 1 
ATOM   668  C  "C4'" . A   A 1 33 ? 10.34877  19.36463  -18.72636 1.000 53.85667  ? 34  A   A "C4'" 1 
ATOM   669  O  "O4'" . A   A 1 33 ? 9.58426   20.40764  -19.38662 1.000 55.12687  ? 34  A   A "O4'" 1 
ATOM   670  C  "C3'" . A   A 1 33 ? 9.35251   18.71067  -17.77927 1.000 53.03627  ? 34  A   A "C3'" 1 
ATOM   671  O  "O3'" . A   A 1 33 ? 9.98086   18.05550  -16.69057 1.000 52.86273  ? 34  A   A "O3'" 1 
ATOM   672  C  "C2'" . A   A 1 33 ? 8.46928   19.87760  -17.36059 1.000 51.13195  ? 34  A   A "C2'" 1 
ATOM   673  O  "O2'" . A   A 1 33 ? 9.11071   20.65771  -16.36176 1.000 50.75830  ? 34  A   A "O2'" 1 
ATOM   674  C  "C1'" . A   A 1 33 ? 8.41594   20.69582  -18.64959 1.000 51.41308  ? 34  A   A "C1'" 1 
ATOM   675  N  N9    . A   A 1 33 ? 7.24809   20.35056  -19.48450 1.000 51.81920  ? 34  A   A N9    1 
ATOM   676  C  C8    . A   A 1 33 ? 7.22949   19.50739  -20.56827 1.000 51.84625  ? 34  A   A C8    1 
ATOM   677  N  N7    . A   A 1 33 ? 6.05015   19.38570  -21.12757 1.000 52.92078  ? 34  A   A N7    1 
ATOM   678  C  C5    . A   A 1 33 ? 5.23285   20.20835  -20.36490 1.000 49.45045  ? 34  A   A C5    1 
ATOM   679  C  C6    . A   A 1 33 ? 3.86170   20.51436  -20.44421 1.000 48.61885  ? 34  A   A C6    1 
ATOM   680  N  N6    . A   A 1 33 ? 3.04122   20.01035  -21.36995 1.000 48.89509  ? 34  A   A N6    1 
ATOM   681  N  N1    . A   A 1 33 ? 3.35296   21.37016  -19.53000 1.000 47.96057  ? 34  A   A N1    1 
ATOM   682  C  C2    . A   A 1 33 ? 4.17530   21.87681  -18.60429 1.000 49.01473  ? 34  A   A C2    1 
ATOM   683  N  N3    . A   A 1 33 ? 5.47822   21.66340  -18.42658 1.000 51.71399  ? 34  A   A N3    1 
ATOM   684  C  C4    . A   A 1 33 ? 5.95621   20.80986  -19.34942 1.000 51.07328  ? 34  A   A C4    1 
ATOM   685  P  P     . A   A 1 34 ? 9.41540   16.65414  -16.13861 1.000 51.45789  ? 35  A   A P     1 
ATOM   686  O  OP1   . A   A 1 34 ? 10.42668  16.09577  -15.20648 1.000 51.94622  ? 35  A   A OP1   1 
ATOM   687  O  OP2   . A   A 1 34 ? 8.96648   15.83794  -17.29489 1.000 56.70863  ? 35  A   A OP2   1 
ATOM   688  O  "O5'" . A   A 1 34 ? 8.12568   17.05651  -15.29222 1.000 53.21763  ? 35  A   A "O5'" 1 
ATOM   689  C  "C5'" . A   A 1 34 ? 8.23927   17.73787  -14.05010 1.000 49.14483  ? 35  A   A "C5'" 1 
ATOM   690  C  "C4'" . A   A 1 34 ? 6.97653   18.49619  -13.72636 1.000 47.43083  ? 35  A   A "C4'" 1 
ATOM   691  O  "O4'" . A   A 1 34 ? 6.61566   19.32810  -14.86019 1.000 50.46759  ? 35  A   A "O4'" 1 
ATOM   692  C  "C3'" . A   A 1 34 ? 5.73493   17.65106  -13.47746 1.000 44.32108  ? 35  A   A "C3'" 1 
ATOM   693  O  "O3'" . A   A 1 34 ? 5.65621   17.15370  -12.15357 1.000 42.46639  ? 35  A   A "O3'" 1 
ATOM   694  C  "C2'" . A   A 1 34 ? 4.60802   18.60813  -13.83279 1.000 45.23462  ? 35  A   A "C2'" 1 
ATOM   695  O  "O2'" . A   A 1 34 ? 4.39524   19.53906  -12.78418 1.000 49.22974  ? 35  A   A "O2'" 1 
ATOM   696  C  "C1'" . A   A 1 34 ? 5.21341   19.34755  -15.01970 1.000 49.84349  ? 35  A   A "C1'" 1 
ATOM   697  N  N9    . A   A 1 34 ? 4.88100   18.67163  -16.28519 1.000 48.07166  ? 35  A   A N9    1 
ATOM   698  C  C8    . A   A 1 34 ? 5.69004   17.87924  -17.05771 1.000 47.80768  ? 35  A   A C8    1 
ATOM   699  N  N7    . A   A 1 34 ? 5.09620   17.40708  -18.12618 1.000 47.55774  ? 35  A   A N7    1 
ATOM   700  C  C5    . A   A 1 34 ? 3.81115   17.91727  -18.04308 1.000 43.55698  ? 35  A   A C5    1 
ATOM   701  C  C6    . A   A 1 34 ? 2.69107   17.78383  -18.87287 1.000 43.23730  ? 35  A   A C6    1 
ATOM   702  N  N6    . A   A 1 34 ? 2.68976   17.06776  -19.99749 1.000 45.13042  ? 35  A   A N6    1 
ATOM   703  N  N1    . A   A 1 34 ? 1.56044   18.42314  -18.50238 1.000 46.87493  ? 35  A   A N1    1 
ATOM   704  C  C2    . A   A 1 34 ? 1.56492   19.14705  -17.37497 1.000 46.52613  ? 35  A   A C2    1 
ATOM   705  N  N3    . A   A 1 34 ? 2.55674   19.34809  -16.51221 1.000 48.23804  ? 35  A   A N3    1 
ATOM   706  C  C4    . A   A 1 34 ? 3.66253   18.69705  -16.91249 1.000 46.77377  ? 35  A   A C4    1 
ATOM   707  P  P     . G   A 1 35 ? 4.92948   15.75120  -11.84947 1.000 42.70136  ? 36  G   A P     1 
ATOM   708  O  OP1   . G   A 1 35 ? 4.89477   15.58530  -10.37195 1.000 38.53787  ? 36  G   A OP1   1 
ATOM   709  O  OP2   . G   A 1 35 ? 5.53998   14.70672  -12.71282 1.000 42.97568  ? 36  G   A OP2   1 
ATOM   710  O  "O5'" . G   A 1 35 ? 3.43105   15.96202  -12.34998 1.000 44.68503  ? 36  G   A "O5'" 1 
ATOM   711  C  "C5'" . G   A 1 35 ? 2.54749   16.84547  -11.67340 1.000 43.25789  ? 36  G   A "C5'" 1 
ATOM   712  C  "C4'" . G   A 1 35 ? 1.22653   16.95131  -12.38932 1.000 42.16115  ? 36  G   A "C4'" 1 
ATOM   713  O  "O4'" . G   A 1 35 ? 1.43650   17.41479  -13.74993 1.000 46.15133  ? 36  G   A "O4'" 1 
ATOM   714  C  "C3'" . G   A 1 35 ? 0.47233   15.64509  -12.55468 1.000 44.56407  ? 36  G   A "C3'" 1 
ATOM   715  O  "O3'" . G   A 1 35 ? -0.25965  15.29047  -11.39656 1.000 46.72694  ? 36  G   A "O3'" 1 
ATOM   716  C  "C2'" . G   A 1 35 ? -0.39870  15.91118  -13.77507 1.000 44.67620  ? 36  G   A "C2'" 1 
ATOM   717  O  "O2'" . G   A 1 35 ? -1.52729  16.69323  -13.41709 1.000 47.02414  ? 36  G   A "O2'" 1 
ATOM   718  C  "C1'" . G   A 1 35 ? 0.53179   16.77330  -14.62541 1.000 42.73359  ? 36  G   A "C1'" 1 
ATOM   719  N  N9    . G   A 1 35 ? 1.31138   15.97845  -15.59558 1.000 42.88116  ? 36  G   A N9    1 
ATOM   720  C  C8    . G   A 1 35 ? 2.67218   15.79452  -15.56237 1.000 44.45441  ? 36  G   A C8    1 
ATOM   721  N  N7    . G   A 1 35 ? 3.12148   15.05859  -16.53968 1.000 44.03577  ? 36  G   A N7    1 
ATOM   722  C  C5    . G   A 1 35 ? 1.99227   14.73611  -17.27223 1.000 42.45231  ? 36  G   A C5    1 
ATOM   723  C  C6    . G   A 1 35 ? 1.86759   13.95165  -18.44585 1.000 42.99729  ? 36  G   A C6    1 
ATOM   724  O  O6    . G   A 1 35 ? 2.75666   13.38268  -19.08882 1.000 43.10408  ? 36  G   A O6    1 
ATOM   725  N  N1    . G   A 1 35 ? 0.54712   13.87075  -18.86982 1.000 43.92422  ? 36  G   A N1    1 
ATOM   726  C  C2    . G   A 1 35 ? -0.51903  14.46373  -18.24184 1.000 41.94470  ? 36  G   A C2    1 
ATOM   727  N  N2    . G   A 1 35 ? -1.71941  14.26379  -18.80948 1.000 36.59464  ? 36  G   A N2    1 
ATOM   728  N  N3    . G   A 1 35 ? -0.41438  15.19845  -17.14105 1.000 45.57738  ? 36  G   A N3    1 
ATOM   729  C  C4    . G   A 1 35 ? 0.86309   15.29629  -16.70904 1.000 44.33604  ? 36  G   A C4    1 
ATOM   730  P  P     . C   A 1 36 ? -0.36435  13.75186  -10.95273 1.000 51.30023  ? 37  C   A P     1 
ATOM   731  O  OP1   . C   A 1 36 ? -1.01309  13.70938  -9.61566  1.000 51.55480  ? 37  C   A OP1   1 
ATOM   732  O  OP2   . C   A 1 36 ? 0.97236   13.13480  -11.15488 1.000 47.62820  ? 37  C   A OP2   1 
ATOM   733  O  "O5'" . C   A 1 36 ? -1.36888  13.11366  -12.01352 1.000 45.09960  ? 37  C   A "O5'" 1 
ATOM   734  C  "C5'" . C   A 1 36 ? -2.70172  13.58902  -12.12572 1.000 46.54988  ? 37  C   A "C5'" 1 
ATOM   735  C  "C4'" . C   A 1 36 ? -3.38450  13.04524  -13.35547 1.000 46.37930  ? 37  C   A "C4'" 1 
ATOM   736  O  "O4'" . C   A 1 36 ? -2.66623  13.46129  -14.54499 1.000 45.06499  ? 37  C   A "O4'" 1 
ATOM   737  C  "C3'" . C   A 1 36 ? -3.43496  11.53273  -13.47358 1.000 46.88580  ? 37  C   A "C3'" 1 
ATOM   738  O  "O3'" . C   A 1 36 ? -4.45970  10.94965  -12.69034 1.000 47.54390  ? 37  C   A "O3'" 1 
ATOM   739  C  "C2'" . C   A 1 36 ? -3.60923  11.32555  -14.97162 1.000 46.27138  ? 37  C   A "C2'" 1 
ATOM   740  O  "O2'" . C   A 1 36 ? -4.95358  11.56998  -15.35932 1.000 46.73498  ? 37  C   A "O2'" 1 
ATOM   741  C  "C1'" . C   A 1 36 ? -2.74104  12.45150  -15.53006 1.000 39.49007  ? 37  C   A "C1'" 1 
ATOM   742  N  N1    . C   A 1 36 ? -1.36724  12.00302  -15.84669 1.000 39.83838  ? 37  C   A N1    1 
ATOM   743  C  C2    . C   A 1 36 ? -1.13499  11.25898  -17.00859 1.000 42.65502  ? 37  C   A C2    1 
ATOM   744  O  O2    . C   A 1 36 ? -2.08798  10.97653  -17.74473 1.000 45.23040  ? 37  C   A O2    1 
ATOM   745  N  N3    . C   A 1 36 ? 0.12048   10.85666  -17.30760 1.000 43.12727  ? 37  C   A N3    1 
ATOM   746  C  C4    . C   A 1 36 ? 1.12610   11.17679  -16.49350 1.000 44.19391  ? 37  C   A C4    1 
ATOM   747  N  N4    . C   A 1 36 ? 2.35087   10.76165  -16.82180 1.000 43.13853  ? 37  C   A N4    1 
ATOM   748  C  C5    . C   A 1 36 ? 0.92228   11.94047  -15.30631 1.000 44.46390  ? 37  C   A C5    1 
ATOM   749  C  C6    . C   A 1 36 ? -0.32721  12.33019  -15.02400 1.000 43.01825  ? 37  C   A C6    1 
ATOM   750  P  P     . U   A 1 37 ? -4.21010  9.53384   -11.97624 1.000 50.35448  ? 38  U   A P     1 
ATOM   751  O  OP1   . U   A 1 37 ? -5.24928  9.34876   -10.93084 1.000 44.40418  ? 38  U   A OP1   1 
ATOM   752  O  OP2   . U   A 1 37 ? -2.77877  9.47059   -11.57404 1.000 44.92891  ? 38  U   A OP2   1 
ATOM   753  O  "O5'" . U   A 1 37 ? -4.45974  8.47882   -13.14708 1.000 46.20192  ? 38  U   A "O5'" 1 
ATOM   754  C  "C5'" . U   A 1 37 ? -5.72835  8.38264   -13.77447 1.000 43.73067  ? 38  U   A "C5'" 1 
ATOM   755  C  "C4'" . U   A 1 37 ? -5.72684  7.38457   -14.90698 1.000 46.29402  ? 38  U   A "C4'" 1 
ATOM   756  O  "O4'" . U   A 1 37 ? -4.90727  7.87066   -16.00105 1.000 48.75738  ? 38  U   A "O4'" 1 
ATOM   757  C  "C3'" . U   A 1 37 ? -5.15029  6.01296   -14.60060 1.000 45.84786  ? 38  U   A "C3'" 1 
ATOM   758  O  "O3'" . U   A 1 37 ? -6.05918  5.17209   -13.91421 1.000 45.21730  ? 38  U   A "O3'" 1 
ATOM   759  C  "C2'" . U   A 1 37 ? -4.77177  5.50116   -15.98348 1.000 46.07384  ? 38  U   A "C2'" 1 
ATOM   760  O  "O2'" . U   A 1 37 ? -5.92447  5.05675   -16.68126 1.000 49.33755  ? 38  U   A "O2'" 1 
ATOM   761  C  "C1'" . U   A 1 37 ? -4.28182  6.78443   -16.65329 1.000 46.87925  ? 38  U   A "C1'" 1 
ATOM   762  N  N1    . U   A 1 37 ? -2.81476  6.95487   -16.54132 1.000 46.83981  ? 38  U   A N1    1 
ATOM   763  C  C2    . U   A 1 37 ? -1.98640  6.19456   -17.34935 1.000 47.23779  ? 38  U   A C2    1 
ATOM   764  O  O2    . U   A 1 37 ? -2.40415  5.37631   -18.15069 1.000 48.54182  ? 38  U   A O2    1 
ATOM   765  N  N3    . U   A 1 37 ? -0.64150  6.42158   -17.18336 1.000 46.48238  ? 38  U   A N3    1 
ATOM   766  C  C4    . U   A 1 37 ? -0.05531  7.31819   -16.31293 1.000 47.44893  ? 38  U   A C4    1 
ATOM   767  O  O4    . U   A 1 37 ? 1.17364   7.42340   -16.26600 1.000 47.67384  ? 38  U   A O4    1 
ATOM   768  C  C5    . U   A 1 37 ? -0.98254  8.06397   -15.52069 1.000 47.39113  ? 38  U   A C5    1 
ATOM   769  C  C6    . U   A 1 37 ? -2.29459  7.86569   -15.65674 1.000 43.52325  ? 38  U   A C6    1 
ATOM   770  P  P     . C   A 1 38 ? -5.54565  4.24097   -12.70979 1.000 49.82764  ? 39  C   A P     1 
ATOM   771  O  OP1   . C   A 1 38 ? -6.75200  3.68086   -12.04787 1.000 46.81415  ? 39  C   A OP1   1 
ATOM   772  O  OP2   . C   A 1 38 ? -4.56063  5.00809   -11.90311 1.000 48.01741  ? 39  C   A OP2   1 
ATOM   773  O  "O5'" . C   A 1 38 ? -4.77589  3.05430   -13.44465 1.000 45.50840  ? 39  C   A "O5'" 1 
ATOM   774  C  "C5'" . C   A 1 38 ? -5.49336  2.08368   -14.19100 1.000 42.84015  ? 39  C   A "C5'" 1 
ATOM   775  C  "C4'" . C   A 1 38 ? -4.59318  1.28576   -15.10110 1.000 42.72591  ? 39  C   A "C4'" 1 
ATOM   776  O  "O4'" . C   A 1 38 ? -3.80391  2.17510   -15.93345 1.000 45.73746  ? 39  C   A "O4'" 1 
ATOM   777  C  "C3'" . C   A 1 38 ? -3.55274  0.40541   -14.42854 1.000 41.92750  ? 39  C   A "C3'" 1 
ATOM   778  O  "O3'" . C   A 1 38 ? -4.08729  -0.80569  -13.92409 1.000 39.17763  ? 39  C   A "O3'" 1 
ATOM   779  C  "C2'" . C   A 1 38 ? -2.53659  0.20199   -15.54336 1.000 46.54907  ? 39  C   A "C2'" 1 
ATOM   780  O  "O2'" . C   A 1 38 ? -3.00022  -0.76364  -16.47435 1.000 44.89665  ? 39  C   A "O2'" 1 
ATOM   781  C  "C1'" . C   A 1 38 ? -2.55739  1.57330   -16.22389 1.000 46.73455  ? 39  C   A "C1'" 1 
ATOM   782  N  N1    . C   A 1 38 ? -1.46228  2.44355   -15.73633 1.000 43.45566  ? 39  C   A N1    1 
ATOM   783  C  C2    . C   A 1 38 ? -0.17049  2.21606   -16.22433 1.000 45.68853  ? 39  C   A C2    1 
ATOM   784  O  O2    . C   A 1 38 ? 0.01158   1.31049   -17.04991 1.000 45.57672  ? 39  C   A O2    1 
ATOM   785  N  N3    . C   A 1 38 ? 0.85421   2.98767   -15.79230 1.000 49.45179  ? 39  C   A N3    1 
ATOM   786  C  C4    . C   A 1 38 ? 0.62825   3.95763   -14.90440 1.000 49.30266  ? 39  C   A C4    1 
ATOM   787  N  N4    . C   A 1 38 ? 1.67033   4.69232   -14.50627 1.000 46.08908  ? 39  C   A N4    1 
ATOM   788  C  C5    . C   A 1 38 ? -0.67808  4.21142   -14.38697 1.000 47.69067  ? 39  C   A C5    1 
ATOM   789  C  C6    . C   A 1 38 ? -1.68346  3.43643   -14.82362 1.000 46.23858  ? 39  C   A C6    1 
ATOM   790  P  P     . U   A 1 39 ? -3.57796  -1.40417  -12.51933 1.000 40.41120  ? 40  U   A P     1 
ATOM   791  O  OP1   . U   A 1 39 ? -4.38051  -2.62123  -12.23871 1.000 45.53421  ? 40  U   A OP1   1 
ATOM   792  O  OP2   . U   A 1 39 ? -3.56011  -0.31763  -11.51119 1.000 44.41297  ? 40  U   A OP2   1 
ATOM   793  O  "O5'" . U   A 1 39 ? -2.07761  -1.85983  -12.80641 1.000 39.52674  ? 40  U   A "O5'" 1 
ATOM   794  C  "C5'" . U   A 1 39 ? -1.79724  -2.86200  -13.77201 1.000 41.06882  ? 40  U   A "C5'" 1 
ATOM   795  C  "C4'" . U   A 1 39 ? -0.31663  -3.00225  -14.01467 1.000 42.98187  ? 40  U   A "C4'" 1 
ATOM   796  O  "O4'" . U   A 1 39 ? 0.19733   -1.80748  -14.65878 1.000 43.34640  ? 40  U   A "O4'" 1 
ATOM   797  C  "C3'" . U   A 1 39 ? 0.54983   -3.15345  -12.77632 1.000 43.98064  ? 40  U   A "C3'" 1 
ATOM   798  O  "O3'" . U   A 1 39 ? 0.55775   -4.47364  -12.26920 1.000 40.79953  ? 40  U   A "O3'" 1 
ATOM   799  C  "C2'" . U   A 1 39 ? 1.91201   -2.68044  -13.26521 1.000 44.84354  ? 40  U   A "C2'" 1 
ATOM   800  O  "O2'" . U   A 1 39 ? 2.55717   -3.69837  -14.01750 1.000 44.67859  ? 40  U   A "O2'" 1 
ATOM   801  C  "C1'" . U   A 1 39 ? 1.51329   -1.54983  -14.21530 1.000 44.34702  ? 40  U   A "C1'" 1 
ATOM   802  N  N1    . U   A 1 39 ? 1.53535   -0.23243  -13.54027 1.000 47.22280  ? 40  U   A N1    1 
ATOM   803  C  C2    . U   A 1 39 ? 2.74899   0.42119   -13.45142 1.000 45.34400  ? 40  U   A C2    1 
ATOM   804  O  O2    . U   A 1 39 ? 3.78184   -0.03812  -13.90695 1.000 45.60316  ? 40  U   A O2    1 
ATOM   805  N  N3    . U   A 1 39 ? 2.70705   1.63282   -12.80866 1.000 44.99913  ? 40  U   A N3    1 
ATOM   806  C  C4    . U   A 1 39 ? 1.59724   2.24123   -12.26178 1.000 44.83341  ? 40  U   A C4    1 
ATOM   807  O  O4    . U   A 1 39 ? 1.71358   3.33646   -11.71840 1.000 48.91955  ? 40  U   A O4    1 
ATOM   808  C  C5    . U   A 1 39 ? 0.38138   1.50406   -12.39483 1.000 45.08664  ? 40  U   A C5    1 
ATOM   809  C  C6    . U   A 1 39 ? 0.39173   0.32097   -13.01317 1.000 45.42993  ? 40  U   A C6    1 
ATOM   810  P  P     . C   A 1 40 ? 0.61947   -4.72398  -10.68573 1.000 45.47070  ? 41  C   A P     1 
ATOM   811  O  OP1   . C   A 1 40 ? 0.27461   -6.15147  -10.45285 1.000 49.70827  ? 41  C   A OP1   1 
ATOM   812  O  OP2   . C   A 1 40 ? -0.16077  -3.65696  -10.00827 1.000 43.96760  ? 41  C   A OP2   1 
ATOM   813  O  "O5'" . C   A 1 40 ? 2.15542   -4.51701  -10.32297 1.000 41.98307  ? 41  C   A "O5'" 1 
ATOM   814  C  "C5'" . C   A 1 40 ? 3.15362   -5.33591  -10.91019 1.000 42.40904  ? 41  C   A "C5'" 1 
ATOM   815  C  "C4'" . C   A 1 40 ? 4.52759   -4.75020  -10.71726 1.000 44.98735  ? 41  C   A "C4'" 1 
ATOM   816  O  "O4'" . C   A 1 40 ? 4.61266   -3.45960  -11.38056 1.000 42.61237  ? 41  C   A "O4'" 1 
ATOM   817  C  "C3'" . C   A 1 40 ? 4.92109   -4.45040  -9.28124  1.000 43.68402  ? 41  C   A "C3'" 1 
ATOM   818  O  "O3'" . C   A 1 40 ? 5.36311   -5.59600  -8.57848  1.000 47.67495  ? 41  C   A "O3'" 1 
ATOM   819  C  "C2'" . C   A 1 40 ? 5.99035   -3.38016  -9.44878  1.000 44.92164  ? 41  C   A "C2'" 1 
ATOM   820  O  "O2'" . C   A 1 40 ? 7.22645   -3.96012  -9.83561  1.000 47.49498  ? 41  C   A "O2'" 1 
ATOM   821  C  "C1'" . C   A 1 40 ? 5.43715   -2.58869  -10.63389 1.000 42.51751  ? 41  C   A "C1'" 1 
ATOM   822  N  N1    . C   A 1 40 ? 4.62290   -1.43399  -10.19192 1.000 42.38075  ? 41  C   A N1    1 
ATOM   823  C  C2    . C   A 1 40 ? 5.26744   -0.26892  -9.76362  1.000 42.93602  ? 41  C   A C2    1 
ATOM   824  O  O2    . C   A 1 40 ? 6.50553   -0.22946  -9.76456  1.000 41.73686  ? 41  C   A O2    1 
ATOM   825  N  N3    . C   A 1 40 ? 4.52560   0.78782   -9.35844  1.000 45.24917  ? 41  C   A N3    1 
ATOM   826  C  C4    . C   A 1 40 ? 3.19366   0.70948   -9.37369  1.000 44.81748  ? 41  C   A C4    1 
ATOM   827  N  N4    . C   A 1 40 ? 2.49514   1.77141   -8.97023  1.000 41.38011  ? 41  C   A N4    1 
ATOM   828  C  C5    . C   A 1 40 ? 2.51362   -0.46625  -9.80449  1.000 44.83241  ? 41  C   A C5    1 
ATOM   829  C  C6    . C   A 1 40 ? 3.25834   -1.50283  -10.20019 1.000 41.58373  ? 41  C   A C6    1 
ATOM   830  P  P     . U   A 1 41 ? 5.16315   -5.69316  -6.98710  1.000 52.32425  ? 42  U   A P     1 
ATOM   831  O  OP1   . U   A 1 41 ? 5.62806   -7.03927  -6.55682  1.000 47.29145  ? 42  U   A OP1   1 
ATOM   832  O  OP2   . U   A 1 41 ? 3.78211   -5.24431  -6.66311  1.000 42.63950  ? 42  U   A OP2   1 
ATOM   833  O  "O5'" . U   A 1 41 ? 6.19237   -4.62665  -6.40750  1.000 42.22108  ? 42  U   A "O5'" 1 
ATOM   834  C  "C5'" . U   A 1 41 ? 7.58945   -4.79610  -6.58522  1.000 43.47510  ? 42  U   A "C5'" 1 
ATOM   835  C  "C4'" . U   A 1 41 ? 8.35702   -3.64476  -5.99073  1.000 48.18141  ? 42  U   A "C4'" 1 
ATOM   836  O  "O4'" . U   A 1 41 ? 8.09160   -2.43455  -6.74953  1.000 45.67597  ? 42  U   A "O4'" 1 
ATOM   837  C  "C3'" . U   A 1 41 ? 7.98352   -3.26838  -4.56644  1.000 49.90919  ? 42  U   A "C3'" 1 
ATOM   838  O  "O3'" . U   A 1 41 ? 8.57060   -4.10385  -3.58682  1.000 47.94612  ? 42  U   A "O3'" 1 
ATOM   839  C  "C2'" . U   A 1 41 ? 8.42958   -1.81733  -4.48456  1.000 47.34011  ? 42  U   A "C2'" 1 
ATOM   840  O  "O2'" . U   A 1 41 ? 9.83910   -1.74303  -4.34313  1.000 49.79986  ? 42  U   A "O2'" 1 
ATOM   841  C  "C1'" . U   A 1 41 ? 8.06455   -1.31932  -5.88159  1.000 45.67396  ? 42  U   A "C1'" 1 
ATOM   842  N  N1    . U   A 1 41 ? 6.71033   -0.71749  -5.92026  1.000 45.32543  ? 42  U   A N1    1 
ATOM   843  C  C2    . U   A 1 41 ? 6.57595   0.60943   -5.54579  1.000 46.49753  ? 42  U   A C2    1 
ATOM   844  O  O2    . U   A 1 41 ? 7.51539   1.29766   -5.18877  1.000 45.12999  ? 42  U   A O2    1 
ATOM   845  N  N3    . U   A 1 41 ? 5.29833   1.10843   -5.60468  1.000 45.65430  ? 42  U   A N3    1 
ATOM   846  C  C4    . U   A 1 41 ? 4.16032   0.43014   -5.99036  1.000 48.40974  ? 42  U   A C4    1 
ATOM   847  O  O4    . U   A 1 41 ? 3.07159   1.01146   -5.99348  1.000 49.43948  ? 42  U   A O4    1 
ATOM   848  C  C5    . U   A 1 41 ? 4.38182   -0.93514  -6.36060  1.000 46.28498  ? 42  U   A C5    1 
ATOM   849  C  C6    . U   A 1 41 ? 5.61471   -1.44765  -6.31551  1.000 43.29726  ? 42  U   A C6    1 
ATOM   850  P  P     . G   A 1 42 ? 7.81956   -4.33885  -2.18401  1.000 63.16651  ? 43  G   A P     1 
ATOM   851  O  OP1   . G   A 1 42 ? 8.64676   -5.30756  -1.41890  1.000 64.97983  ? 43  G   A OP1   1 
ATOM   852  O  OP2   . G   A 1 42 ? 6.38737   -4.65034  -2.44103  1.000 46.78525  ? 43  G   A OP2   1 
ATOM   853  O  "O5'" . G   A 1 42 ? 7.91005   -2.92396  -1.45076  1.000 50.84849  ? 43  G   A "O5'" 1 
ATOM   854  C  "C5'" . G   A 1 42 ? 9.12013   -2.50958  -0.83847  1.000 48.66163  ? 43  G   A "C5'" 1 
ATOM   855  C  "C4'" . G   A 1 42 ? 9.04545   -1.09392  -0.32214  1.000 53.83424  ? 43  G   A "C4'" 1 
ATOM   856  O  "O4'" . G   A 1 42 ? 8.70769   -0.17829  -1.39881  1.000 59.25014  ? 43  G   A "O4'" 1 
ATOM   857  C  "C3'" . G   A 1 42 ? 7.99457   -0.80010  0.73628   1.000 54.08325  ? 43  G   A "C3'" 1 
ATOM   858  O  "O3'" . G   A 1 42 ? 8.35414   -1.24837  2.03224   1.000 56.82034  ? 43  G   A "O3'" 1 
ATOM   859  C  "C2'" . G   A 1 42 ? 7.86157   0.71100   0.62999   1.000 52.93204  ? 43  G   A "C2'" 1 
ATOM   860  O  "O2'" . G   A 1 42 ? 8.98420   1.34483   1.22177   1.000 54.71377  ? 43  G   A "O2'" 1 
ATOM   861  C  "C1'" . G   A 1 42 ? 7.95469   0.90358   -0.88327  1.000 54.80846  ? 43  G   A "C1'" 1 
ATOM   862  N  N9    . G   A 1 42 ? 6.61381   0.89631   -1.49909  1.000 50.98680  ? 43  G   A N9    1 
ATOM   863  C  C8    . G   A 1 42 ? 5.98427   -0.14956  -2.12450  1.000 50.18898  ? 43  G   A C8    1 
ATOM   864  N  N7    . G   A 1 42 ? 4.78721   0.15575   -2.54623  1.000 51.65660  ? 43  G   A N7    1 
ATOM   865  C  C5    . G   A 1 42 ? 4.61021   1.47884   -2.17029  1.000 49.79871  ? 43  G   A C5    1 
ATOM   866  C  C6    . G   A 1 42 ? 3.50358   2.35018   -2.35188  1.000 50.66371  ? 43  G   A C6    1 
ATOM   867  O  O6    . G   A 1 42 ? 2.42386   2.12581   -2.91100  1.000 51.27824  ? 43  G   A O6    1 
ATOM   868  N  N1    . G   A 1 42 ? 3.75035   3.60911   -1.81544  1.000 52.89099  ? 43  G   A N1    1 
ATOM   869  C  C2    . G   A 1 42 ? 4.91018   3.98066   -1.17905  1.000 52.15796  ? 43  G   A C2    1 
ATOM   870  N  N2    . G   A 1 42 ? 4.95981   5.24024   -0.72580  1.000 50.43825  ? 43  G   A N2    1 
ATOM   871  N  N3    . G   A 1 42 ? 5.94573   3.17699   -1.00020  1.000 52.20582  ? 43  G   A N3    1 
ATOM   872  C  C4    . G   A 1 42 ? 5.72851   1.94861   -1.51815  1.000 51.15168  ? 43  G   A C4    1 
ATOM   873  P  P     . G   A 1 43 ? 7.21723   -1.60871  3.11375   1.000 58.42615  ? 44  G   A P     1 
ATOM   874  O  OP1   . G   A 1 43 ? 7.89586   -2.19518  4.29574   1.000 63.07841  ? 44  G   A OP1   1 
ATOM   875  O  OP2   . G   A 1 43 ? 6.12352   -2.36061  2.44599   1.000 51.12319  ? 44  G   A OP2   1 
ATOM   876  O  "O5'" . G   A 1 43 ? 6.62161   -0.19508  3.54290   1.000 55.15780  ? 44  G   A "O5'" 1 
ATOM   877  C  "C5'" . G   A 1 43 ? 7.40071   0.74046   4.26861   1.000 48.56376  ? 44  G   A "C5'" 1 
ATOM   878  C  "C4'" . G   A 1 43 ? 6.70520   2.07505   4.35861   1.000 55.79056  ? 44  G   A "C4'" 1 
ATOM   879  O  "O4'" . G   A 1 43 ? 6.39694   2.56266   3.02538   1.000 54.03597  ? 44  G   A "O4'" 1 
ATOM   880  C  "C3'" . G   A 1 43 ? 5.36104   2.08648   5.07043   1.000 54.81794  ? 44  G   A "C3'" 1 
ATOM   881  O  "O3'" . G   A 1 43 ? 5.47872   2.10735   6.48248   1.000 53.75782  ? 44  G   A "O3'" 1 
ATOM   882  C  "C2'" . G   A 1 43 ? 4.69592   3.33208   4.49871   1.000 56.32170  ? 44  G   A "C2'" 1 
ATOM   883  O  "O2'" . G   A 1 43 ? 5.19678   4.50317   5.12876   1.000 57.69170  ? 44  G   A "O2'" 1 
ATOM   884  C  "C1'" . G   A 1 43 ? 5.19529   3.30566   3.05200   1.000 52.92269  ? 44  G   A "C1'" 1 
ATOM   885  N  N9    . G   A 1 43 ? 4.22057   2.67527   2.14139   1.000 54.09961  ? 44  G   A N9    1 
ATOM   886  C  C8    . G   A 1 43 ? 4.34522   1.48377   1.46712   1.000 52.85977  ? 44  G   A C8    1 
ATOM   887  N  N7    . G   A 1 43 ? 3.30476   1.19606   0.73229   1.000 47.65515  ? 44  G   A N7    1 
ATOM   888  C  C5    . G   A 1 43 ? 2.43882   2.26119   0.93238   1.000 51.43327  ? 44  G   A C5    1 
ATOM   889  C  C6    . G   A 1 43 ? 1.14710   2.51090   0.40372   1.000 50.17620  ? 44  G   A C6    1 
ATOM   890  O  O6    . G   A 1 43 ? 0.48525   1.82602   -0.38142  1.000 51.85651  ? 44  G   A O6    1 
ATOM   891  N  N1    . G   A 1 43 ? 0.62703   3.70997   0.86984   1.000 50.14797  ? 44  G   A N1    1 
ATOM   892  C  C2    . G   A 1 43 ? 1.25818   4.56160   1.73815   1.000 50.68992  ? 44  G   A C2    1 
ATOM   893  N  N2    . G   A 1 43 ? 0.58004   5.66838   2.06699   1.000 53.90818  ? 44  G   A N2    1 
ATOM   894  N  N3    . G   A 1 43 ? 2.46078   4.34641   2.24246   1.000 51.78992  ? 44  G   A N3    1 
ATOM   895  C  C4    . G   A 1 43 ? 2.98911   3.18431   1.79871   1.000 55.33107  ? 44  G   A C4    1 
ATOM   896  P  P     . C   A 1 44 ? 4.29675   1.52089   7.40086   1.000 56.99905  ? 45  C   A P     1 
ATOM   897  O  OP1   . C   A 1 44 ? 4.73243   1.60013   8.81914   1.000 57.19172  ? 45  C   A OP1   1 
ATOM   898  O  OP2   . C   A 1 44 ? 3.86622   0.21813   6.83096   1.000 57.16208  ? 45  C   A OP2   1 
ATOM   899  O  "O5'" . C   A 1 44 ? 3.09975   2.54965   7.19796   1.000 51.89293  ? 45  C   A "O5'" 1 
ATOM   900  C  "C5'" . C   A 1 44 ? 3.12263   3.82523   7.81628   1.000 52.48997  ? 45  C   A "C5'" 1 
ATOM   901  C  "C4'" . C   A 1 44 ? 1.85818   4.59409   7.53174   1.000 54.12823  ? 45  C   A "C4'" 1 
ATOM   902  O  "O4'" . C   A 1 44 ? 1.67625   4.72310   6.09843   1.000 53.71247  ? 45  C   A "O4'" 1 
ATOM   903  C  "C3'" . C   A 1 44 ? 0.56534   3.95099   8.00810   1.000 53.81134  ? 45  C   A "C3'" 1 
ATOM   904  O  "O3'" . C   A 1 44 ? 0.31841   4.15988   9.38883   1.000 54.31581  ? 45  C   A "O3'" 1 
ATOM   905  C  "C2'" . C   A 1 44 ? -0.47682  4.58889   7.10009   1.000 51.38138  ? 45  C   A "C2'" 1 
ATOM   906  O  "O2'" . C   A 1 44 ? -0.80220  5.89134   7.55470   1.000 53.22492  ? 45  C   A "O2'" 1 
ATOM   907  C  "C1'" . C   A 1 44 ? 0.29893   4.72073   5.78735   1.000 52.32987  ? 45  C   A "C1'" 1 
ATOM   908  N  N1    . C   A 1 44 ? 0.01438   3.60685   4.85745   1.000 52.10316  ? 45  C   A N1    1 
ATOM   909  C  C2    . C   A 1 44 ? -1.16234  3.66449   4.10884   1.000 52.07227  ? 45  C   A C2    1 
ATOM   910  O  O2    . C   A 1 44 ? -1.91249  4.64117   4.24958   1.000 49.19636  ? 45  C   A O2    1 
ATOM   911  N  N3    . C   A 1 44 ? -1.45268  2.65684   3.25375   1.000 53.00499  ? 45  C   A N3    1 
ATOM   912  C  C4    . C   A 1 44 ? -0.61847  1.62489   3.12943   1.000 49.30903  ? 45  C   A C4    1 
ATOM   913  N  N4    . C   A 1 44 ? -0.94560  0.65896   2.26979   1.000 50.02604  ? 45  C   A N4    1 
ATOM   914  C  C5    . C   A 1 44 ? 0.58879   1.54118   3.88107   1.000 52.14676  ? 45  C   A C5    1 
ATOM   915  C  C6    . C   A 1 44 ? 0.86386   2.54423   4.72796   1.000 53.54002  ? 45  C   A C6    1 
ATOM   916  P  P     . U   A 1 45 ? -0.38339  3.01195   10.26932  1.000 56.82354  ? 46  U   A P     1 
ATOM   917  O  OP1   . U   A 1 45 ? -0.53594  3.50246   11.66221  1.000 56.78109  ? 46  U   A OP1   1 
ATOM   918  O  OP2   . U   A 1 45 ? 0.33771   1.73593   10.01784  1.000 57.47289  ? 46  U   A OP2   1 
ATOM   919  O  "O5'" . U   A 1 45 ? -1.84785  2.90244   9.65460   1.000 53.73762  ? 46  U   A "O5'" 1 
ATOM   920  C  "C5'" . U   A 1 45 ? -2.81356  3.90924   9.90250   1.000 48.98398  ? 46  U   A "C5'" 1 
ATOM   921  C  "C4'" . U   A 1 45 ? -4.06812  3.67591   9.10314   1.000 50.77706  ? 46  U   A "C4'" 1 
ATOM   922  O  "O4'" . U   A 1 45 ? -3.74798  3.61792   7.68910   1.000 53.11006  ? 46  U   A "O4'" 1 
ATOM   923  C  "C3'" . U   A 1 45 ? -4.79245  2.36719   9.35994   1.000 53.75595  ? 46  U   A "C3'" 1 
ATOM   924  O  "O3'" . U   A 1 45 ? -5.57300  2.37835   10.54038  1.000 56.95073  ? 46  U   A "O3'" 1 
ATOM   925  C  "C2'" . U   A 1 45 ? -5.60489  2.18635   8.08412   1.000 53.51678  ? 46  U   A "C2'" 1 
ATOM   926  O  "O2'" . U   A 1 45 ? -6.76305  3.00664   8.10363   1.000 52.22285  ? 46  U   A "O2'" 1 
ATOM   927  C  "C1'" . U   A 1 45 ? -4.63704  2.73496   7.03311   1.000 53.89654  ? 46  U   A "C1'" 1 
ATOM   928  N  N1    . U   A 1 45 ? -3.85801  1.65383   6.38608   1.000 53.76928  ? 46  U   A N1    1 
ATOM   929  C  C2    . U   A 1 45 ? -4.42560  1.05955   5.27634   1.000 51.64590  ? 46  U   A C2    1 
ATOM   930  O  O2    . U   A 1 45 ? -5.50853  1.40193   4.83046   1.000 48.63220  ? 46  U   A O2    1 
ATOM   931  N  N3    . U   A 1 45 ? -3.67527  0.05744   4.70857   1.000 52.00909  ? 46  U   A N3    1 
ATOM   932  C  C4    . U   A 1 45 ? -2.44527  -0.40446  5.13371   1.000 50.13373  ? 46  U   A C4    1 
ATOM   933  O  O4    . U   A 1 45 ? -1.89411  -1.31763  4.51587   1.000 50.52337  ? 46  U   A O4    1 
ATOM   934  C  C5    . U   A 1 45 ? -1.92843  0.25759   6.29156   1.000 50.03266  ? 46  U   A C5    1 
ATOM   935  C  C6    . U   A 1 45 ? -2.63486  1.23856   6.86389   1.000 52.23807  ? 46  U   A C6    1 
ATOM   936  P  P     . A   A 1 46 ? -5.87979  0.99885   11.30622  1.000 60.08518  ? 47  A   A P     1 
ATOM   937  O  OP1   . A   A 1 46 ? -6.48935  1.31164   12.62494  1.000 61.33094  ? 47  A   A OP1   1 
ATOM   938  O  OP2   . A   A 1 46 ? -4.64065  0.18091   11.27237  1.000 47.29959  ? 47  A   A OP2   1 
ATOM   939  O  "O5'" . A   A 1 46 ? -6.98517  0.30008   10.39208  1.000 55.77696  ? 47  A   A "O5'" 1 
ATOM   940  C  "C5'" . A   A 1 46 ? -8.25213  0.90703   10.17945  1.000 51.38329  ? 47  A   A "C5'" 1 
ATOM   941  C  "C4'" . A   A 1 46 ? -9.07725  0.13234   9.18001   1.000 58.30489  ? 47  A   A "C4'" 1 
ATOM   942  O  "O4'" . A   A 1 46 ? -8.43381  0.16363   7.88075   1.000 59.11650  ? 47  A   A "O4'" 1 
ATOM   943  C  "C3'" . A   A 1 46 ? -9.26240  -1.35138  9.46537   1.000 57.27901  ? 47  A   A "C3'" 1 
ATOM   944  O  "O3'" . A   A 1 46 ? -10.29127 -1.60865  10.40467  1.000 54.02720  ? 47  A   A "O3'" 1 
ATOM   945  C  "C2'" . A   A 1 46 ? -9.54948  -1.93014  8.08431   1.000 57.97486  ? 47  A   A "C2'" 1 
ATOM   946  O  "O2'" . A   A 1 46 ? -10.91061 -1.73397  7.73234   1.000 57.37710  ? 47  A   A "O2'" 1 
ATOM   947  C  "C1'" . A   A 1 46 ? -8.68195  -1.04293  7.18782   1.000 55.16784  ? 47  A   A "C1'" 1 
ATOM   948  N  N9    . A   A 1 46 ? -7.38944  -1.66921  6.84000   1.000 52.30855  ? 47  A   A N9    1 
ATOM   949  C  C8    . A   A 1 46 ? -6.16630  -1.47482  7.43527   1.000 52.13674  ? 47  A   A C8    1 
ATOM   950  N  N7    . A   A 1 46 ? -5.19328  -2.16827  6.89275   1.000 49.70072  ? 47  A   A N7    1 
ATOM   951  C  C5    . A   A 1 46 ? -5.81493  -2.86509  5.86702   1.000 50.77216  ? 47  A   A C5    1 
ATOM   952  C  C6    . A   A 1 46 ? -5.33091  -3.78015  4.91307   1.000 50.88572  ? 47  A   A C6    1 
ATOM   953  N  N6    . A   A 1 46 ? -4.05566  -4.16309  4.83175   1.000 45.12225  ? 47  A   A N6    1 
ATOM   954  N  N1    . A   A 1 46 ? -6.21750  -4.29739  4.03136   1.000 53.34740  ? 47  A   A N1    1 
ATOM   955  C  C2    . A   A 1 46 ? -7.50076  -3.91649  4.11304   1.000 52.74612  ? 47  A   A C2    1 
ATOM   956  N  N3    . A   A 1 46 ? -8.07149  -3.06013  4.95985   1.000 53.89531  ? 47  A   A N3    1 
ATOM   957  C  C4    . A   A 1 46 ? -7.16630  -2.56588  5.82227   1.000 51.71148  ? 47  A   A C4    1 
ATOM   958  P  P     . A   A 1 47 ? -10.28067 -2.97069  11.25527  1.000 61.17671  ? 48  A   A P     1 
ATOM   959  O  OP1   . A   A 1 47 ? -11.35959 -2.89485  12.27413  1.000 57.91585  ? 48  A   A OP1   1 
ATOM   960  O  OP2   . A   A 1 47 ? -8.88535  -3.21705  11.70201  1.000 58.24830  ? 48  A   A OP2   1 
ATOM   961  O  "O5'" . A   A 1 47 ? -10.66903 -4.09281  10.19034  1.000 57.04556  ? 48  A   A "O5'" 1 
ATOM   962  C  "C5'" . A   A 1 47 ? -11.99795 -4.21577  9.70536   1.000 52.28839  ? 48  A   A "C5'" 1 
ATOM   963  C  "C4'" . A   A 1 47 ? -12.09688 -5.23925  8.59965   1.000 55.37131  ? 48  A   A "C4'" 1 
ATOM   964  O  "O4'" . A   A 1 47 ? -11.23737 -4.85321  7.49460   1.000 57.15239  ? 48  A   A "O4'" 1 
ATOM   965  C  "C3'" . A   A 1 47 ? -11.64480 -6.65331  8.94027   1.000 54.84590  ? 48  A   A "C3'" 1 
ATOM   966  O  "O3'" . A   A 1 47 ? -12.62717 -7.40384  9.63322   1.000 53.83734  ? 48  A   A "O3'" 1 
ATOM   967  C  "C2'" . A   A 1 47 ? -11.30177 -7.22652  7.57291   1.000 55.29396  ? 48  A   A "C2'" 1 
ATOM   968  O  "O2'" . A   A 1 47 ? -12.48205 -7.59960  6.87880   1.000 56.18147  ? 48  A   A "O2'" 1 
ATOM   969  C  "C1'" . A   A 1 47 ? -10.69710 -6.00507  6.87836   1.000 55.51968  ? 48  A   A "C1'" 1 
ATOM   970  N  N9    . A   A 1 47 ? -9.22712  -5.97300  7.01813   1.000 54.63531  ? 48  A   A N9    1 
ATOM   971  C  C8    . A   A 1 47 ? -8.48645  -5.33649  7.98408   1.000 53.42191  ? 48  A   A C8    1 
ATOM   972  N  N7    . A   A 1 47 ? -7.19333  -5.50049  7.85381   1.000 52.02520  ? 48  A   A N7    1 
ATOM   973  C  C5    . A   A 1 47 ? -7.07276  -6.30202  6.72986   1.000 49.68675  ? 48  A   A C5    1 
ATOM   974  C  C6    . A   A 1 47 ? -5.95457  -6.83292  6.06757   1.000 50.44318  ? 48  A   A C6    1 
ATOM   975  N  N6    . A   A 1 47 ? -4.69696  -6.62356  6.46425   1.000 50.11455  ? 48  A   A N6    1 
ATOM   976  N  N1    . A   A 1 47 ? -6.17443  -7.59328  4.97188   1.000 50.45679  ? 48  A   A N1    1 
ATOM   977  C  C2    . A   A 1 47 ? -7.43792  -7.80196  4.58059   1.000 50.09623  ? 48  A   A C2    1 
ATOM   978  N  N3    . A   A 1 47 ? -8.57002  -7.35773  5.12191   1.000 51.27767  ? 48  A   A N3    1 
ATOM   979  C  C4    . A   A 1 47 ? -8.31511  -6.60439  6.20578   1.000 51.79061  ? 48  A   A C4    1 
ATOM   980  P  P     . C   A 1 48 ? -12.19531 -8.44495  10.78067  1.000 58.61384  ? 49  C   A P     1 
ATOM   981  O  OP1   . C   A 1 48 ? -13.43865 -8.93895  11.42278  1.000 60.07351  ? 49  C   A OP1   1 
ATOM   982  O  OP2   . C   A 1 48 ? -11.15329 -7.81836  11.63096  1.000 58.66011  ? 49  C   A OP2   1 
ATOM   983  O  "O5'" . C   A 1 48 ? -11.52214 -9.64765  9.97898   1.000 57.56325  ? 49  C   A "O5'" 1 
ATOM   984  C  "C5'" . C   A 1 48 ? -12.30824 -10.52421 9.18508   1.000 55.05869  ? 49  C   A "C5'" 1 
ATOM   985  C  "C4'" . C   A 1 48 ? -11.45839 -11.37354 8.27090   1.000 52.08841  ? 49  C   A "C4'" 1 
ATOM   986  O  "O4'" . C   A 1 48 ? -10.60553 -10.52746 7.45542   1.000 54.59088  ? 49  C   A "O4'" 1 
ATOM   987  C  "C3'" . C   A 1 48 ? -10.48676 -12.33131 8.94113   1.000 50.05347  ? 49  C   A "C3'" 1 
ATOM   988  O  "O3'" . C   A 1 48 ? -11.10599 -13.51830 9.40434   1.000 51.26467  ? 49  C   A "O3'" 1 
ATOM   989  C  "C2'" . C   A 1 48 ? -9.45795  -12.57375 7.84381   1.000 54.36200  ? 49  C   A "C2'" 1 
ATOM   990  O  "O2'" . C   A 1 48 ? -9.94775  -13.50583 6.89154   1.000 50.02624  ? 49  C   A "O2'" 1 
ATOM   991  C  "C1'" . C   A 1 48 ? -9.39004  -11.19481 7.18035   1.000 53.54033  ? 49  C   A "C1'" 1 
ATOM   992  N  N1    . C   A 1 48 ? -8.26308  -10.38741 7.70220   1.000 48.34836  ? 49  C   A N1    1 
ATOM   993  C  C2    . C   A 1 48 ? -6.97424  -10.63089 7.21242   1.000 48.98976  ? 49  C   A C2    1 
ATOM   994  O  O2    . C   A 1 48 ? -6.80844  -11.50367 6.35005   1.000 50.17040  ? 49  C   A O2    1 
ATOM   995  N  N3    . C   A 1 48 ? -5.93216  -9.91311  7.68685   1.000 50.53066  ? 49  C   A N3    1 
ATOM   996  C  C4    . C   A 1 48 ? -6.14143  -8.97977  8.61496   1.000 52.71377  ? 49  C   A C4    1 
ATOM   997  N  N4    . C   A 1 48 ? -5.08644  -8.29308  9.05395   1.000 53.89770  ? 49  C   A N4    1 
ATOM   998  C  C5    . C   A 1 48 ? -7.44105  -8.70781  9.13463   1.000 55.02206  ? 49  C   A C5    1 
ATOM   999  C  C6    . C   A 1 48 ? -8.46290  -9.43079  8.65644   1.000 53.45752  ? 49  C   A C6    1 
ATOM   1000 P  P     . U   A 1 49 ? -10.70047 -14.14798 10.82915  1.000 55.15730  ? 50  U   A P     1 
ATOM   1001 O  OP1   . U   A 1 49 ? -11.60566 -15.29467 11.09683  1.000 55.19894  ? 50  U   A OP1   1 
ATOM   1002 O  OP2   . U   A 1 49 ? -10.62622 -13.04454 11.81735  1.000 49.46465  ? 50  U   A OP2   1 
ATOM   1003 O  "O5'" . U   A 1 49 ? -9.22971  -14.72248 10.60154  1.000 54.52984  ? 50  U   A "O5'" 1 
ATOM   1004 C  "C5'" . U   A 1 49 ? -8.98611  -15.75771 9.66016   1.000 48.57387  ? 50  U   A "C5'" 1 
ATOM   1005 C  "C4'" . U   A 1 49 ? -7.51152  -15.93973 9.39481   1.000 49.82775  ? 50  U   A "C4'" 1 
ATOM   1006 O  "O4'" . U   A 1 49 ? -6.96424  -14.73786 8.79656   1.000 50.62511  ? 50  U   A "O4'" 1 
ATOM   1007 C  "C3'" . U   A 1 49 ? -6.63295  -16.18223 10.61235  1.000 51.41829  ? 50  U   A "C3'" 1 
ATOM   1008 O  "O3'" . U   A 1 49 ? -6.65846  -17.53123 11.04209  1.000 53.30159  ? 50  U   A "O3'" 1 
ATOM   1009 C  "C2'" . U   A 1 49 ? -5.25773  -15.72306 10.13643  1.000 52.52796  ? 50  U   A "C2'" 1 
ATOM   1010 O  "O2'" . U   A 1 49 ? -4.60642  -16.73719 9.38433   1.000 49.15809  ? 50  U   A "O2'" 1 
ATOM   1011 C  "C1'" . U   A 1 49 ? -5.62138  -14.56674 9.19909   1.000 50.35767  ? 50  U   A "C1'" 1 
ATOM   1012 N  N1    . U   A 1 49 ? -5.48754  -13.25288 9.86303   1.000 48.56389  ? 50  U   A N1    1 
ATOM   1013 C  C2    . U   A 1 49 ? -4.22322  -12.70269 9.93335   1.000 48.56460  ? 50  U   A C2    1 
ATOM   1014 O  O2    . U   A 1 49 ? -3.23587  -13.24766 9.47107   1.000 48.00589  ? 50  U   A O2    1 
ATOM   1015 N  N3    . U   A 1 49 ? -4.15714  -11.48760 10.56481  1.000 49.47037  ? 50  U   A N3    1 
ATOM   1016 C  C4    . U   A 1 49 ? -5.20624  -10.78624 11.11807  1.000 50.26396  ? 50  U   A C4    1 
ATOM   1017 O  O4    . U   A 1 49 ? -4.98701  -9.69861  11.65041  1.000 56.40456  ? 50  U   A O4    1 
ATOM   1018 C  C5    . U   A 1 49 ? -6.48225  -11.42292 11.00480  1.000 50.99298  ? 50  U   A C5    1 
ATOM   1019 C  C6    . U   A 1 49 ? -6.57730  -12.60814 10.39604  1.000 50.66503  ? 50  U   A C6    1 
ATOM   1020 P  P     . A   A 1 50 ? -6.36110  -17.90854 12.57635  1.000 57.18427  ? 51  A   A P     1 
ATOM   1021 O  OP1   . A   A 1 50 ? -6.78930  -19.31845 12.77294  1.000 58.15600  ? 51  A   A OP1   1 
ATOM   1022 O  OP2   . A   A 1 50 ? -6.91093  -16.84122 13.44905  1.000 50.90558  ? 51  A   A OP2   1 
ATOM   1023 O  "O5'" . A   A 1 50 ? -4.77371  -17.89362 12.67460  1.000 54.71805  ? 51  A   A "O5'" 1 
ATOM   1024 C  "C5'" . A   A 1 50 ? -4.00990  -18.88141 12.00303  1.000 56.92667  ? 51  A   A "C5'" 1 
ATOM   1025 C  "C4'" . A   A 1 50 ? -2.53572  -18.58131 12.06493  1.000 60.02112  ? 51  A   A "C4'" 1 
ATOM   1026 O  "O4'" . A   A 1 50 ? -2.25014  -17.35037 11.35020  1.000 57.52450  ? 51  A   A "O4'" 1 
ATOM   1027 C  "C3'" . A   A 1 50 ? -1.96166  -18.33913 13.44974  1.000 61.75713  ? 51  A   A "C3'" 1 
ATOM   1028 O  "O3'" . A   A 1 50 ? -1.70803  -19.53345 14.16497  1.000 64.04204  ? 51  A   A "O3'" 1 
ATOM   1029 C  "C2'" . A   A 1 50 ? -0.70794  -17.53483 13.14561  1.000 63.85783  ? 51  A   A "C2'" 1 
ATOM   1030 O  "O2'" . A   A 1 50 ? 0.32501   -18.38805 12.67396  1.000 61.42738  ? 51  A   A "O2'" 1 
ATOM   1031 C  "C1'" . A   A 1 50 ? -1.18964  -16.66457 11.98495  1.000 60.36430  ? 51  A   A "C1'" 1 
ATOM   1032 N  N9    . A   A 1 50 ? -1.68914  -15.35519 12.44719  1.000 55.05704  ? 51  A   A N9    1 
ATOM   1033 C  C8    . A   A 1 50 ? -2.97908  -15.01836 12.77554  1.000 52.64400  ? 51  A   A C8    1 
ATOM   1034 N  N7    . A   A 1 50 ? -3.11922  -13.77009 13.14904  1.000 53.54950  ? 51  A   A N7    1 
ATOM   1035 C  C5    . A   A 1 50 ? -1.83455  -13.24875 13.06205  1.000 54.74236  ? 51  A   A C5    1 
ATOM   1036 C  C6    . A   A 1 50 ? -1.31121  -11.96906 13.32493  1.000 51.94481  ? 51  A   A C6    1 
ATOM   1037 N  N6    . A   A 1 50 ? -2.04745  -10.94036 13.74599  1.000 50.19853  ? 51  A   A N6    1 
ATOM   1038 N  N1    . A   A 1 50 ? 0.01240   -11.78134 13.13923  1.000 51.25735  ? 51  A   A N1    1 
ATOM   1039 C  C2    . A   A 1 50 ? 0.75184   -12.81549 12.71585  1.000 54.23370  ? 51  A   A C2    1 
ATOM   1040 N  N3    . A   A 1 50 ? 0.37830   -14.06332 12.43509  1.000 53.88536  ? 51  A   A N3    1 
ATOM   1041 C  C4    . A   A 1 50 ? -0.94293  -14.21613 12.63247  1.000 53.72155  ? 51  A   A C4    1 
ATOM   1042 P  P     . G   A 1 51 ? -1.71306  -19.51984 15.77165  1.000 74.86114  ? 52  G   A P     1 
ATOM   1043 O  OP1   . G   A 1 51 ? -1.15072  -20.81641 16.22970  1.000 69.95169  ? 52  G   A OP1   1 
ATOM   1044 O  OP2   . G   A 1 51 ? -3.05241  -19.07762 16.23897  1.000 70.53209  ? 52  G   A OP2   1 
ATOM   1045 O  "O5'" . G   A 1 51 ? -0.68726  -18.36275 16.15122  1.000 69.39999  ? 52  G   A "O5'" 1 
ATOM   1046 C  "C5'" . G   A 1 51 ? 0.47027   -18.64344 16.91854  1.000 71.83580  ? 52  G   A "C5'" 1 
ATOM   1047 C  "C4'" . G   A 1 51 ? 1.58288   -17.66626 16.63323  1.000 75.58432  ? 52  G   A "C4'" 1 
ATOM   1048 O  "O4'" . G   A 1 51 ? 1.17692   -16.71171 15.61474  1.000 70.72333  ? 52  G   A "O4'" 1 
ATOM   1049 C  "C3'" . G   A 1 51 ? 2.01007   -16.78517 17.79313  1.000 77.39261  ? 52  G   A "C3'" 1 
ATOM   1050 O  "O3'" . G   A 1 51 ? 2.82649   -17.45077 18.73952  1.000 80.13437  ? 52  G   A "O3'" 1 
ATOM   1051 C  "C2'" . G   A 1 51 ? 2.69961   -15.63391 17.07896  1.000 72.21747  ? 52  G   A "C2'" 1 
ATOM   1052 O  "O2'" . G   A 1 51 ? 3.97666   -16.04125 16.60944  1.000 71.86624  ? 52  G   A "O2'" 1 
ATOM   1053 C  "C1'" . G   A 1 51 ? 1.78438   -15.45832 15.86901  1.000 66.26316  ? 52  G   A "C1'" 1 
ATOM   1054 N  N9    . G   A 1 51 ? 0.72682   -14.46190 16.12476  1.000 62.08798  ? 52  G   A N9    1 
ATOM   1055 C  C8    . G   A 1 51 ? -0.61809  -14.70337 16.24824  1.000 64.70773  ? 52  G   A C8    1 
ATOM   1056 N  N7    . G   A 1 51 ? -1.31985  -13.62555 16.47270  1.000 59.98793  ? 52  G   A N7    1 
ATOM   1057 C  C5    . G   A 1 51 ? -0.38237  -12.60621 16.49802  1.000 61.00467  ? 52  G   A C5    1 
ATOM   1058 C  C6    . G   A 1 51 ? -0.55321  -11.21220 16.70649  1.000 64.93169  ? 52  G   A C6    1 
ATOM   1059 O  O6    . G   A 1 51 ? -1.60216  -10.58662 16.90768  1.000 64.78970  ? 52  G   A O6    1 
ATOM   1060 N  N1    . G   A 1 51 ? 0.66059   -10.53298 16.65186  1.000 64.57417  ? 52  G   A N1    1 
ATOM   1061 C  C2    . G   A 1 51 ? 1.88172   -11.12314 16.43336  1.000 65.85953  ? 52  G   A C2    1 
ATOM   1062 N  N2    . G   A 1 51 ? 2.94062   -10.30058 16.42147  1.000 64.39914  ? 52  G   A N2    1 
ATOM   1063 N  N3    . G   A 1 51 ? 2.05321   -12.42359 16.24130  1.000 67.63981  ? 52  G   A N3    1 
ATOM   1064 C  C4    . G   A 1 51 ? 0.88657   -13.10376 16.28562  1.000 62.74310  ? 52  G   A C4    1 
ATOM   1065 P  P     . G   A 1 52 ? 2.74015   -17.03932 20.29133  1.000 91.21837  ? 53  G   A P     1 
ATOM   1066 O  OP1   . G   A 1 52 ? 3.57760   -18.00033 21.05528  1.000 91.63058  ? 53  G   A OP1   1 
ATOM   1067 O  OP2   . G   A 1 52 ? 1.31332   -16.83480 20.65493  1.000 78.80103  ? 53  G   A OP2   1 
ATOM   1068 O  "O5'" . G   A 1 52 ? 3.44426   -15.61262 20.34925  1.000 83.43499  ? 53  G   A "O5'" 1 
ATOM   1069 C  "C5'" . G   A 1 52 ? 4.81862   -15.46922 20.02624  1.000 82.57004  ? 53  G   A "C5'" 1 
ATOM   1070 C  "C4'" . G   A 1 52 ? 5.33637   -14.12141 20.44847  1.000 81.28602  ? 53  G   A "C4'" 1 
ATOM   1071 O  "O4'" . G   A 1 52 ? 4.85265   -13.09954 19.54134  1.000 80.87782  ? 53  G   A "O4'" 1 
ATOM   1072 C  "C3'" . G   A 1 52 ? 4.88386   -13.64726 21.81799  1.000 85.28814  ? 53  G   A "C3'" 1 
ATOM   1073 O  "O3'" . G   A 1 52 ? 5.65104   -14.21811 22.86368  1.000 94.64587  ? 53  G   A "O3'" 1 
ATOM   1074 C  "C2'" . G   A 1 52 ? 5.01334   -12.13144 21.70896  1.000 84.39800  ? 53  G   A "C2'" 1 
ATOM   1075 O  "O2'" . G   A 1 52 ? 6.36114   -11.72197 21.89440  1.000 83.03629  ? 53  G   A "O2'" 1 
ATOM   1076 C  "C1'" . G   A 1 52 ? 4.63089   -11.89536 20.24485  1.000 81.26644  ? 53  G   A "C1'" 1 
ATOM   1077 N  N9    . G   A 1 52 ? 3.21513   -11.50989 20.08721  1.000 78.77790  ? 53  G   A N9    1 
ATOM   1078 C  C8    . G   A 1 52 ? 2.14794   -12.33786 19.83109  1.000 78.15225  ? 53  G   A C8    1 
ATOM   1079 N  N7    . G   A 1 52 ? 1.01200   -11.69949 19.74359  1.000 73.10309  ? 53  G   A N7    1 
ATOM   1080 C  C5    . G   A 1 52 ? 1.35080   -10.37019 19.94982  1.000 75.88949  ? 53  G   A C5    1 
ATOM   1081 C  C6    . G   A 1 52 ? 0.53809   -9.20760  19.97423  1.000 80.60430  ? 53  G   A C6    1 
ATOM   1082 O  O6    . G   A 1 52 ? -0.68441  -9.11657  19.80355  1.000 84.31534  ? 53  G   A O6    1 
ATOM   1083 N  N1    . G   A 1 52 ? 1.28997   -8.06368  20.21881  1.000 79.33820  ? 53  G   A N1    1 
ATOM   1084 C  C2    . G   A 1 52 ? 2.64680   -8.04074  20.41871  1.000 77.74947  ? 53  G   A C2    1 
ATOM   1085 N  N2    . G   A 1 52 ? 3.19199   -6.83708  20.63953  1.000 78.23981  ? 53  G   A N2    1 
ATOM   1086 N  N3    . G   A 1 52 ? 3.41469   -9.11549  20.39867  1.000 76.75489  ? 53  G   A N3    1 
ATOM   1087 C  C4    . G   A 1 52 ? 2.70558   -10.23694 20.16265  1.000 76.38969  ? 53  G   A C4    1 
ATOM   1088 P  P     . G   A 1 53 ? 4.96287   -14.62116 24.25889  1.000 101.03874 ? 54  G   A P     1 
ATOM   1089 O  OP1   . G   A 1 53 ? 5.72755   -15.76560 24.82508  1.000 88.71764  ? 54  G   A OP1   1 
ATOM   1090 O  OP2   . G   A 1 53 ? 3.49848   -14.74737 24.04424  1.000 94.50906  ? 54  G   A OP2   1 
ATOM   1091 O  "O5'" . G   A 1 53 ? 5.21081   -13.34512 25.17820  1.000 95.66307  ? 54  G   A "O5'" 1 
ATOM   1092 C  "C5'" . G   A 1 53 ? 4.12412   -12.63160 25.74320  1.000 95.33233  ? 54  G   A "C5'" 1 
ATOM   1093 C  "C4'" . G   A 1 53 ? 4.36263   -11.14424 25.70620  1.000 95.75695  ? 54  G   A "C4'" 1 
ATOM   1094 O  "O4'" . G   A 1 53 ? 4.11511   -10.64277 24.36556  1.000 95.44337  ? 54  G   A "O4'" 1 
ATOM   1095 C  "C3'" . G   A 1 53 ? 3.44203   -10.31566 26.58594  1.000 105.15416 ? 54  G   A "C3'" 1 
ATOM   1096 O  "O3'" . G   A 1 53 ? 3.85402   -10.28185 27.93922  1.000 110.90384 ? 54  G   A "O3'" 1 
ATOM   1097 C  "C2'" . G   A 1 53 ? 3.45228   -8.95923  25.89622  1.000 102.84186 ? 54  G   A "C2'" 1 
ATOM   1098 O  "O2'" . G   A 1 53 ? 4.65024   -8.25478  26.18354  1.000 102.04734 ? 54  G   A "O2'" 1 
ATOM   1099 C  "C1'" . G   A 1 53 ? 3.48096   -9.38112  24.42975  1.000 97.97159  ? 54  G   A "C1'" 1 
ATOM   1100 N  N9    . G   A 1 53 ? 2.11719   -9.52645  23.88506  1.000 96.62173  ? 54  G   A N9    1 
ATOM   1101 C  C8    . G   A 1 53 ? 1.52416   -10.69380 23.46312  1.000 91.08735  ? 54  G   A C8    1 
ATOM   1102 N  N7    . G   A 1 53 ? 0.30285   -10.52300 23.03682  1.000 90.03575  ? 54  G   A N7    1 
ATOM   1103 C  C5    . G   A 1 53 ? 0.07267   -9.16178  23.18590  1.000 94.27735  ? 54  G   A C5    1 
ATOM   1104 C  C6    . G   A 1 53 ? -1.08168  -8.38984  22.89030  1.000 97.56509  ? 54  G   A C6    1 
ATOM   1105 O  O6    . G   A 1 53 ? -2.16067  -8.76648  22.41492  1.000 99.11268  ? 54  G   A O6    1 
ATOM   1106 N  N1    . G   A 1 53 ? -0.88964  -7.04608  23.19348  1.000 97.73589  ? 54  G   A N1    1 
ATOM   1107 C  C2    . G   A 1 53 ? 0.26235   -6.51434  23.71828  1.000 99.57180  ? 54  G   A C2    1 
ATOM   1108 N  N2    . G   A 1 53 ? 0.24899   -5.19221  23.94331  1.000 103.92303 ? 54  G   A N2    1 
ATOM   1109 N  N3    . G   A 1 53 ? 1.34590   -7.22178  24.00040  1.000 95.92599  ? 54  G   A N3    1 
ATOM   1110 C  C4    . G   A 1 53 ? 1.18262   -8.53033  23.70981  1.000 95.75721  ? 54  G   A C4    1 
ATOM   1111 P  P     . A   A 1 54 ? 2.78438   -10.55404 29.10521  1.000 119.25172 ? 55  A   A P     1 
ATOM   1112 O  OP1   . A   A 1 54 ? 3.52209   -10.70623 30.38485  1.000 124.91151 ? 55  A   A OP1   1 
ATOM   1113 O  OP2   . A   A 1 54 ? 1.87688   -11.64069 28.65386  1.000 114.61283 ? 55  A   A OP2   1 
ATOM   1114 O  "O5'" . A   A 1 54 ? 1.95399   -9.19727  29.17366  1.000 113.81181 ? 55  A   A "O5'" 1 
ATOM   1115 C  "C5'" . A   A 1 54 ? 2.60964   -7.95824  29.39740  1.000 114.37735 ? 55  A   A "C5'" 1 
ATOM   1116 C  "C4'" . A   A 1 54 ? 1.63390   -6.81123  29.37922  1.000 117.19091 ? 55  A   A "C4'" 1 
ATOM   1117 O  "O4'" . A   A 1 54 ? 1.19077   -6.56439  28.01802  1.000 116.10072 ? 55  A   A "O4'" 1 
ATOM   1118 C  "C3'" . A   A 1 54 ? 0.34243   -7.03169  30.15046  1.000 122.87111 ? 55  A   A "C3'" 1 
ATOM   1119 O  "O3'" . A   A 1 54 ? 0.47937   -6.83164  31.54652  1.000 126.73987 ? 55  A   A "O3'" 1 
ATOM   1120 C  "C2'" . A   A 1 54 ? -0.61171  -6.06016  29.47236  1.000 121.59253 ? 55  A   A "C2'" 1 
ATOM   1121 O  "O2'" . A   A 1 54 ? -0.35773  -4.72871  29.89546  1.000 122.05431 ? 55  A   A "O2'" 1 
ATOM   1122 C  "C1'" . A   A 1 54 ? -0.17342  -6.19536  28.01554  1.000 117.90050 ? 55  A   A "C1'" 1 
ATOM   1123 N  N9    . A   A 1 54 ? -0.93590  -7.25043  27.31971  1.000 117.46862 ? 55  A   A N9    1 
ATOM   1124 C  C8    . A   A 1 54 ? -0.52097  -8.52312  27.00702  1.000 113.42556 ? 55  A   A C8    1 
ATOM   1125 N  N7    . A   A 1 54 ? -1.42773  -9.24234  26.39047  1.000 111.34950 ? 55  A   A N7    1 
ATOM   1126 C  C5    . A   A 1 54 ? -2.51577  -8.38624  26.29392  1.000 113.44812 ? 55  A   A C5    1 
ATOM   1127 C  C6    . A   A 1 54 ? -3.79852  -8.54633  25.74244  1.000 115.30430 ? 55  A   A C6    1 
ATOM   1128 N  N6    . A   A 1 54 ? -4.21779  -9.67137  25.15958  1.000 115.89591 ? 55  A   A N6    1 
ATOM   1129 N  N1    . A   A 1 54 ? -4.64722  -7.49699  25.81020  1.000 115.81822 ? 55  A   A N1    1 
ATOM   1130 C  C2    . A   A 1 54 ? -4.22661  -6.36818  26.39571  1.000 116.13549 ? 55  A   A C2    1 
ATOM   1131 N  N3    . A   A 1 54 ? -3.04688  -6.09564  26.94834  1.000 116.47623 ? 55  A   A N3    1 
ATOM   1132 C  C4    . A   A 1 54 ? -2.22830  -7.15820  26.86351  1.000 114.84900 ? 55  A   A C4    1 
ATOM   1133 P  P     . A   A 1 55 ? -0.05124  -7.94822  32.57551  1.000 131.91955 ? 56  A   A P     1 
ATOM   1134 O  OP1   . A   A 1 55 ? 0.54068   -7.66113  33.90760  1.000 134.59146 ? 56  A   A OP1   1 
ATOM   1135 O  OP2   . A   A 1 55 ? 0.15115   -9.28548  31.95947  1.000 121.50555 ? 56  A   A OP2   1 
ATOM   1136 O  "O5'" . A   A 1 55 ? -1.62066  -7.68281  32.65387  1.000 130.83415 ? 56  A   A "O5'" 1 
ATOM   1137 C  "C5'" . A   A 1 55 ? -2.13079  -6.37739  32.88733  1.000 132.48527 ? 56  A   A "C5'" 1 
ATOM   1138 C  "C4'" . A   A 1 55 ? -3.51658  -6.21885  32.31432  1.000 134.70204 ? 56  A   A "C4'" 1 
ATOM   1139 O  "O4'" . A   A 1 55 ? -3.46676  -6.36669  30.87043  1.000 129.38075 ? 56  A   A "O4'" 1 
ATOM   1140 C  "C3'" . A   A 1 55 ? -4.53746  -7.25520  32.76031  1.000 139.17844 ? 56  A   A "C3'" 1 
ATOM   1141 O  "O3'" . A   A 1 55 ? -5.11309  -6.95742  34.02037  1.000 141.80636 ? 56  A   A "O3'" 1 
ATOM   1142 C  "C2'" . A   A 1 55 ? -5.53603  -7.25664  31.61096  1.000 136.50371 ? 56  A   A "C2'" 1 
ATOM   1143 O  "O2'" . A   A 1 55 ? -6.40390  -6.13555  31.69575  1.000 136.40513 ? 56  A   A "O2'" 1 
ATOM   1144 C  "C1'" . A   A 1 55 ? -4.60809  -7.06049  30.41389  1.000 129.06157 ? 56  A   A "C1'" 1 
ATOM   1145 N  N9    . A   A 1 55 ? -4.16229  -8.34865  29.85209  1.000 127.25708 ? 56  A   A N9    1 
ATOM   1146 C  C8    . A   A 1 55 ? -2.96646  -8.98422  30.07989  1.000 127.29933 ? 56  A   A C8    1 
ATOM   1147 N  N7    . A   A 1 55 ? -2.84223  -10.12388 29.44582  1.000 127.59677 ? 56  A   A N7    1 
ATOM   1148 C  C5    . A   A 1 55 ? -4.03889  -10.24803 28.75448  1.000 128.04880 ? 56  A   A C5    1 
ATOM   1149 C  C6    . A   A 1 55 ? -4.53074  -11.24274 27.89278  1.000 128.81481 ? 56  A   A C6    1 
ATOM   1150 N  N6    . A   A 1 55 ? -3.84870  -12.34380 27.56963  1.000 130.08303 ? 56  A   A N6    1 
ATOM   1151 N  N1    . A   A 1 55 ? -5.76320  -11.06410 27.36841  1.000 130.17521 ? 56  A   A N1    1 
ATOM   1152 C  C2    . A   A 1 55 ? -6.44638  -9.95855  27.69388  1.000 128.12550 ? 56  A   A C2    1 
ATOM   1153 N  N3    . A   A 1 55 ? -6.09125  -8.95358  28.49159  1.000 128.00179 ? 56  A   A N3    1 
ATOM   1154 C  C4    . A   A 1 55 ? -4.86275  -9.16229  28.99574  1.000 128.34666 ? 56  A   A C4    1 
ATOM   1155 P  P     . C   A 1 56 ? -5.31799  -8.12057  35.10997  1.000 144.57671 ? 57  C   A P     1 
ATOM   1156 O  OP1   . C   A 1 56 ? -5.54526  -7.47054  36.42621  1.000 147.61414 ? 57  C   A OP1   1 
ATOM   1157 O  OP2   . C   A 1 56 ? -4.21405  -9.10232  34.95560  1.000 139.26619 ? 57  C   A OP2   1 
ATOM   1158 O  "O5'" . C   A 1 56 ? -6.67435  -8.82812  34.66495  1.000 144.86427 ? 57  C   A "O5'" 1 
ATOM   1159 C  "C5'" . C   A 1 56 ? -7.89750  -8.10681  34.64265  1.000 146.66593 ? 57  C   A "C5'" 1 
ATOM   1160 C  "C4'" . C   A 1 56 ? -8.90483  -8.75393  33.72584  1.000 147.58148 ? 57  C   A "C4'" 1 
ATOM   1161 O  "O4'" . C   A 1 56 ? -8.35720  -8.84871  32.38408  1.000 142.97657 ? 57  C   A "O4'" 1 
ATOM   1162 C  "C3'" . C   A 1 56 ? -9.29277  -10.18428 34.06773  1.000 148.61975 ? 57  C   A "C3'" 1 
ATOM   1163 O  "O3'" . C   A 1 56 ? -10.26617 -10.26417 35.09478  1.000 150.02016 ? 57  C   A "O3'" 1 
ATOM   1164 C  "C2'" . C   A 1 56 ? -9.76855  -10.72858 32.72703  1.000 147.95063 ? 57  C   A "C2'" 1 
ATOM   1165 O  "O2'" . C   A 1 56 ? -11.08514 -10.27944 32.43976  1.000 147.97335 ? 57  C   A "O2'" 1 
ATOM   1166 C  "C1'" . C   A 1 56 ? -8.80401  -10.03643 31.76304  1.000 143.86804 ? 57  C   A "C1'" 1 
ATOM   1167 N  N1    . C   A 1 56 ? -7.62617  -10.87893 31.44997  1.000 141.76976 ? 57  C   A N1    1 
ATOM   1168 C  C2    . C   A 1 56 ? -7.75307  -11.90057 30.50220  1.000 140.92553 ? 57  C   A C2    1 
ATOM   1169 O  O2    . C   A 1 56 ? -8.84870  -12.07977 29.94841  1.000 141.01907 ? 57  C   A O2    1 
ATOM   1170 N  N3    . C   A 1 56 ? -6.67839  -12.67097 30.21209  1.000 138.82206 ? 57  C   A N3    1 
ATOM   1171 C  C4    . C   A 1 56 ? -5.51354  -12.45259 30.82502  1.000 137.72936 ? 57  C   A C4    1 
ATOM   1172 N  N4    . C   A 1 56 ? -4.48093  -13.23650 30.50633  1.000 136.73735 ? 57  C   A N4    1 
ATOM   1173 C  C5    . C   A 1 56 ? -5.35420  -11.41851 31.79183  1.000 137.31558 ? 57  C   A C5    1 
ATOM   1174 C  C6    . C   A 1 56 ? -6.42533  -10.66559 32.06985  1.000 139.02543 ? 57  C   A C6    1 
HETATM 1175 CA CA    . CA  B 2 .  ? 9.79374   5.75046   -16.18355 1.000 62.50560  ? 101 CA  A CA    1 
HETATM 1176 O  O     . HOH C 3 .  ? -2.72435  -10.49212 19.45092  1.000 65.86304  ? 201 HOH A O     1 
HETATM 1177 O  O     . HOH C 3 .  ? 8.05543   13.51039  -17.95670 1.000 43.96709  ? 202 HOH A O     1 
HETATM 1178 O  O     . HOH C 3 .  ? -0.11351  -7.14369  10.14592  1.000 46.14465  ? 203 HOH A O     1 
HETATM 1179 O  O     . HOH C 3 .  ? 0.41668   8.44038   -6.52377  1.000 62.29276  ? 204 HOH A O     1 
HETATM 1180 O  O     . HOH C 3 .  ? 0.19798   -4.13991  6.26401   1.000 48.96048  ? 205 HOH A O     1 
HETATM 1181 O  O     . HOH C 3 .  ? -3.80048  -0.40206  -3.37245  1.000 46.00935  ? 206 HOH A O     1 
HETATM 1182 O  O     . HOH C 3 .  ? 5.48358   9.96025   -10.85580 1.000 52.22156  ? 207 HOH A O     1 
# 
